data_7XG0
#
_entry.id   7XG0
#
_cell.length_a   1.00
_cell.length_b   1.00
_cell.length_c   1.00
_cell.angle_alpha   90.00
_cell.angle_beta   90.00
_cell.angle_gamma   90.00
#
_symmetry.space_group_name_H-M   'P 1'
#
loop_
_entity.id
_entity.type
_entity.pdbx_description
1 polymer Csf1
2 polymer Csf3
3 polymer Csf2
4 polymer Csf5
5 polymer crRNA
6 polymer NTS
7 polymer TS
8 non-polymer 'ZINC ION'
#
loop_
_entity_poly.entity_id
_entity_poly.type
_entity_poly.pdbx_seq_one_letter_code
_entity_poly.pdbx_strand_id
1 'polypeptide(L)'
;HHHHHHHHHHMRYPSDIVDQVLKAGPDKGLLTWEGVDAACSHCSRPIQNGDLYSPSSVGAFFSDTRDLASTSRSICWRCV
VLRKKPMLYGLSAAVVTQDGIYSISKDVNKAWLFTTPPPAPFLVVHSSSTMQHLSWRTPVTLDNRRIHVRYGPNLFIVRP
EVVRKALSIADRVNEGQKKWVTPVYFDRKAAAMGHGLITRAGAEMLTQEEQEFFQSVTPGERWALSYLMHSKRPEPEVGE
CITEKVMTSLNKE
;
A
2 'polypeptide(L)'
;MVNLKVTIDLSNPMMEPGDLLHLDALLGALRVSRARAEHGDAINPRDYHYDLPLERYQAPSGDWVFKASAFKLKRQLPNQ
MWMQTGRLSIVEAARHRQSGYLQLRAGKPNPAGGPFKTSIYHRPIVQAELTAFCVGDQQGIEALLSECRQIGGKRGVGFG
QVAGFKVEPVAETDCPWSWRALPADADPRLVTSEHARCIAAIRGPYWDRTLHVEALAPTP
;
B
3 'polypeptide(L)'
;MQIEVTVRNITPIFSAAPGSNYITIDGTINPPPGVSRFPLVRTRMMYVAADVGDGVIKSVPLQIVPGNTMRSLLRRTMLK
HVIEPALVEKGNKLSIGAYATAYSGNATGNPDGVPSSFDEIATMRAHPFIGLFGGGPRMLEGRLMVDSLYPIHTNAERIL
GAGYENEMMSGPITQVVWARRMDPILNLGSSEDVEVINGGAVAANGWIQDLLANSKAAASKKKKAAADEDESDGAAEENG
RGLKAFNAHEVVIPGLKWVWRISLDRPTDAQVGLVLLALNKMTNERIAGGHSKDYGRFVIDGVSLNGEQVWSQSGITGGE
QYFDAVAEAIDGLSSKEFEQFAQSAKEA
;
C,D,E,F,G
4 'polypeptide(L)'
;MFVKQVFFDLGARIHADEARALVAKLLDDTQPGLVSALMNYMPASKTSKTEFPLVQFSNFNQGFALLGFGEVGAQILSDA
TPIIHDAMAKLFASRGQGVVVQVSSRDVPLSCEKRPYGLQYTVAKMVVQKKHEHRERLANPETGKVFLEGLFLRSLERQA
AAVGMVLPRDLVVSFKGAERVSSVKLRPDSTLAHGSLRHAVFEVNARLGGLWSVGFLLSKGFGHINTDLQLGQGGTRHAL
SKWSHPQFEKGGGSGGGSGGWSHPQFEK
;
H
5 'polyribonucleotide' GUGAACGGUGGAGCAACACCUGAAGGAAGGCUUGAUGAGCGUGUUCCCCGCAUACGCGGG(23G) I
6 'polydeoxyribonucleotide'
;(DA)(DA)(DC)(DA)(DC)(DC)(DC)(DT)(DT)(DT)(DC)(DT)(DG)(DG)(DA)(DG)(DC)(DA)(DA)(DC)
(DA)(DC)(DC)(DT)(DG)(DA)(DA)(DG)(DG)(DA)(DA)(DG)(DG)(DC)(DT)(DT)(DG)(DA)(DT)(DG)
(DA)(DG)(DC)(DA)(DA)(DG)(DT)(DG)(DC)(DG)(DG)(DC)(DA)(DG)
;
J
7 'polydeoxyribonucleotide'
;(DC)(DT)(DG)(DC)(DC)(DG)(DC)(DA)(DC)(DT)(DT)(DG)(DC)(DT)(DC)(DA)(DT)(DC)(DA)(DA)
(DG)(DC)(DC)(DT)(DT)(DC)(DC)(DT)(DT)(DC)(DA)(DG)(DG)(DT)(DG)(DT)(DT)(DG)(DC)(DT)
(DC)(DC)(DA)(DG)(DA)(DA)(DA)(DG)(DG)(DG)(DT)(DG)(DT)(DT)
;
K
#
# COMPACT_ATOMS: atom_id res chain seq x y z
N MET A 11 32.38 -71.47 -3.27
CA MET A 11 33.18 -70.28 -3.03
C MET A 11 33.25 -69.43 -4.30
N ARG A 12 32.62 -69.90 -5.37
CA ARG A 12 32.63 -69.24 -6.66
C ARG A 12 31.30 -68.56 -6.97
N TYR A 13 30.20 -69.29 -6.87
CA TYR A 13 28.86 -68.75 -7.06
C TYR A 13 28.19 -68.49 -5.72
N PRO A 14 27.26 -67.54 -5.64
CA PRO A 14 26.56 -67.29 -4.36
C PRO A 14 25.68 -68.44 -3.90
N SER A 15 25.31 -69.37 -4.78
CA SER A 15 24.51 -70.51 -4.39
C SER A 15 25.34 -71.61 -3.73
N ASP A 16 26.67 -71.52 -3.83
CA ASP A 16 27.57 -72.55 -3.28
C ASP A 16 27.43 -72.69 -1.77
N ILE A 17 27.02 -71.63 -1.09
CA ILE A 17 26.80 -71.64 0.36
C ILE A 17 25.65 -72.56 0.76
N VAL A 18 24.88 -73.03 -0.21
CA VAL A 18 23.78 -73.97 0.12
C VAL A 18 24.41 -75.23 0.72
N ASP A 19 25.51 -75.69 0.11
CA ASP A 19 26.20 -76.93 0.59
C ASP A 19 27.66 -76.68 0.98
N GLN A 20 28.15 -75.44 0.89
CA GLN A 20 29.54 -75.18 1.34
C GLN A 20 29.50 -74.50 2.71
N VAL A 21 28.85 -73.33 2.80
CA VAL A 21 28.73 -72.60 4.10
C VAL A 21 27.81 -73.43 5.01
N LEU A 22 26.68 -73.90 4.47
CA LEU A 22 25.70 -74.72 5.23
C LEU A 22 25.34 -75.94 4.38
N LYS A 23 25.33 -77.13 4.99
CA LYS A 23 25.04 -78.37 4.24
C LYS A 23 23.53 -78.47 4.00
N ALA A 24 23.13 -78.69 2.73
CA ALA A 24 21.71 -78.85 2.35
C ALA A 24 21.65 -79.65 1.03
N GLY A 25 20.50 -80.24 0.71
CA GLY A 25 20.43 -80.97 -0.53
C GLY A 25 19.25 -80.54 -1.38
N PRO A 26 19.06 -81.19 -2.53
CA PRO A 26 17.91 -80.89 -3.38
C PRO A 26 16.60 -81.32 -2.74
N ASP A 27 15.51 -80.70 -3.19
CA ASP A 27 14.19 -80.94 -2.63
C ASP A 27 13.50 -82.17 -3.18
N LYS A 28 14.12 -82.87 -4.14
CA LYS A 28 13.72 -84.14 -4.77
C LYS A 28 12.46 -84.05 -5.60
N GLY A 29 11.81 -82.89 -5.72
CA GLY A 29 10.70 -82.70 -6.62
C GLY A 29 11.14 -81.94 -7.84
N LEU A 30 12.45 -81.93 -8.09
CA LEU A 30 13.07 -81.08 -9.09
C LEU A 30 13.43 -81.89 -10.34
N LEU A 31 13.32 -81.26 -11.49
CA LEU A 31 13.60 -81.93 -12.76
C LEU A 31 15.10 -82.10 -12.97
N THR A 32 15.46 -83.01 -13.87
CA THR A 32 16.83 -83.23 -14.25
C THR A 32 17.10 -82.63 -15.62
N TRP A 33 18.16 -81.83 -15.72
CA TRP A 33 18.46 -81.09 -16.94
C TRP A 33 18.98 -82.00 -18.03
N GLU A 34 18.36 -81.94 -19.21
CA GLU A 34 18.84 -82.66 -20.39
C GLU A 34 19.00 -81.65 -21.52
N GLY A 35 20.13 -81.72 -22.21
CA GLY A 35 20.37 -80.88 -23.36
C GLY A 35 21.58 -79.97 -23.20
N VAL A 36 21.49 -78.82 -23.89
CA VAL A 36 22.62 -77.90 -23.97
C VAL A 36 22.74 -77.10 -22.67
N ASP A 37 23.88 -76.44 -22.50
CA ASP A 37 24.12 -75.62 -21.32
C ASP A 37 23.22 -74.40 -21.29
N ALA A 38 22.69 -74.10 -20.11
CA ALA A 38 21.98 -72.85 -19.85
C ALA A 38 22.22 -72.46 -18.40
N ALA A 39 22.46 -71.18 -18.19
CA ALA A 39 22.73 -70.66 -16.86
C ALA A 39 21.45 -70.58 -16.05
N CYS A 40 21.58 -70.68 -14.73
CA CYS A 40 20.46 -70.45 -13.83
C CYS A 40 20.05 -68.99 -13.89
N SER A 41 18.73 -68.74 -13.80
CA SER A 41 18.22 -67.38 -13.86
C SER A 41 18.68 -66.57 -12.65
N HIS A 42 18.78 -67.27 -11.52
CA HIS A 42 19.25 -66.71 -10.22
C HIS A 42 20.62 -67.30 -9.89
N CYS A 43 21.57 -66.44 -9.47
CA CYS A 43 22.96 -66.73 -9.03
C CYS A 43 23.93 -66.93 -10.20
N SER A 44 23.44 -66.85 -11.44
CA SER A 44 24.31 -66.96 -12.65
C SER A 44 25.16 -68.22 -12.60
N ARG A 45 24.58 -69.36 -12.23
CA ARG A 45 25.35 -70.63 -12.18
C ARG A 45 24.93 -71.49 -13.36
N PRO A 46 25.86 -72.00 -14.21
CA PRO A 46 25.48 -72.82 -15.38
C PRO A 46 24.94 -74.16 -14.94
N ILE A 47 23.81 -74.55 -15.51
CA ILE A 47 23.14 -75.79 -15.17
C ILE A 47 23.63 -76.83 -16.17
N GLN A 48 24.42 -77.79 -15.69
CA GLN A 48 25.02 -78.81 -16.55
C GLN A 48 24.02 -79.93 -16.81
N ASN A 49 24.54 -81.02 -17.38
CA ASN A 49 23.74 -82.21 -17.57
C ASN A 49 23.74 -83.06 -16.31
N GLY A 50 22.54 -83.35 -15.79
CA GLY A 50 22.38 -84.28 -14.69
C GLY A 50 22.07 -83.65 -13.34
N ASP A 51 22.37 -82.37 -13.14
CA ASP A 51 22.08 -81.74 -11.86
C ASP A 51 20.60 -81.37 -11.77
N LEU A 52 20.08 -81.35 -10.54
CA LEU A 52 18.65 -81.12 -10.33
C LEU A 52 18.31 -79.65 -10.51
N TYR A 53 17.19 -79.39 -11.16
CA TYR A 53 16.73 -78.02 -11.39
C TYR A 53 15.21 -77.99 -11.36
N SER A 54 14.67 -76.80 -11.16
CA SER A 54 13.24 -76.56 -11.11
C SER A 54 12.85 -75.60 -12.23
N PRO A 55 11.72 -75.83 -12.90
CA PRO A 55 11.19 -74.78 -13.77
C PRO A 55 10.64 -73.60 -12.97
N SER A 56 10.70 -72.43 -13.59
CA SER A 56 10.53 -71.16 -12.88
C SER A 56 9.08 -70.97 -12.47
N SER A 57 8.83 -70.95 -11.16
CA SER A 57 7.50 -70.77 -10.60
C SER A 57 7.44 -69.58 -9.64
N VAL A 58 8.03 -68.45 -10.03
CA VAL A 58 7.98 -67.27 -9.18
C VAL A 58 6.57 -66.68 -9.23
N GLY A 59 6.13 -66.10 -8.12
CA GLY A 59 4.85 -65.44 -8.09
C GLY A 59 4.91 -64.05 -8.65
N ALA A 60 3.76 -63.39 -8.67
CA ALA A 60 3.70 -61.99 -9.12
C ALA A 60 4.36 -61.04 -8.12
N PHE A 61 4.56 -61.48 -6.88
CA PHE A 61 5.17 -60.62 -5.87
C PHE A 61 6.68 -60.55 -6.02
N PHE A 62 7.26 -61.41 -6.87
CA PHE A 62 8.69 -61.36 -7.18
C PHE A 62 8.98 -60.21 -8.13
N SER A 63 9.75 -59.22 -7.68
CA SER A 63 10.01 -58.02 -8.45
C SER A 63 11.50 -57.82 -8.75
N ASP A 64 12.27 -58.90 -8.76
CA ASP A 64 13.71 -58.85 -9.01
C ASP A 64 14.06 -59.47 -10.36
N THR A 65 13.23 -59.21 -11.38
CA THR A 65 13.53 -59.68 -12.73
C THR A 65 14.72 -58.94 -13.32
N ARG A 66 14.93 -57.69 -12.91
CA ARG A 66 16.07 -56.91 -13.38
C ARG A 66 17.40 -57.43 -12.84
N ASP A 67 17.38 -58.18 -11.75
CA ASP A 67 18.61 -58.72 -11.18
C ASP A 67 18.79 -60.20 -11.50
N LEU A 68 17.97 -60.76 -12.38
CA LEU A 68 18.17 -62.13 -12.84
C LEU A 68 19.37 -62.20 -13.77
N ALA A 69 20.18 -63.24 -13.60
CA ALA A 69 21.41 -63.38 -14.39
C ALA A 69 21.09 -63.79 -15.83
N SER A 70 20.16 -64.71 -16.00
CA SER A 70 19.82 -65.23 -17.33
C SER A 70 18.31 -65.36 -17.44
N THR A 71 17.83 -65.44 -18.69
CA THR A 71 16.42 -65.61 -18.99
C THR A 71 16.08 -67.04 -19.36
N SER A 72 16.74 -68.02 -18.73
CA SER A 72 16.53 -69.42 -19.10
C SER A 72 15.27 -69.98 -18.47
N ARG A 73 14.66 -69.25 -17.53
CA ARG A 73 13.49 -69.62 -16.74
C ARG A 73 13.68 -70.94 -16.00
N SER A 74 14.85 -71.17 -15.43
CA SER A 74 15.16 -72.41 -14.73
C SER A 74 16.04 -72.09 -13.52
N ILE A 75 15.65 -72.61 -12.36
CA ILE A 75 16.37 -72.36 -11.11
C ILE A 75 17.13 -73.61 -10.72
N CYS A 76 18.42 -73.47 -10.47
CA CYS A 76 19.21 -74.58 -9.96
C CYS A 76 18.79 -74.88 -8.51
N TRP A 77 19.06 -76.12 -8.09
CA TRP A 77 18.54 -76.63 -6.82
C TRP A 77 19.13 -75.89 -5.62
N ARG A 78 20.37 -75.45 -5.74
CA ARG A 78 20.96 -74.60 -4.71
C ARG A 78 20.22 -73.27 -4.60
N CYS A 79 19.89 -72.66 -5.73
CA CYS A 79 19.09 -71.45 -5.69
C CYS A 79 17.60 -71.73 -5.50
N VAL A 80 17.15 -72.97 -5.66
CA VAL A 80 15.83 -73.35 -5.15
C VAL A 80 15.83 -73.28 -3.63
N VAL A 81 16.89 -73.77 -2.99
CA VAL A 81 17.04 -73.63 -1.54
C VAL A 81 17.18 -72.16 -1.15
N LEU A 82 17.91 -71.38 -1.95
CA LEU A 82 18.16 -69.97 -1.63
C LEU A 82 16.90 -69.10 -1.68
N ARG A 83 15.90 -69.49 -2.47
CA ARG A 83 14.64 -68.76 -2.50
C ARG A 83 13.67 -69.14 -1.39
N LYS A 84 14.04 -70.07 -0.51
CA LYS A 84 13.17 -70.42 0.60
C LYS A 84 13.07 -69.26 1.59
N LYS A 85 11.90 -69.14 2.19
CA LYS A 85 11.63 -68.09 3.19
C LYS A 85 12.54 -68.12 4.42
N PRO A 86 12.86 -69.29 5.05
CA PRO A 86 13.88 -69.24 6.11
C PRO A 86 15.25 -68.77 5.66
N MET A 87 15.63 -69.05 4.41
CA MET A 87 16.82 -68.44 3.85
C MET A 87 16.63 -66.94 3.62
N LEU A 88 15.39 -66.51 3.38
CA LEU A 88 15.15 -65.11 3.08
C LEU A 88 15.21 -64.24 4.33
N TYR A 89 14.64 -64.70 5.45
CA TYR A 89 14.78 -63.93 6.68
C TYR A 89 15.97 -64.37 7.52
N GLY A 90 16.70 -65.41 7.12
CA GLY A 90 17.89 -65.79 7.83
C GLY A 90 19.09 -64.97 7.38
N LEU A 91 19.09 -64.59 6.11
CA LEU A 91 20.14 -63.75 5.55
C LEU A 91 19.69 -62.32 5.36
N SER A 92 18.85 -61.80 6.26
CA SER A 92 18.45 -60.40 6.19
C SER A 92 19.61 -59.47 6.52
N ALA A 93 20.57 -59.94 7.32
CA ALA A 93 21.84 -59.26 7.56
C ALA A 93 22.86 -60.34 7.91
N ALA A 94 23.65 -60.76 6.92
CA ALA A 94 24.53 -61.89 7.16
C ALA A 94 25.76 -61.81 6.26
N VAL A 95 26.89 -62.25 6.83
CA VAL A 95 28.11 -62.51 6.08
C VAL A 95 28.34 -64.02 6.12
N VAL A 96 28.54 -64.62 4.95
CA VAL A 96 28.67 -66.06 4.80
C VAL A 96 30.10 -66.35 4.40
N THR A 97 30.91 -66.75 5.38
CA THR A 97 32.31 -67.08 5.16
C THR A 97 32.42 -68.52 4.66
N GLN A 98 33.64 -69.07 4.70
CA GLN A 98 33.87 -70.45 4.28
C GLN A 98 33.71 -71.45 5.41
N ASP A 99 33.28 -71.01 6.60
CA ASP A 99 33.03 -71.92 7.71
C ASP A 99 31.67 -71.73 8.38
N GLY A 100 30.96 -70.65 8.10
CA GLY A 100 29.65 -70.46 8.71
C GLY A 100 29.02 -69.15 8.29
N ILE A 101 27.82 -68.93 8.81
CA ILE A 101 27.04 -67.72 8.54
C ILE A 101 26.96 -66.90 9.81
N TYR A 102 27.42 -65.66 9.75
CA TYR A 102 27.44 -64.77 10.90
C TYR A 102 26.54 -63.58 10.58
N SER A 103 26.10 -62.87 11.62
CA SER A 103 25.19 -61.75 11.46
C SER A 103 25.94 -60.44 11.41
N ILE A 104 25.42 -59.50 10.62
CA ILE A 104 25.96 -58.14 10.57
C ILE A 104 24.87 -57.14 10.91
N SER A 105 23.94 -57.52 11.78
CA SER A 105 22.84 -56.63 12.15
C SER A 105 23.34 -55.49 13.02
N LYS A 106 24.26 -55.78 13.94
CA LYS A 106 24.78 -54.75 14.84
C LYS A 106 25.83 -53.90 14.15
N ASP A 107 26.06 -52.71 14.70
CA ASP A 107 27.09 -51.83 14.15
C ASP A 107 28.49 -52.32 14.50
N VAL A 108 28.64 -53.05 15.60
CA VAL A 108 29.94 -53.63 15.91
C VAL A 108 30.26 -54.78 14.97
N ASN A 109 29.23 -55.46 14.44
CA ASN A 109 29.46 -56.55 13.50
C ASN A 109 29.84 -55.99 12.12
N LYS A 110 29.23 -54.88 11.72
CA LYS A 110 29.69 -54.20 10.51
C LYS A 110 31.04 -53.56 10.71
N ALA A 111 31.36 -53.14 11.95
CA ALA A 111 32.70 -52.66 12.26
C ALA A 111 33.72 -53.78 12.12
N TRP A 112 33.35 -55.00 12.49
CA TRP A 112 34.23 -56.14 12.28
C TRP A 112 34.32 -56.52 10.80
N LEU A 113 33.21 -56.39 10.07
CA LEU A 113 33.20 -56.80 8.66
C LEU A 113 33.99 -55.83 7.78
N PHE A 114 33.81 -54.52 7.96
CA PHE A 114 34.44 -53.52 7.11
C PHE A 114 35.73 -52.95 7.68
N THR A 115 36.15 -53.43 8.85
CA THR A 115 37.49 -53.18 9.40
C THR A 115 38.00 -54.48 9.96
N THR A 116 39.15 -54.95 9.45
CA THR A 116 39.72 -56.28 9.63
C THR A 116 38.72 -57.38 9.25
N PRO A 117 38.49 -57.60 7.97
CA PRO A 117 37.47 -58.58 7.53
C PRO A 117 37.97 -60.00 7.73
N PRO A 118 37.08 -60.99 7.73
CA PRO A 118 37.53 -62.39 7.85
C PRO A 118 38.24 -62.84 6.58
N PRO A 119 39.25 -63.70 6.69
CA PRO A 119 40.08 -64.02 5.52
C PRO A 119 39.43 -64.96 4.52
N ALA A 120 38.24 -65.49 4.80
CA ALA A 120 37.57 -66.39 3.88
C ALA A 120 37.00 -65.63 2.69
N PRO A 121 36.75 -66.32 1.57
CA PRO A 121 35.95 -65.70 0.48
C PRO A 121 34.46 -65.67 0.78
N PHE A 122 34.02 -64.65 1.51
CA PHE A 122 32.68 -64.62 2.07
C PHE A 122 31.67 -64.05 1.08
N LEU A 123 30.44 -63.85 1.55
CA LEU A 123 29.35 -63.30 0.75
C LEU A 123 28.46 -62.47 1.67
N VAL A 124 28.28 -61.19 1.35
CA VAL A 124 27.66 -60.24 2.26
C VAL A 124 26.29 -59.84 1.73
N VAL A 125 25.25 -60.06 2.53
CA VAL A 125 23.89 -59.67 2.20
C VAL A 125 23.32 -58.86 3.36
N HIS A 126 22.50 -57.85 3.02
CA HIS A 126 21.85 -57.02 4.02
C HIS A 126 20.56 -56.49 3.42
N SER A 127 19.47 -56.52 4.20
CA SER A 127 18.18 -56.13 3.67
C SER A 127 17.93 -54.64 3.88
N SER A 128 17.54 -53.96 2.79
CA SER A 128 17.07 -52.59 2.85
C SER A 128 15.58 -52.49 3.15
N SER A 129 14.88 -53.61 3.17
CA SER A 129 13.47 -53.66 3.49
C SER A 129 13.23 -54.85 4.41
N THR A 130 11.96 -55.22 4.60
CA THR A 130 11.60 -56.32 5.48
C THR A 130 12.12 -57.68 5.00
N MET A 131 11.61 -58.19 3.88
CA MET A 131 12.13 -59.42 3.29
C MET A 131 12.43 -59.21 1.82
N GLN A 132 13.67 -59.48 1.43
CA GLN A 132 14.19 -59.20 0.10
C GLN A 132 15.00 -60.39 -0.38
N HIS A 133 14.97 -60.62 -1.70
CA HIS A 133 15.80 -61.65 -2.31
C HIS A 133 17.22 -61.11 -2.43
N LEU A 134 18.09 -61.51 -1.51
CA LEU A 134 19.41 -60.92 -1.38
C LEU A 134 20.55 -61.85 -1.78
N SER A 135 20.43 -63.15 -1.53
CA SER A 135 21.59 -64.04 -1.54
C SER A 135 22.09 -64.30 -2.96
N TRP A 136 21.20 -64.57 -3.90
CA TRP A 136 21.61 -65.03 -5.21
C TRP A 136 22.13 -63.92 -6.11
N ARG A 137 21.67 -62.68 -5.92
CA ARG A 137 22.00 -61.61 -6.85
C ARG A 137 23.27 -60.85 -6.48
N THR A 138 24.09 -61.39 -5.57
CA THR A 138 25.35 -60.72 -5.29
C THR A 138 26.53 -61.66 -5.56
N PRO A 139 27.64 -61.14 -6.10
CA PRO A 139 28.82 -61.99 -6.31
C PRO A 139 29.52 -62.30 -5.00
N VAL A 140 30.27 -63.39 -5.02
CA VAL A 140 31.07 -63.81 -3.88
C VAL A 140 32.33 -62.95 -3.82
N THR A 141 32.64 -62.40 -2.65
CA THR A 141 33.85 -61.55 -2.57
C THR A 141 35.08 -62.43 -2.35
N LEU A 142 35.86 -62.64 -3.42
CA LEU A 142 37.09 -63.48 -3.38
C LEU A 142 38.15 -62.82 -2.49
N ASP A 143 38.27 -61.49 -2.56
CA ASP A 143 39.30 -60.74 -1.79
C ASP A 143 38.64 -59.86 -0.72
N ASN A 144 39.22 -59.85 0.49
CA ASN A 144 38.73 -59.05 1.64
C ASN A 144 38.78 -57.56 1.30
N ARG A 145 39.83 -57.14 0.58
CA ARG A 145 40.04 -55.71 0.22
C ARG A 145 38.85 -55.22 -0.62
N ARG A 146 38.31 -56.08 -1.49
CA ARG A 146 37.19 -55.71 -2.35
C ARG A 146 36.01 -56.60 -2.00
N ILE A 147 35.01 -56.01 -1.33
CA ILE A 147 33.89 -56.76 -0.77
C ILE A 147 32.62 -56.39 -1.53
N HIS A 148 31.94 -57.40 -2.07
CA HIS A 148 30.65 -57.22 -2.71
C HIS A 148 29.55 -57.36 -1.66
N VAL A 149 28.84 -56.27 -1.40
CA VAL A 149 27.75 -56.22 -0.43
C VAL A 149 26.45 -56.05 -1.20
N ARG A 150 25.47 -56.90 -0.91
CA ARG A 150 24.12 -56.65 -1.41
C ARG A 150 23.36 -55.84 -0.36
N TYR A 151 22.81 -54.70 -0.77
CA TYR A 151 21.95 -53.90 0.10
C TYR A 151 20.69 -53.57 -0.69
N GLY A 152 19.68 -54.43 -0.58
CA GLY A 152 18.41 -54.22 -1.22
C GLY A 152 18.46 -54.30 -2.73
N PRO A 153 18.12 -53.20 -3.40
CA PRO A 153 18.30 -53.14 -4.85
C PRO A 153 19.69 -52.66 -5.25
N ASN A 154 20.61 -52.50 -4.31
CA ASN A 154 21.92 -51.93 -4.58
C ASN A 154 22.98 -53.01 -4.50
N LEU A 155 23.82 -53.09 -5.54
CA LEU A 155 25.04 -53.87 -5.47
C LEU A 155 26.19 -52.92 -5.14
N PHE A 156 26.81 -53.13 -4.00
CA PHE A 156 27.76 -52.21 -3.41
C PHE A 156 29.14 -52.87 -3.38
N ILE A 157 30.19 -52.07 -3.53
CA ILE A 157 31.55 -52.56 -3.37
C ILE A 157 32.23 -51.73 -2.28
N VAL A 158 32.74 -52.41 -1.26
CA VAL A 158 33.35 -51.78 -0.09
C VAL A 158 34.80 -52.21 -0.02
N ARG A 159 35.71 -51.24 0.03
CA ARG A 159 37.10 -51.52 0.34
C ARG A 159 37.32 -51.27 1.83
N PRO A 160 37.74 -52.27 2.61
CA PRO A 160 38.02 -52.03 4.03
C PRO A 160 39.19 -51.09 4.27
N GLU A 161 40.16 -51.01 3.35
CA GLU A 161 41.26 -50.07 3.49
C GLU A 161 40.79 -48.63 3.40
N VAL A 162 39.86 -48.35 2.48
CA VAL A 162 39.29 -47.01 2.35
C VAL A 162 38.43 -46.67 3.56
N VAL A 163 37.72 -47.67 4.10
CA VAL A 163 36.95 -47.49 5.33
C VAL A 163 37.89 -47.17 6.50
N ARG A 164 39.04 -47.86 6.57
CA ARG A 164 40.05 -47.56 7.59
C ARG A 164 40.62 -46.16 7.44
N LYS A 165 40.87 -45.73 6.20
CA LYS A 165 41.39 -44.38 5.96
C LYS A 165 40.37 -43.31 6.37
N ALA A 166 39.09 -43.52 6.03
CA ALA A 166 38.06 -42.56 6.40
C ALA A 166 37.85 -42.53 7.91
N LEU A 167 37.93 -43.70 8.57
CA LEU A 167 37.78 -43.75 10.02
C LEU A 167 38.96 -43.09 10.73
N SER A 168 40.17 -43.25 10.19
CA SER A 168 41.34 -42.58 10.76
C SER A 168 41.25 -41.07 10.56
N ILE A 169 40.74 -40.63 9.41
CA ILE A 169 40.49 -39.20 9.17
C ILE A 169 39.48 -38.65 10.18
N ALA A 170 38.40 -39.40 10.41
CA ALA A 170 37.36 -38.96 11.36
C ALA A 170 37.87 -38.95 12.79
N ASP A 171 38.70 -39.92 13.16
CA ASP A 171 39.25 -39.93 14.52
C ASP A 171 40.31 -38.86 14.69
N ARG A 172 40.98 -38.45 13.61
CA ARG A 172 41.91 -37.32 13.73
C ARG A 172 41.14 -36.03 13.92
N VAL A 173 40.11 -35.79 13.10
CA VAL A 173 39.43 -34.50 13.15
C VAL A 173 38.50 -34.41 14.35
N ASN A 174 38.25 -35.51 15.04
CA ASN A 174 37.44 -35.51 16.25
C ASN A 174 38.21 -35.95 17.49
N GLU A 175 39.54 -35.88 17.47
CA GLU A 175 40.28 -36.13 18.70
C GLU A 175 40.35 -34.87 19.54
N GLY A 176 40.27 -35.04 20.86
CA GLY A 176 40.33 -33.92 21.78
C GLY A 176 39.04 -33.14 21.98
N GLN A 177 38.14 -33.11 21.00
CA GLN A 177 36.91 -32.35 21.13
C GLN A 177 35.95 -33.05 22.09
N LYS A 178 35.06 -32.24 22.70
CA LYS A 178 34.12 -32.79 23.66
C LYS A 178 33.02 -33.59 22.97
N LYS A 179 32.49 -33.09 21.86
CA LYS A 179 31.39 -33.73 21.15
C LYS A 179 31.90 -34.33 19.85
N TRP A 180 31.57 -35.60 19.61
CA TRP A 180 31.94 -36.28 18.38
C TRP A 180 30.97 -35.86 17.30
N VAL A 181 31.37 -34.87 16.50
CA VAL A 181 30.56 -34.38 15.39
C VAL A 181 31.09 -35.04 14.11
N THR A 182 30.16 -35.57 13.30
CA THR A 182 30.56 -36.24 12.07
C THR A 182 31.06 -35.24 11.04
N PRO A 183 32.12 -35.59 10.29
CA PRO A 183 32.58 -34.67 9.24
C PRO A 183 31.68 -34.67 8.02
N VAL A 184 31.20 -35.84 7.60
CA VAL A 184 30.38 -35.97 6.41
C VAL A 184 29.18 -36.85 6.74
N TYR A 185 27.98 -36.40 6.35
CA TYR A 185 26.77 -37.13 6.69
C TYR A 185 26.59 -38.33 5.77
N PHE A 186 26.33 -39.48 6.38
CA PHE A 186 26.11 -40.76 5.65
C PHE A 186 24.75 -41.31 6.07
N ASP A 187 23.93 -41.70 5.09
CA ASP A 187 22.56 -42.22 5.37
C ASP A 187 22.63 -43.75 5.49
N ARG A 188 22.07 -44.29 6.57
CA ARG A 188 22.05 -45.76 6.78
C ARG A 188 21.21 -46.42 5.68
N LYS A 189 20.07 -45.80 5.32
CA LYS A 189 19.24 -46.35 4.26
C LYS A 189 19.82 -46.11 2.87
N ALA A 190 20.87 -45.28 2.77
CA ALA A 190 21.42 -44.76 1.51
C ALA A 190 20.32 -44.12 0.66
N ALA A 191 19.48 -43.32 1.31
CA ALA A 191 18.25 -42.84 0.70
C ALA A 191 18.14 -41.33 0.63
N ALA A 192 18.72 -40.59 1.59
CA ALA A 192 18.61 -39.14 1.57
C ALA A 192 19.50 -38.54 0.47
N MET A 193 19.14 -37.33 0.05
CA MET A 193 19.95 -36.60 -0.93
C MET A 193 21.32 -36.26 -0.38
N GLY A 194 21.40 -35.97 0.91
CA GLY A 194 22.65 -35.56 1.53
C GLY A 194 23.55 -36.71 1.93
N HIS A 195 23.24 -37.92 1.45
CA HIS A 195 24.09 -39.08 1.67
C HIS A 195 25.40 -38.89 0.89
N GLY A 196 26.48 -38.67 1.62
CA GLY A 196 27.75 -38.30 1.01
C GLY A 196 28.03 -36.81 0.99
N LEU A 197 27.06 -35.97 1.33
CA LEU A 197 27.26 -34.53 1.36
C LEU A 197 28.08 -34.13 2.58
N ILE A 198 29.03 -33.20 2.36
CA ILE A 198 29.91 -32.77 3.43
C ILE A 198 29.15 -31.83 4.37
N THR A 199 29.34 -32.02 5.67
CA THR A 199 28.74 -31.15 6.68
C THR A 199 29.56 -29.87 6.82
N ARG A 200 28.98 -28.88 7.49
CA ARG A 200 29.65 -27.59 7.67
C ARG A 200 30.85 -27.71 8.61
N ALA A 201 30.72 -28.53 9.65
CA ALA A 201 31.86 -28.84 10.51
C ALA A 201 32.96 -29.55 9.73
N GLY A 202 32.57 -30.50 8.89
CA GLY A 202 33.54 -31.13 8.00
C GLY A 202 34.02 -30.23 6.89
N ALA A 203 33.23 -29.20 6.55
CA ALA A 203 33.72 -28.19 5.61
C ALA A 203 34.79 -27.31 6.23
N GLU A 204 34.70 -27.06 7.53
CA GLU A 204 35.67 -26.21 8.21
C GLU A 204 36.84 -26.98 8.83
N MET A 205 36.73 -28.30 8.98
CA MET A 205 37.72 -29.08 9.72
C MET A 205 38.42 -30.14 8.87
N LEU A 206 38.08 -30.25 7.59
CA LEU A 206 38.80 -31.10 6.65
C LEU A 206 39.52 -30.23 5.63
N THR A 207 40.68 -30.67 5.18
CA THR A 207 41.35 -30.00 4.07
C THR A 207 40.73 -30.44 2.74
N GLN A 208 41.28 -29.91 1.65
CA GLN A 208 40.66 -30.09 0.34
C GLN A 208 40.78 -31.53 -0.15
N GLU A 209 41.96 -32.15 0.02
CA GLU A 209 42.16 -33.51 -0.48
C GLU A 209 41.35 -34.53 0.30
N GLU A 210 41.13 -34.29 1.60
CA GLU A 210 40.25 -35.16 2.37
C GLU A 210 38.79 -35.04 1.89
N GLN A 211 38.38 -33.83 1.49
CA GLN A 211 37.05 -33.66 0.93
C GLN A 211 36.90 -34.35 -0.42
N GLU A 212 37.92 -34.26 -1.28
CA GLU A 212 37.87 -34.99 -2.55
C GLU A 212 37.92 -36.49 -2.33
N PHE A 213 38.59 -36.94 -1.27
CA PHE A 213 38.54 -38.35 -0.88
C PHE A 213 37.13 -38.75 -0.47
N PHE A 214 36.45 -37.88 0.29
CA PHE A 214 35.11 -38.22 0.77
C PHE A 214 34.05 -38.14 -0.33
N GLN A 215 34.29 -37.37 -1.39
CA GLN A 215 33.45 -37.54 -2.57
C GLN A 215 33.87 -38.74 -3.40
N SER A 216 35.16 -39.09 -3.38
CA SER A 216 35.70 -40.12 -4.25
C SER A 216 35.46 -41.54 -3.75
N VAL A 217 34.86 -41.71 -2.58
CA VAL A 217 34.58 -43.05 -2.08
C VAL A 217 33.39 -43.64 -2.83
N THR A 218 33.35 -44.97 -2.90
CA THR A 218 32.28 -45.67 -3.56
C THR A 218 31.02 -45.61 -2.70
N PRO A 219 29.83 -45.77 -3.32
CA PRO A 219 28.58 -45.78 -2.52
C PRO A 219 28.51 -46.88 -1.47
N GLY A 220 29.17 -48.02 -1.71
CA GLY A 220 29.22 -49.04 -0.68
C GLY A 220 30.02 -48.63 0.53
N GLU A 221 31.13 -47.90 0.30
CA GLU A 221 31.90 -47.38 1.43
C GLU A 221 31.13 -46.30 2.18
N ARG A 222 30.33 -45.50 1.45
CA ARG A 222 29.44 -44.54 2.11
C ARG A 222 28.39 -45.25 2.96
N TRP A 223 27.83 -46.34 2.45
CA TRP A 223 26.80 -47.07 3.19
C TRP A 223 27.40 -47.79 4.40
N ALA A 224 28.63 -48.28 4.28
CA ALA A 224 29.32 -48.90 5.40
C ALA A 224 29.66 -47.86 6.47
N LEU A 225 30.14 -46.69 6.04
CA LEU A 225 30.45 -45.61 6.96
C LEU A 225 29.19 -45.10 7.65
N SER A 226 28.04 -45.21 6.97
CA SER A 226 26.77 -44.86 7.60
C SER A 226 26.47 -45.73 8.81
N TYR A 227 26.90 -46.98 8.79
CA TYR A 227 26.80 -47.80 9.99
C TYR A 227 28.01 -47.71 10.89
N LEU A 228 29.09 -47.01 10.49
CA LEU A 228 30.15 -46.79 11.46
C LEU A 228 30.70 -45.36 11.46
N MET A 229 29.83 -44.34 11.32
CA MET A 229 30.19 -42.93 11.57
C MET A 229 29.12 -42.28 12.43
N HIS A 230 29.29 -42.36 13.75
CA HIS A 230 28.42 -41.67 14.68
C HIS A 230 29.18 -41.38 15.96
N SER A 231 28.47 -40.82 16.95
CA SER A 231 29.11 -40.29 18.16
C SER A 231 29.74 -41.39 18.99
N LYS A 232 29.04 -42.51 19.18
CA LYS A 232 29.64 -43.69 19.77
C LYS A 232 30.24 -44.54 18.63
N ARG A 233 31.52 -44.84 18.78
CA ARG A 233 32.23 -45.51 17.71
C ARG A 233 32.30 -47.01 17.97
N PRO A 234 31.74 -47.84 17.07
CA PRO A 234 31.71 -49.29 17.33
C PRO A 234 33.05 -49.97 17.13
N GLU A 235 33.54 -50.62 18.18
CA GLU A 235 34.74 -51.43 18.05
C GLU A 235 34.44 -52.69 17.24
N PRO A 236 35.42 -53.22 16.50
CA PRO A 236 35.18 -54.43 15.71
C PRO A 236 34.97 -55.66 16.59
N GLU A 237 33.73 -56.13 16.64
CA GLU A 237 33.35 -57.34 17.34
C GLU A 237 32.72 -58.31 16.36
N VAL A 238 33.20 -59.56 16.37
CA VAL A 238 32.73 -60.57 15.43
C VAL A 238 31.26 -60.88 15.69
N GLY A 239 30.47 -60.93 14.64
CA GLY A 239 29.05 -61.17 14.78
C GLY A 239 28.77 -62.59 15.25
N GLU A 240 27.64 -62.74 15.97
CA GLU A 240 27.27 -64.03 16.51
C GLU A 240 26.91 -65.01 15.40
N CYS A 241 27.30 -66.26 15.58
CA CYS A 241 27.16 -67.26 14.53
C CYS A 241 25.71 -67.74 14.43
N ILE A 242 25.13 -67.63 13.24
CA ILE A 242 23.70 -67.86 13.07
C ILE A 242 23.40 -68.99 12.10
N THR A 243 24.42 -69.76 11.70
CA THR A 243 24.20 -70.83 10.73
C THR A 243 23.42 -71.98 11.34
N GLU A 244 23.50 -72.17 12.66
CA GLU A 244 22.67 -73.15 13.35
C GLU A 244 21.21 -72.72 13.34
N LYS A 245 20.98 -71.43 13.54
CA LYS A 245 19.60 -70.86 13.54
C LYS A 245 18.99 -71.01 12.15
N VAL A 246 19.76 -70.69 11.10
CA VAL A 246 19.24 -70.77 9.70
C VAL A 246 18.95 -72.23 9.34
N MET A 247 19.86 -73.15 9.68
CA MET A 247 19.67 -74.59 9.36
C MET A 247 18.46 -75.15 10.11
N THR A 248 18.30 -74.77 11.39
CA THR A 248 17.14 -75.26 12.19
C THR A 248 15.85 -74.75 11.55
N SER A 249 15.85 -73.47 11.15
CA SER A 249 14.68 -72.84 10.49
C SER A 249 14.41 -73.54 9.16
N LEU A 250 15.48 -73.88 8.44
CA LEU A 250 15.40 -74.53 7.15
C LEU A 250 14.83 -75.94 7.23
N ASN A 251 14.93 -76.60 8.38
CA ASN A 251 14.42 -77.95 8.54
C ASN A 251 13.15 -77.97 9.40
N VAL B 2 47.86 -46.13 -30.97
CA VAL B 2 48.35 -44.75 -30.98
C VAL B 2 48.59 -44.34 -29.52
N ASN B 3 48.09 -45.18 -28.59
CA ASN B 3 48.34 -45.09 -27.15
C ASN B 3 47.84 -43.73 -26.62
N LEU B 4 46.52 -43.64 -26.55
CA LEU B 4 45.84 -42.36 -26.37
C LEU B 4 44.90 -42.36 -25.18
N LYS B 5 44.52 -41.14 -24.77
CA LYS B 5 43.68 -40.88 -23.61
C LYS B 5 42.43 -40.11 -24.05
N VAL B 6 41.29 -40.49 -23.48
CA VAL B 6 39.99 -39.87 -23.78
C VAL B 6 39.43 -39.24 -22.52
N THR B 7 39.06 -37.97 -22.60
CA THR B 7 38.34 -37.27 -21.53
C THR B 7 36.95 -36.91 -22.03
N ILE B 8 35.94 -37.11 -21.18
CA ILE B 8 34.55 -36.83 -21.50
C ILE B 8 34.02 -35.87 -20.44
N ASP B 9 33.50 -34.72 -20.87
CA ASP B 9 32.81 -33.79 -19.99
C ASP B 9 31.34 -33.70 -20.41
N LEU B 10 30.45 -33.61 -19.43
CA LEU B 10 29.03 -33.83 -19.68
C LEU B 10 28.16 -32.84 -18.91
N SER B 11 26.99 -32.56 -19.48
CA SER B 11 26.15 -31.47 -19.00
C SER B 11 25.42 -31.84 -17.72
N ASN B 12 24.53 -32.83 -17.79
CA ASN B 12 23.86 -33.30 -16.59
C ASN B 12 24.82 -34.19 -15.79
N PRO B 13 24.67 -34.25 -14.47
CA PRO B 13 25.45 -35.21 -13.69
C PRO B 13 25.10 -36.65 -14.04
N MET B 14 26.09 -37.52 -13.98
CA MET B 14 25.97 -38.87 -14.50
C MET B 14 25.51 -39.80 -13.38
N MET B 15 24.68 -40.77 -13.76
CA MET B 15 24.32 -41.88 -12.89
C MET B 15 25.58 -42.64 -12.49
N GLU B 16 25.91 -42.58 -11.22
CA GLU B 16 27.20 -43.06 -10.73
C GLU B 16 27.27 -44.59 -10.84
N PRO B 17 28.27 -45.13 -11.54
CA PRO B 17 28.35 -46.59 -11.72
C PRO B 17 28.78 -47.26 -10.42
N GLY B 18 28.01 -48.28 -10.01
CA GLY B 18 28.36 -49.05 -8.83
C GLY B 18 29.63 -49.87 -9.02
N ASP B 19 29.82 -50.41 -10.22
CA ASP B 19 31.04 -51.13 -10.59
C ASP B 19 31.80 -50.26 -11.58
N LEU B 20 32.87 -50.83 -12.15
CA LEU B 20 33.72 -50.07 -13.06
C LEU B 20 33.02 -49.81 -14.39
N LEU B 21 33.04 -48.54 -14.82
CA LEU B 21 32.54 -48.14 -16.14
C LEU B 21 33.73 -48.22 -17.08
N HIS B 22 33.79 -49.32 -17.85
CA HIS B 22 34.92 -49.53 -18.74
C HIS B 22 34.73 -48.77 -20.05
N LEU B 23 35.83 -48.28 -20.60
CA LEU B 23 35.80 -47.60 -21.88
C LEU B 23 35.49 -48.56 -23.02
N ASP B 24 35.98 -49.80 -22.91
CA ASP B 24 35.71 -50.80 -23.93
C ASP B 24 34.24 -51.22 -23.93
N ALA B 25 33.59 -51.19 -22.77
CA ALA B 25 32.14 -51.45 -22.71
C ALA B 25 31.36 -50.37 -23.43
N LEU B 26 31.73 -49.11 -23.20
CA LEU B 26 31.08 -47.99 -23.88
C LEU B 26 31.31 -48.03 -25.38
N LEU B 27 32.55 -48.32 -25.80
CA LEU B 27 32.84 -48.38 -27.23
C LEU B 27 32.18 -49.58 -27.89
N GLY B 28 32.05 -50.70 -27.16
CA GLY B 28 31.32 -51.83 -27.68
C GLY B 28 29.83 -51.55 -27.83
N ALA B 29 29.25 -50.81 -26.88
CA ALA B 29 27.85 -50.42 -27.00
C ALA B 29 27.62 -49.46 -28.16
N LEU B 30 28.58 -48.54 -28.38
CA LEU B 30 28.47 -47.63 -29.52
C LEU B 30 28.65 -48.36 -30.84
N ARG B 31 29.52 -49.37 -30.87
CA ARG B 31 29.67 -50.18 -32.07
C ARG B 31 28.43 -51.03 -32.33
N VAL B 32 27.77 -51.48 -31.25
CA VAL B 32 26.50 -52.21 -31.39
C VAL B 32 25.42 -51.28 -31.93
N SER B 33 25.39 -50.03 -31.46
CA SER B 33 24.44 -49.05 -31.99
C SER B 33 24.70 -48.72 -33.45
N ARG B 34 25.99 -48.61 -33.82
CA ARG B 34 26.34 -48.39 -35.22
C ARG B 34 25.99 -49.60 -36.10
N ALA B 35 26.17 -50.81 -35.56
CA ALA B 35 25.79 -52.01 -36.31
C ALA B 35 24.28 -52.12 -36.45
N ARG B 36 23.54 -51.62 -35.45
CA ARG B 36 22.09 -51.51 -35.60
C ARG B 36 21.72 -50.45 -36.63
N ALA B 37 22.56 -49.42 -36.78
CA ALA B 37 22.32 -48.42 -37.82
C ALA B 37 22.51 -48.99 -39.21
N GLU B 38 23.56 -49.80 -39.42
CA GLU B 38 23.74 -50.37 -40.76
C GLU B 38 22.83 -51.57 -41.00
N HIS B 39 22.98 -52.64 -40.22
CA HIS B 39 22.37 -53.92 -40.52
C HIS B 39 21.03 -54.12 -39.81
N GLY B 40 20.40 -53.03 -39.36
CA GLY B 40 19.10 -53.15 -38.73
C GLY B 40 19.18 -53.68 -37.30
N ASP B 41 17.99 -53.82 -36.70
CA ASP B 41 17.88 -54.17 -35.29
C ASP B 41 17.89 -55.68 -35.06
N ALA B 42 17.75 -56.48 -36.12
CA ALA B 42 17.69 -57.94 -35.98
C ALA B 42 19.08 -58.57 -36.04
N ILE B 43 19.98 -58.11 -35.18
CA ILE B 43 21.33 -58.61 -35.12
C ILE B 43 21.61 -59.22 -33.75
N ASN B 44 22.63 -60.07 -33.71
CA ASN B 44 23.23 -60.48 -32.46
C ASN B 44 24.20 -59.37 -32.06
N PRO B 45 24.02 -58.75 -30.88
CA PRO B 45 25.01 -57.74 -30.45
C PRO B 45 26.38 -58.31 -30.15
N ARG B 46 26.48 -59.61 -29.85
CA ARG B 46 27.73 -60.22 -29.44
C ARG B 46 28.70 -60.49 -30.59
N ASP B 47 28.26 -60.31 -31.84
CA ASP B 47 29.19 -60.48 -32.95
C ASP B 47 29.99 -59.22 -33.24
N TYR B 48 29.60 -58.08 -32.65
CA TYR B 48 30.15 -56.80 -33.07
C TYR B 48 30.76 -55.97 -31.96
N HIS B 49 30.43 -56.21 -30.68
CA HIS B 49 31.00 -55.35 -29.66
C HIS B 49 32.46 -55.69 -29.35
N TYR B 50 32.99 -56.78 -29.90
CA TYR B 50 34.43 -57.04 -29.86
C TYR B 50 35.16 -56.48 -31.06
N ASP B 51 34.45 -56.00 -32.08
CA ASP B 51 35.08 -55.34 -33.22
C ASP B 51 35.19 -53.85 -32.87
N LEU B 52 36.33 -53.51 -32.27
CA LEU B 52 36.55 -52.19 -31.72
C LEU B 52 37.86 -51.59 -32.21
N PRO B 53 37.98 -50.26 -32.22
CA PRO B 53 39.29 -49.63 -32.46
C PRO B 53 40.17 -49.60 -31.22
N LEU B 54 40.40 -50.76 -30.62
CA LEU B 54 41.25 -50.91 -29.44
C LEU B 54 42.09 -52.15 -29.62
N GLU B 55 43.32 -52.11 -29.11
CA GLU B 55 44.13 -53.33 -29.11
C GLU B 55 43.68 -54.25 -27.97
N ARG B 56 44.06 -55.52 -28.08
CA ARG B 56 43.66 -56.53 -27.11
C ARG B 56 44.89 -57.06 -26.39
N TYR B 57 44.85 -57.02 -25.05
CA TYR B 57 45.87 -57.66 -24.25
C TYR B 57 45.49 -59.12 -24.04
N GLN B 58 46.47 -60.01 -24.22
CA GLN B 58 46.23 -61.44 -24.13
C GLN B 58 46.87 -61.97 -22.85
N ALA B 59 46.04 -62.56 -21.98
CA ALA B 59 46.53 -63.22 -20.79
C ALA B 59 47.23 -64.53 -21.18
N PRO B 60 48.12 -65.06 -20.32
CA PRO B 60 48.86 -66.29 -20.67
C PRO B 60 47.99 -67.52 -20.95
N SER B 61 46.83 -67.68 -20.30
CA SER B 61 45.96 -68.82 -20.55
C SER B 61 44.59 -68.32 -20.99
N GLY B 62 44.46 -68.05 -22.29
CA GLY B 62 43.22 -67.53 -22.84
C GLY B 62 42.91 -66.16 -22.28
N ASP B 63 41.61 -65.84 -22.21
CA ASP B 63 41.04 -64.75 -21.42
C ASP B 63 41.61 -63.38 -21.79
N TRP B 64 41.38 -62.97 -23.03
CA TRP B 64 41.88 -61.68 -23.47
C TRP B 64 41.00 -60.56 -22.93
N VAL B 65 41.58 -59.37 -22.82
CA VAL B 65 40.85 -58.15 -22.50
C VAL B 65 41.26 -57.08 -23.50
N PHE B 66 40.42 -56.07 -23.63
CA PHE B 66 40.78 -54.91 -24.44
C PHE B 66 41.82 -54.06 -23.71
N LYS B 67 42.52 -53.22 -24.48
CA LYS B 67 43.50 -52.34 -23.84
C LYS B 67 42.88 -51.08 -23.27
N ALA B 68 41.57 -50.97 -23.20
CA ALA B 68 40.93 -49.81 -22.59
C ALA B 68 41.03 -49.90 -21.07
N SER B 69 40.67 -48.80 -20.41
CA SER B 69 40.65 -48.73 -18.96
C SER B 69 39.26 -48.34 -18.50
N ALA B 70 38.99 -48.61 -17.22
CA ALA B 70 37.77 -48.12 -16.60
C ALA B 70 37.86 -46.62 -16.40
N PHE B 71 36.72 -45.94 -16.50
CA PHE B 71 36.69 -44.49 -16.41
C PHE B 71 36.98 -44.01 -15.00
N LYS B 72 37.84 -43.01 -14.89
CA LYS B 72 38.11 -42.33 -13.63
C LYS B 72 37.30 -41.04 -13.57
N LEU B 73 36.76 -40.76 -12.39
CA LEU B 73 35.91 -39.59 -12.18
C LEU B 73 36.72 -38.51 -11.48
N LYS B 74 36.85 -37.35 -12.11
CA LYS B 74 37.28 -36.14 -11.43
C LYS B 74 35.98 -35.42 -11.09
N ARG B 75 35.63 -35.40 -9.82
CA ARG B 75 34.29 -34.97 -9.43
C ARG B 75 34.26 -33.45 -9.30
N GLN B 76 33.56 -32.80 -10.23
CA GLN B 76 33.40 -31.36 -10.21
C GLN B 76 32.41 -30.90 -9.14
N LEU B 77 31.54 -31.78 -8.69
CA LEU B 77 30.50 -31.50 -7.71
C LEU B 77 30.55 -32.53 -6.59
N PRO B 78 30.01 -32.19 -5.42
CA PRO B 78 29.77 -33.24 -4.41
C PRO B 78 28.70 -34.21 -4.86
N ASN B 79 28.80 -35.44 -4.38
CA ASN B 79 27.87 -36.49 -4.79
C ASN B 79 26.49 -36.29 -4.17
N GLN B 80 25.46 -36.58 -4.94
CA GLN B 80 24.09 -36.52 -4.46
C GLN B 80 23.43 -37.88 -4.68
N MET B 81 22.17 -38.01 -4.29
CA MET B 81 21.42 -39.24 -4.44
C MET B 81 20.09 -38.94 -5.12
N TRP B 82 19.74 -39.76 -6.10
CA TRP B 82 18.51 -39.62 -6.87
C TRP B 82 17.52 -40.67 -6.39
N MET B 83 16.34 -40.22 -5.98
CA MET B 83 15.23 -41.11 -5.71
C MET B 83 14.43 -41.28 -7.00
N GLN B 84 14.10 -42.52 -7.33
CA GLN B 84 13.10 -42.77 -8.35
C GLN B 84 12.14 -43.81 -7.82
N THR B 85 10.93 -43.80 -8.36
CA THR B 85 9.87 -44.68 -7.88
C THR B 85 9.19 -45.36 -9.05
N GLY B 86 8.74 -46.58 -8.80
CA GLY B 86 7.91 -47.28 -9.75
C GLY B 86 6.53 -47.52 -9.17
N ARG B 87 5.53 -46.80 -9.68
CA ARG B 87 4.16 -46.95 -9.22
C ARG B 87 3.25 -47.14 -10.42
N LEU B 88 2.40 -48.17 -10.35
CA LEU B 88 1.35 -48.35 -11.33
C LEU B 88 0.16 -47.50 -10.89
N SER B 89 -0.43 -46.78 -11.84
CA SER B 89 -1.50 -45.83 -11.55
C SER B 89 -2.74 -46.56 -11.07
N ILE B 90 -3.01 -46.47 -9.77
CA ILE B 90 -4.05 -47.25 -9.11
C ILE B 90 -5.44 -46.81 -9.58
N VAL B 91 -5.65 -45.50 -9.70
CA VAL B 91 -6.90 -44.91 -10.18
C VAL B 91 -7.18 -45.32 -11.63
N GLU B 92 -6.16 -45.24 -12.49
CA GLU B 92 -6.33 -45.65 -13.88
C GLU B 92 -6.54 -47.15 -13.98
N ALA B 93 -5.94 -47.92 -13.08
CA ALA B 93 -6.16 -49.36 -13.04
C ALA B 93 -7.60 -49.69 -12.68
N ALA B 94 -8.18 -48.96 -11.72
CA ALA B 94 -9.57 -49.21 -11.35
C ALA B 94 -10.54 -48.79 -12.45
N ARG B 95 -10.23 -47.68 -13.13
CA ARG B 95 -11.07 -47.24 -14.24
C ARG B 95 -11.02 -48.23 -15.40
N HIS B 96 -9.83 -48.75 -15.72
CA HIS B 96 -9.70 -49.75 -16.78
C HIS B 96 -10.29 -51.08 -16.35
N ARG B 97 -10.34 -51.34 -15.05
CA ARG B 97 -10.90 -52.61 -14.57
C ARG B 97 -12.43 -52.59 -14.62
N GLN B 98 -13.04 -51.44 -14.32
CA GLN B 98 -14.48 -51.33 -14.57
C GLN B 98 -14.80 -51.31 -16.06
N SER B 99 -13.98 -50.62 -16.86
CA SER B 99 -14.29 -50.52 -18.29
C SER B 99 -14.02 -51.81 -19.05
N GLY B 100 -13.34 -52.78 -18.44
CA GLY B 100 -13.07 -54.06 -19.07
C GLY B 100 -11.78 -54.11 -19.86
N TYR B 101 -11.12 -52.96 -20.06
CA TYR B 101 -9.89 -52.92 -20.85
C TYR B 101 -8.73 -53.60 -20.11
N LEU B 102 -8.78 -53.61 -18.78
CA LEU B 102 -7.87 -54.38 -17.95
C LEU B 102 -8.64 -55.56 -17.37
N GLN B 103 -8.25 -56.77 -17.78
CA GLN B 103 -8.80 -57.98 -17.19
C GLN B 103 -7.99 -58.37 -15.95
N LEU B 104 -8.36 -57.74 -14.84
CA LEU B 104 -7.82 -58.05 -13.53
C LEU B 104 -8.96 -58.59 -12.67
N ARG B 105 -8.80 -59.82 -12.20
CA ARG B 105 -9.79 -60.42 -11.32
C ARG B 105 -9.59 -59.98 -9.88
N ALA B 106 -8.40 -59.50 -9.54
CA ALA B 106 -8.08 -59.09 -8.19
C ALA B 106 -8.81 -57.80 -7.82
N GLY B 107 -9.38 -57.80 -6.62
CA GLY B 107 -10.10 -56.64 -6.12
C GLY B 107 -9.20 -55.63 -5.45
N LYS B 108 -8.23 -56.10 -4.66
CA LYS B 108 -7.35 -55.23 -3.90
C LYS B 108 -5.92 -55.29 -4.40
N PRO B 109 -5.28 -54.14 -4.62
CA PRO B 109 -3.87 -54.13 -5.03
C PRO B 109 -2.94 -54.38 -3.85
N ASN B 110 -1.64 -54.27 -4.13
CA ASN B 110 -0.63 -54.43 -3.09
C ASN B 110 0.62 -53.61 -3.41
N PRO B 111 0.83 -52.48 -2.72
CA PRO B 111 2.11 -51.77 -2.84
C PRO B 111 3.31 -52.56 -2.34
N ALA B 112 3.08 -53.59 -1.52
CA ALA B 112 4.14 -54.47 -1.07
C ALA B 112 4.79 -55.19 -2.23
N GLY B 113 4.04 -56.03 -2.94
CA GLY B 113 4.55 -56.73 -4.09
C GLY B 113 3.45 -56.98 -5.10
N GLY B 114 3.86 -57.09 -6.36
CA GLY B 114 2.93 -57.33 -7.43
C GLY B 114 2.99 -56.26 -8.52
N PRO B 115 1.95 -56.22 -9.36
CA PRO B 115 1.92 -55.19 -10.42
C PRO B 115 1.77 -53.78 -9.89
N PHE B 116 1.17 -53.62 -8.72
CA PHE B 116 0.91 -52.31 -8.14
C PHE B 116 1.87 -52.01 -6.99
N LYS B 117 3.02 -52.67 -6.99
CA LYS B 117 4.07 -52.42 -6.01
C LYS B 117 4.67 -51.05 -6.29
N THR B 118 4.39 -50.09 -5.43
CA THR B 118 5.01 -48.77 -5.51
C THR B 118 6.38 -48.86 -4.86
N SER B 119 7.41 -49.05 -5.68
CA SER B 119 8.76 -49.27 -5.19
C SER B 119 9.53 -47.96 -5.19
N ILE B 120 10.46 -47.83 -4.24
CA ILE B 120 11.34 -46.68 -4.15
C ILE B 120 12.78 -47.19 -4.25
N TYR B 121 13.62 -46.48 -4.99
CA TYR B 121 15.01 -46.87 -5.11
C TYR B 121 15.86 -45.62 -5.27
N HIS B 122 16.93 -45.56 -4.49
CA HIS B 122 17.82 -44.42 -4.43
C HIS B 122 19.19 -44.81 -4.95
N ARG B 123 19.68 -44.07 -5.93
CA ARG B 123 20.95 -44.40 -6.55
C ARG B 123 21.81 -43.15 -6.71
N PRO B 124 23.14 -43.27 -6.63
CA PRO B 124 23.98 -42.07 -6.56
C PRO B 124 24.06 -41.31 -7.88
N ILE B 125 24.40 -40.03 -7.77
CA ILE B 125 24.47 -39.10 -8.90
C ILE B 125 25.73 -38.25 -8.71
N VAL B 126 26.56 -38.20 -9.76
CA VAL B 126 27.79 -37.41 -9.74
C VAL B 126 27.92 -36.65 -11.06
N GLN B 127 28.23 -35.35 -10.97
CA GLN B 127 28.81 -34.60 -12.08
C GLN B 127 30.32 -34.71 -11.99
N ALA B 128 30.94 -35.13 -13.09
CA ALA B 128 32.36 -35.44 -13.08
C ALA B 128 32.94 -35.18 -14.45
N GLU B 129 34.23 -35.47 -14.56
CA GLU B 129 34.95 -35.53 -15.83
C GLU B 129 35.54 -36.93 -15.91
N LEU B 130 35.26 -37.64 -17.00
CA LEU B 130 35.60 -39.06 -17.11
C LEU B 130 36.87 -39.20 -17.94
N THR B 131 37.91 -39.74 -17.32
CA THR B 131 39.22 -39.92 -17.96
C THR B 131 39.51 -41.41 -18.13
N ALA B 132 39.83 -41.81 -19.35
CA ALA B 132 40.18 -43.19 -19.67
C ALA B 132 41.43 -43.23 -20.55
N PHE B 133 42.12 -44.36 -20.48
CA PHE B 133 43.40 -44.56 -21.14
C PHE B 133 43.34 -45.86 -21.92
N CYS B 134 43.73 -45.83 -23.20
CA CYS B 134 43.64 -47.08 -23.99
C CYS B 134 44.56 -47.03 -25.21
N VAL B 135 44.82 -48.21 -25.80
CA VAL B 135 45.64 -48.28 -27.05
C VAL B 135 44.67 -48.62 -28.19
N GLY B 136 44.37 -47.65 -29.05
CA GLY B 136 43.45 -47.87 -30.18
C GLY B 136 43.58 -46.78 -31.22
N ASP B 137 43.03 -47.00 -32.42
CA ASP B 137 43.09 -45.93 -33.48
C ASP B 137 42.18 -44.78 -33.04
N GLN B 138 42.69 -43.55 -33.12
CA GLN B 138 41.95 -42.33 -32.71
C GLN B 138 40.72 -42.11 -33.60
N GLN B 139 40.84 -42.37 -34.91
CA GLN B 139 39.73 -42.09 -35.87
C GLN B 139 38.47 -42.89 -35.51
N GLY B 140 38.60 -44.18 -35.20
CA GLY B 140 37.45 -44.99 -34.83
C GLY B 140 36.89 -44.65 -33.47
N ILE B 141 37.77 -44.31 -32.52
CA ILE B 141 37.33 -43.92 -31.19
C ILE B 141 36.58 -42.59 -31.23
N GLU B 142 37.09 -41.61 -31.99
CA GLU B 142 36.34 -40.36 -32.12
C GLU B 142 35.06 -40.53 -32.92
N ALA B 143 35.03 -41.48 -33.86
CA ALA B 143 33.79 -41.75 -34.59
C ALA B 143 32.72 -42.34 -33.66
N LEU B 144 33.09 -43.32 -32.84
CA LEU B 144 32.16 -43.92 -31.88
C LEU B 144 31.72 -42.91 -30.84
N LEU B 145 32.65 -42.09 -30.35
CA LEU B 145 32.30 -41.14 -29.29
C LEU B 145 31.56 -39.92 -29.82
N SER B 146 31.68 -39.63 -31.11
CA SER B 146 30.81 -38.62 -31.71
C SER B 146 29.43 -39.20 -31.99
N GLU B 147 29.35 -40.52 -32.18
CA GLU B 147 28.04 -41.17 -32.18
C GLU B 147 27.44 -41.20 -30.77
N CYS B 148 28.29 -41.12 -29.74
CA CYS B 148 27.82 -41.12 -28.37
C CYS B 148 27.14 -39.79 -28.02
N ARG B 149 26.04 -39.86 -27.29
CA ARG B 149 25.43 -38.65 -26.76
C ARG B 149 25.24 -38.69 -25.25
N GLN B 150 25.10 -39.86 -24.64
CA GLN B 150 25.08 -39.93 -23.19
C GLN B 150 26.02 -41.04 -22.72
N ILE B 151 26.45 -40.93 -21.48
CA ILE B 151 27.30 -41.92 -20.83
C ILE B 151 26.67 -42.24 -19.48
N GLY B 152 26.97 -43.43 -18.95
CA GLY B 152 26.48 -43.85 -17.65
C GLY B 152 25.21 -44.66 -17.77
N GLY B 153 24.66 -45.01 -16.60
CA GLY B 153 23.43 -45.76 -16.55
C GLY B 153 22.19 -44.88 -16.59
N LYS B 154 21.03 -45.54 -16.59
CA LYS B 154 19.69 -44.92 -16.63
C LYS B 154 19.58 -43.89 -17.75
N ARG B 155 19.98 -44.31 -18.95
CA ARG B 155 19.98 -43.39 -20.08
C ARG B 155 18.59 -43.13 -20.61
N GLY B 156 17.62 -43.99 -20.30
CA GLY B 156 16.25 -43.76 -20.71
C GLY B 156 15.58 -42.60 -19.99
N VAL B 157 16.09 -42.20 -18.83
CA VAL B 157 15.53 -41.07 -18.10
C VAL B 157 16.49 -39.88 -18.20
N GLY B 158 17.26 -39.84 -19.29
CA GLY B 158 17.96 -38.64 -19.71
C GLY B 158 19.16 -38.23 -18.88
N PHE B 159 19.74 -39.14 -18.12
CA PHE B 159 20.84 -38.81 -17.23
C PHE B 159 22.17 -38.79 -17.96
N GLY B 160 22.91 -37.71 -17.76
CA GLY B 160 24.30 -37.67 -18.15
C GLY B 160 24.60 -37.61 -19.63
N GLN B 161 23.92 -36.74 -20.37
CA GLN B 161 24.28 -36.59 -21.78
C GLN B 161 25.61 -35.85 -21.91
N VAL B 162 26.41 -36.29 -22.88
CA VAL B 162 27.80 -35.86 -23.02
C VAL B 162 27.82 -34.48 -23.68
N ALA B 163 28.41 -33.50 -22.98
CA ALA B 163 28.61 -32.19 -23.56
C ALA B 163 29.72 -32.20 -24.61
N GLY B 164 30.78 -32.96 -24.36
CA GLY B 164 31.86 -33.07 -25.31
C GLY B 164 32.88 -34.08 -24.86
N PHE B 165 33.84 -34.34 -25.75
CA PHE B 165 34.92 -35.28 -25.49
C PHE B 165 36.15 -34.82 -26.24
N LYS B 166 37.32 -35.11 -25.68
CA LYS B 166 38.58 -34.89 -26.36
C LYS B 166 39.43 -36.15 -26.28
N VAL B 167 40.05 -36.51 -27.40
CA VAL B 167 40.78 -37.76 -27.57
C VAL B 167 42.17 -37.40 -28.09
N GLU B 168 43.18 -37.55 -27.24
CA GLU B 168 44.51 -37.11 -27.63
C GLU B 168 45.56 -38.18 -27.30
N PRO B 169 46.62 -38.26 -28.09
CA PRO B 169 47.70 -39.21 -27.78
C PRO B 169 48.45 -38.83 -26.50
N VAL B 170 49.02 -39.84 -25.85
CA VAL B 170 49.71 -39.67 -24.58
C VAL B 170 50.90 -40.62 -24.55
N ALA B 171 51.81 -40.39 -23.61
CA ALA B 171 53.01 -41.21 -23.50
C ALA B 171 52.65 -42.61 -22.96
N GLU B 172 53.57 -43.56 -23.18
CA GLU B 172 53.32 -44.94 -22.76
C GLU B 172 53.39 -45.08 -21.25
N THR B 173 54.31 -44.36 -20.61
CA THR B 173 54.39 -44.40 -19.15
C THR B 173 53.30 -43.56 -18.50
N ASP B 174 52.71 -42.62 -19.25
CA ASP B 174 51.72 -41.71 -18.70
C ASP B 174 50.31 -42.28 -18.70
N CYS B 175 50.10 -43.46 -19.27
CA CYS B 175 48.77 -44.05 -19.30
C CYS B 175 48.71 -45.28 -18.40
N PRO B 176 47.94 -45.25 -17.32
CA PRO B 176 47.42 -46.51 -16.76
C PRO B 176 46.19 -47.02 -17.47
N TRP B 177 46.38 -47.96 -18.38
CA TRP B 177 45.27 -48.66 -18.99
C TRP B 177 44.88 -49.88 -18.19
N SER B 178 45.77 -50.33 -17.30
CA SER B 178 45.58 -51.51 -16.50
C SER B 178 44.55 -51.32 -15.39
N TRP B 179 44.14 -50.08 -15.11
CA TRP B 179 43.10 -49.79 -14.12
C TRP B 179 41.78 -50.24 -14.74
N ARG B 180 41.50 -51.53 -14.60
CA ARG B 180 40.60 -52.25 -15.49
C ARG B 180 40.40 -53.65 -14.91
N ALA B 181 39.25 -54.24 -15.24
CA ALA B 181 38.96 -55.61 -14.81
C ALA B 181 39.86 -56.57 -15.58
N LEU B 182 40.97 -56.94 -14.97
CA LEU B 182 41.99 -57.82 -15.52
C LEU B 182 41.66 -59.27 -15.17
N PRO B 183 42.17 -60.24 -15.94
CA PRO B 183 41.97 -61.65 -15.57
C PRO B 183 42.74 -62.02 -14.32
N ALA B 184 42.41 -63.20 -13.77
CA ALA B 184 43.06 -63.69 -12.56
C ALA B 184 44.54 -64.00 -12.79
N ASP B 185 44.90 -64.43 -14.00
CA ASP B 185 46.28 -64.70 -14.35
C ASP B 185 46.92 -63.58 -15.17
N ALA B 186 46.55 -62.34 -14.89
CA ALA B 186 47.14 -61.20 -15.56
C ALA B 186 48.57 -60.97 -15.07
N ASP B 187 49.38 -60.41 -15.95
CA ASP B 187 50.81 -60.32 -15.68
C ASP B 187 51.08 -59.19 -14.69
N PRO B 188 51.87 -59.42 -13.63
CA PRO B 188 51.81 -58.56 -12.44
C PRO B 188 52.28 -57.11 -12.60
N ARG B 189 52.83 -56.71 -13.76
CA ARG B 189 53.16 -55.29 -13.93
C ARG B 189 51.91 -54.46 -14.16
N LEU B 190 50.79 -55.11 -14.49
CA LEU B 190 49.51 -54.45 -14.68
C LEU B 190 48.62 -54.55 -13.45
N VAL B 191 48.97 -55.40 -12.49
CA VAL B 191 48.18 -55.61 -11.29
C VAL B 191 48.75 -54.73 -10.19
N THR B 192 48.07 -53.63 -9.90
CA THR B 192 48.50 -52.69 -8.87
C THR B 192 47.86 -53.06 -7.53
N SER B 193 48.01 -52.17 -6.55
CA SER B 193 47.42 -52.41 -5.24
C SER B 193 45.91 -52.18 -5.26
N GLU B 194 45.41 -51.42 -6.23
CA GLU B 194 43.96 -51.20 -6.33
C GLU B 194 43.25 -52.43 -6.86
N HIS B 195 43.93 -53.26 -7.64
CA HIS B 195 43.34 -54.47 -8.22
C HIS B 195 43.17 -55.52 -7.13
N ALA B 196 42.01 -56.18 -7.13
CA ALA B 196 41.72 -57.24 -6.17
C ALA B 196 40.87 -58.31 -6.81
N ARG B 197 40.88 -59.50 -6.21
CA ARG B 197 40.14 -60.64 -6.73
C ARG B 197 38.65 -60.45 -6.54
N CYS B 198 37.88 -60.78 -7.57
CA CYS B 198 36.43 -60.66 -7.53
C CYS B 198 35.80 -61.54 -8.59
N ILE B 199 34.54 -61.91 -8.35
CA ILE B 199 33.67 -62.47 -9.38
C ILE B 199 33.23 -61.30 -10.23
N ALA B 200 33.87 -61.12 -11.39
CA ALA B 200 33.58 -59.97 -12.23
C ALA B 200 33.86 -60.30 -13.68
N ALA B 201 33.11 -59.63 -14.56
CA ALA B 201 33.36 -59.73 -15.99
C ALA B 201 34.57 -58.89 -16.36
N ILE B 202 35.39 -59.42 -17.26
CA ILE B 202 36.56 -58.74 -17.76
C ILE B 202 36.36 -58.19 -19.16
N ARG B 203 35.18 -58.38 -19.75
CA ARG B 203 35.01 -58.19 -21.18
C ARG B 203 33.53 -58.14 -21.52
N GLY B 204 33.24 -57.55 -22.68
CA GLY B 204 31.94 -57.62 -23.30
C GLY B 204 30.81 -57.00 -22.51
N PRO B 205 29.74 -57.75 -22.31
CA PRO B 205 28.70 -57.31 -21.38
C PRO B 205 29.15 -57.48 -19.94
N TYR B 206 29.49 -56.39 -19.28
CA TYR B 206 29.99 -56.47 -17.91
C TYR B 206 28.87 -56.71 -16.90
N TRP B 207 27.62 -56.62 -17.31
CA TRP B 207 26.49 -56.95 -16.46
C TRP B 207 26.13 -58.42 -16.49
N ASP B 208 26.59 -59.15 -17.50
CA ASP B 208 26.23 -60.55 -17.67
C ASP B 208 26.96 -61.36 -16.61
N ARG B 209 26.22 -61.77 -15.58
CA ARG B 209 26.82 -62.51 -14.47
C ARG B 209 27.21 -63.93 -14.87
N THR B 210 26.64 -64.44 -15.97
CA THR B 210 27.07 -65.73 -16.49
C THR B 210 28.47 -65.66 -17.07
N LEU B 211 28.89 -64.49 -17.55
CA LEU B 211 30.23 -64.30 -18.07
C LEU B 211 31.19 -63.75 -17.01
N HIS B 212 30.76 -63.63 -15.76
CA HIS B 212 31.66 -63.21 -14.69
C HIS B 212 32.68 -64.30 -14.41
N VAL B 213 33.94 -63.88 -14.24
CA VAL B 213 35.05 -64.79 -14.08
C VAL B 213 35.86 -64.40 -12.85
N GLU B 214 36.84 -65.24 -12.53
CA GLU B 214 37.94 -64.89 -11.63
C GLU B 214 38.66 -63.68 -12.19
N ALA B 215 38.57 -62.55 -11.49
CA ALA B 215 39.08 -61.30 -12.07
C ALA B 215 39.86 -60.52 -11.04
N LEU B 216 40.78 -59.70 -11.54
CA LEU B 216 41.53 -58.73 -10.74
C LEU B 216 41.10 -57.35 -11.19
N ALA B 217 40.30 -56.67 -10.37
CA ALA B 217 39.71 -55.40 -10.78
C ALA B 217 39.91 -54.33 -9.71
N PRO B 218 40.04 -53.07 -10.13
CA PRO B 218 40.04 -51.97 -9.15
C PRO B 218 38.62 -51.51 -8.81
N THR B 219 38.52 -50.41 -8.06
CA THR B 219 37.25 -49.94 -7.56
C THR B 219 37.05 -48.46 -7.90
N PRO B 220 35.85 -48.07 -8.39
CA PRO B 220 35.59 -46.66 -8.69
C PRO B 220 35.51 -45.79 -7.44
N MET C 1 16.52 -39.01 -33.73
CA MET C 1 15.59 -37.89 -33.77
C MET C 1 15.58 -37.18 -32.42
N GLN C 2 15.68 -35.85 -32.44
CA GLN C 2 15.76 -35.04 -31.23
C GLN C 2 14.56 -34.09 -31.18
N ILE C 3 13.48 -34.53 -30.57
CA ILE C 3 12.32 -33.68 -30.30
C ILE C 3 12.65 -32.86 -29.05
N GLU C 4 12.32 -31.57 -29.08
CA GLU C 4 12.64 -30.69 -27.96
C GLU C 4 11.45 -29.77 -27.72
N VAL C 5 10.83 -29.89 -26.56
CA VAL C 5 9.60 -29.21 -26.21
C VAL C 5 9.91 -28.09 -25.22
N THR C 6 9.58 -26.87 -25.61
CA THR C 6 9.67 -25.69 -24.74
C THR C 6 8.26 -25.45 -24.21
N VAL C 7 8.11 -25.50 -22.89
CA VAL C 7 6.82 -25.36 -22.23
C VAL C 7 6.89 -24.21 -21.23
N ARG C 8 5.72 -23.82 -20.72
CA ARG C 8 5.59 -22.83 -19.67
C ARG C 8 4.56 -23.33 -18.67
N ASN C 9 4.95 -23.47 -17.41
CA ASN C 9 4.02 -23.96 -16.41
C ASN C 9 3.05 -22.86 -16.04
N ILE C 10 1.77 -23.08 -16.35
CA ILE C 10 0.74 -22.11 -16.02
C ILE C 10 0.50 -22.06 -14.53
N THR C 11 0.53 -23.23 -13.88
CA THR C 11 0.38 -23.40 -12.45
C THR C 11 1.74 -23.74 -11.85
N PRO C 12 1.90 -23.72 -10.50
CA PRO C 12 3.16 -24.18 -9.91
C PRO C 12 3.48 -25.63 -10.20
N ILE C 13 4.77 -25.95 -10.09
CA ILE C 13 5.29 -27.30 -10.25
C ILE C 13 5.73 -27.79 -8.87
N PHE C 14 5.24 -28.97 -8.48
CA PHE C 14 5.59 -29.55 -7.17
C PHE C 14 5.94 -31.03 -7.34
N SER C 15 7.20 -31.30 -7.66
CA SER C 15 7.73 -32.66 -7.70
C SER C 15 8.41 -32.92 -6.36
N ALA C 16 7.75 -33.70 -5.50
CA ALA C 16 8.16 -33.81 -4.11
C ALA C 16 9.49 -34.54 -3.94
N ALA C 17 10.30 -34.03 -3.02
CA ALA C 17 11.64 -34.50 -2.71
C ALA C 17 11.62 -35.34 -1.43
N PRO C 18 12.54 -36.29 -1.28
CA PRO C 18 12.56 -37.08 -0.05
C PRO C 18 13.16 -36.31 1.12
N GLY C 19 13.27 -37.01 2.24
CA GLY C 19 13.90 -36.47 3.43
C GLY C 19 12.92 -35.69 4.28
N SER C 20 13.37 -35.41 5.50
CA SER C 20 12.59 -34.64 6.47
C SER C 20 13.12 -33.21 6.48
N ASN C 21 12.56 -32.36 5.63
CA ASN C 21 12.90 -30.95 5.56
C ASN C 21 11.90 -30.17 6.41
N TYR C 22 12.38 -29.09 7.03
CA TYR C 22 11.55 -28.30 7.92
C TYR C 22 11.79 -26.82 7.66
N ILE C 23 10.82 -26.01 8.10
CA ILE C 23 10.87 -24.57 7.89
C ILE C 23 10.21 -23.89 9.09
N THR C 24 10.73 -22.72 9.48
CA THR C 24 10.14 -21.98 10.58
C THR C 24 8.84 -21.28 10.14
N ILE C 25 8.33 -20.39 10.99
CA ILE C 25 7.14 -19.65 10.59
C ILE C 25 7.47 -18.64 9.50
N ASP C 26 8.73 -18.20 9.43
CA ASP C 26 9.23 -17.49 8.28
C ASP C 26 9.89 -18.45 7.31
N GLY C 27 10.64 -17.89 6.35
CA GLY C 27 11.18 -18.68 5.26
C GLY C 27 12.50 -19.39 5.51
N THR C 28 12.89 -19.54 6.77
CA THR C 28 14.16 -20.21 7.07
C THR C 28 13.99 -21.72 7.01
N ILE C 29 14.65 -22.34 6.02
CA ILE C 29 14.53 -23.75 5.74
C ILE C 29 15.59 -24.52 6.53
N ASN C 30 15.17 -25.60 7.20
CA ASN C 30 15.95 -26.46 8.09
C ASN C 30 16.65 -25.67 9.19
N PRO C 31 15.93 -25.21 10.20
CA PRO C 31 16.57 -24.51 11.30
C PRO C 31 17.29 -25.50 12.20
N PRO C 32 18.22 -25.01 13.03
CA PRO C 32 18.81 -25.87 14.07
C PRO C 32 17.76 -26.26 15.10
N PRO C 33 17.93 -27.40 15.78
CA PRO C 33 16.95 -27.81 16.81
C PRO C 33 16.89 -26.83 17.97
N GLY C 34 15.66 -26.53 18.40
CA GLY C 34 15.43 -25.60 19.49
C GLY C 34 14.56 -24.41 19.12
N VAL C 35 13.85 -24.52 18.01
CA VAL C 35 12.96 -23.46 17.55
C VAL C 35 11.84 -24.14 16.77
N SER C 36 10.62 -23.57 16.86
CA SER C 36 9.42 -24.15 16.26
C SER C 36 9.56 -24.29 14.75
N ARG C 37 9.40 -25.54 14.29
CA ARG C 37 9.62 -25.90 12.89
C ARG C 37 8.44 -26.72 12.38
N PHE C 38 8.18 -26.59 11.09
CA PHE C 38 7.04 -27.17 10.39
C PHE C 38 7.53 -28.07 9.27
N PRO C 39 6.81 -29.15 8.97
CA PRO C 39 7.24 -30.06 7.91
C PRO C 39 7.09 -29.45 6.53
N LEU C 40 8.23 -29.22 5.87
CA LEU C 40 8.27 -28.71 4.51
C LEU C 40 8.67 -29.86 3.60
N VAL C 41 7.89 -30.08 2.54
CA VAL C 41 8.27 -31.03 1.50
C VAL C 41 8.63 -30.22 0.26
N ARG C 42 9.90 -30.28 -0.13
CA ARG C 42 10.43 -29.37 -1.14
C ARG C 42 10.23 -29.95 -2.53
N THR C 43 10.45 -29.08 -3.52
CA THR C 43 10.46 -29.54 -4.90
C THR C 43 11.70 -30.37 -5.19
N ARG C 44 11.65 -31.09 -6.30
CA ARG C 44 12.80 -31.88 -6.73
C ARG C 44 13.90 -30.94 -7.20
N MET C 45 14.93 -30.81 -6.36
CA MET C 45 16.11 -30.02 -6.66
C MET C 45 17.26 -30.99 -6.89
N MET C 46 18.11 -30.68 -7.87
CA MET C 46 19.38 -31.36 -8.03
C MET C 46 20.49 -30.32 -8.14
N TYR C 47 21.67 -30.66 -7.61
CA TYR C 47 22.81 -29.76 -7.69
C TYR C 47 23.50 -29.97 -9.03
N VAL C 48 23.62 -28.90 -9.80
CA VAL C 48 24.20 -28.99 -11.14
C VAL C 48 25.41 -28.06 -11.21
N ALA C 49 26.31 -28.39 -12.14
CA ALA C 49 27.50 -27.58 -12.38
C ALA C 49 27.16 -26.47 -13.37
N ALA C 50 27.53 -25.24 -13.03
CA ALA C 50 27.27 -24.11 -13.91
C ALA C 50 28.44 -23.14 -13.88
N ASP C 51 28.63 -22.45 -14.99
CA ASP C 51 29.65 -21.41 -15.11
C ASP C 51 28.92 -20.08 -15.35
N VAL C 52 28.49 -19.46 -14.25
CA VAL C 52 27.83 -18.16 -14.28
C VAL C 52 28.56 -17.24 -13.33
N GLY C 53 29.05 -16.10 -13.84
CA GLY C 53 29.83 -15.18 -13.07
C GLY C 53 31.30 -15.55 -12.93
N ASP C 54 31.73 -16.67 -13.50
CA ASP C 54 33.12 -17.11 -13.42
C ASP C 54 33.38 -18.07 -14.56
N GLY C 55 34.67 -18.28 -14.86
CA GLY C 55 35.04 -19.29 -15.84
C GLY C 55 35.00 -20.70 -15.30
N VAL C 56 35.16 -20.88 -14.00
CA VAL C 56 35.07 -22.19 -13.37
C VAL C 56 33.60 -22.51 -13.12
N ILE C 57 33.30 -23.76 -12.81
CA ILE C 57 31.93 -24.21 -12.57
C ILE C 57 31.73 -24.43 -11.09
N LYS C 58 30.52 -24.16 -10.61
CA LYS C 58 30.14 -24.34 -9.22
C LYS C 58 28.84 -25.12 -9.15
N SER C 59 28.57 -25.65 -7.96
CA SER C 59 27.34 -26.39 -7.66
C SER C 59 26.25 -25.39 -7.34
N VAL C 60 25.19 -25.39 -8.14
CA VAL C 60 24.04 -24.52 -7.93
C VAL C 60 22.79 -25.39 -7.82
N PRO C 61 21.83 -25.04 -6.97
CA PRO C 61 20.57 -25.80 -6.92
C PRO C 61 19.71 -25.48 -8.13
N LEU C 62 19.25 -26.52 -8.82
CA LEU C 62 18.36 -26.39 -9.96
C LEU C 62 17.12 -27.23 -9.68
N GLN C 63 15.96 -26.59 -9.67
CA GLN C 63 14.71 -27.27 -9.36
C GLN C 63 14.09 -27.79 -10.66
N ILE C 64 14.06 -29.11 -10.80
CA ILE C 64 13.68 -29.76 -12.04
C ILE C 64 12.57 -30.77 -11.77
N VAL C 65 11.95 -31.23 -12.84
CA VAL C 65 11.10 -32.41 -12.84
C VAL C 65 11.96 -33.58 -13.31
N PRO C 66 11.95 -34.72 -12.61
CA PRO C 66 12.81 -35.84 -13.01
C PRO C 66 12.45 -36.40 -14.38
N GLY C 67 13.46 -36.97 -15.04
CA GLY C 67 13.22 -37.61 -16.33
C GLY C 67 12.36 -38.86 -16.21
N ASN C 68 12.37 -39.49 -15.03
CA ASN C 68 11.46 -40.60 -14.77
C ASN C 68 10.01 -40.13 -14.74
N THR C 69 9.76 -38.99 -14.09
CA THR C 69 8.41 -38.43 -14.01
C THR C 69 7.91 -37.99 -15.37
N MET C 70 8.76 -37.31 -16.14
CA MET C 70 8.38 -36.91 -17.50
C MET C 70 8.24 -38.11 -18.43
N ARG C 71 9.06 -39.15 -18.24
CA ARG C 71 8.97 -40.34 -19.08
C ARG C 71 7.66 -41.09 -18.84
N SER C 72 7.29 -41.24 -17.57
CA SER C 72 6.01 -41.89 -17.27
C SER C 72 4.83 -40.99 -17.58
N LEU C 73 5.02 -39.67 -17.52
CA LEU C 73 3.95 -38.75 -17.93
C LEU C 73 3.69 -38.85 -19.43
N LEU C 74 4.77 -38.92 -20.23
CA LEU C 74 4.64 -39.13 -21.66
C LEU C 74 4.03 -40.49 -21.97
N ARG C 75 4.41 -41.52 -21.20
CA ARG C 75 3.85 -42.86 -21.38
C ARG C 75 2.36 -42.88 -21.07
N ARG C 76 1.94 -42.25 -19.96
CA ARG C 76 0.54 -42.24 -19.57
C ARG C 76 -0.29 -41.36 -20.49
N THR C 77 0.29 -40.27 -21.01
CA THR C 77 -0.39 -39.47 -22.02
C THR C 77 -0.59 -40.25 -23.30
N MET C 78 0.45 -40.98 -23.73
CA MET C 78 0.36 -41.87 -24.90
C MET C 78 -0.74 -42.89 -24.74
N LEU C 79 -0.76 -43.57 -23.59
CA LEU C 79 -1.76 -44.61 -23.35
C LEU C 79 -3.17 -44.02 -23.28
N LYS C 80 -3.37 -43.04 -22.39
CA LYS C 80 -4.68 -42.46 -22.11
C LYS C 80 -5.30 -41.77 -23.32
N HIS C 81 -4.48 -41.12 -24.16
CA HIS C 81 -5.04 -40.35 -25.25
C HIS C 81 -4.92 -41.04 -26.62
N VAL C 82 -4.09 -42.07 -26.77
CA VAL C 82 -3.92 -42.73 -28.06
C VAL C 82 -4.21 -44.21 -27.93
N ILE C 83 -3.53 -44.88 -26.99
CA ILE C 83 -3.42 -46.34 -27.06
C ILE C 83 -4.65 -47.00 -26.47
N GLU C 84 -5.07 -46.54 -25.29
CA GLU C 84 -6.32 -47.04 -24.70
C GLU C 84 -7.56 -46.74 -25.54
N PRO C 85 -7.76 -45.55 -26.17
CA PRO C 85 -8.86 -45.44 -27.15
C PRO C 85 -8.73 -46.39 -28.34
N ALA C 86 -7.51 -46.65 -28.81
CA ALA C 86 -7.32 -47.52 -29.97
C ALA C 86 -7.60 -48.97 -29.62
N LEU C 87 -7.20 -49.41 -28.41
CA LEU C 87 -7.48 -50.78 -27.99
C LEU C 87 -8.94 -50.95 -27.59
N VAL C 88 -9.57 -49.89 -27.08
CA VAL C 88 -10.99 -49.94 -26.73
C VAL C 88 -11.85 -49.99 -27.99
N GLU C 89 -11.52 -49.18 -28.99
CA GLU C 89 -12.39 -49.00 -30.14
C GLU C 89 -12.41 -50.23 -31.06
N LYS C 90 -11.40 -51.10 -30.97
CA LYS C 90 -11.45 -52.38 -31.66
C LYS C 90 -11.83 -53.53 -30.73
N GLY C 91 -12.01 -53.27 -29.43
CA GLY C 91 -12.45 -54.29 -28.50
C GLY C 91 -11.36 -55.16 -27.95
N ASN C 92 -10.11 -54.74 -28.16
CA ASN C 92 -8.97 -55.42 -27.58
C ASN C 92 -8.92 -55.18 -26.07
N LYS C 93 -8.30 -56.11 -25.37
CA LYS C 93 -8.33 -56.15 -23.92
C LYS C 93 -6.96 -56.55 -23.39
N LEU C 94 -6.62 -56.08 -22.20
CA LEU C 94 -5.30 -56.33 -21.61
C LEU C 94 -5.41 -57.17 -20.35
N SER C 95 -4.55 -58.17 -20.25
CA SER C 95 -4.34 -58.88 -18.99
C SER C 95 -3.49 -58.01 -18.06
N ILE C 96 -3.37 -58.45 -16.81
CA ILE C 96 -2.67 -57.67 -15.79
C ILE C 96 -1.17 -57.59 -16.09
N GLY C 97 -0.59 -58.64 -16.67
CA GLY C 97 0.81 -58.57 -17.08
C GLY C 97 1.03 -57.59 -18.21
N ALA C 98 0.16 -57.64 -19.23
CA ALA C 98 0.28 -56.71 -20.35
C ALA C 98 -0.03 -55.28 -19.93
N TYR C 99 -0.99 -55.10 -19.02
CA TYR C 99 -1.32 -53.77 -18.52
C TYR C 99 -0.18 -53.19 -17.71
N ALA C 100 0.42 -53.99 -16.83
CA ALA C 100 1.55 -53.53 -16.04
C ALA C 100 2.77 -53.25 -16.91
N THR C 101 2.99 -54.07 -17.94
CA THR C 101 4.12 -53.87 -18.85
C THR C 101 3.94 -52.60 -19.68
N ALA C 102 2.72 -52.34 -20.16
CA ALA C 102 2.48 -51.17 -20.98
C ALA C 102 2.42 -49.89 -20.17
N TYR C 103 1.85 -49.93 -18.96
CA TYR C 103 1.59 -48.72 -18.19
C TYR C 103 2.66 -48.41 -17.15
N SER C 104 3.53 -49.37 -16.82
CA SER C 104 4.58 -49.12 -15.84
C SER C 104 5.93 -49.73 -16.20
N GLY C 105 6.05 -50.43 -17.33
CA GLY C 105 7.26 -51.16 -17.64
C GLY C 105 7.57 -52.29 -16.68
N ASN C 106 6.55 -52.85 -16.03
CA ASN C 106 6.76 -53.69 -14.86
C ASN C 106 6.73 -55.16 -15.26
N ALA C 107 7.60 -55.94 -14.61
CA ALA C 107 7.90 -57.30 -15.03
C ALA C 107 7.17 -58.37 -14.23
N THR C 108 6.17 -57.98 -13.42
CA THR C 108 5.55 -58.95 -12.51
C THR C 108 4.53 -59.83 -13.23
N GLY C 109 4.23 -59.52 -14.50
CA GLY C 109 3.40 -60.42 -15.28
C GLY C 109 4.10 -61.73 -15.57
N ASN C 110 5.37 -61.68 -15.94
CA ASN C 110 6.21 -62.86 -16.13
C ASN C 110 7.55 -62.59 -15.43
N PRO C 111 7.59 -62.74 -14.11
CA PRO C 111 8.83 -62.39 -13.37
C PRO C 111 9.94 -63.41 -13.53
N ASP C 112 9.70 -64.50 -14.26
CA ASP C 112 10.71 -65.54 -14.46
C ASP C 112 11.83 -65.07 -15.37
N GLY C 113 11.56 -64.08 -16.23
CA GLY C 113 12.56 -63.59 -17.16
C GLY C 113 12.34 -64.18 -18.54
N VAL C 114 11.70 -63.42 -19.42
CA VAL C 114 11.32 -63.98 -20.73
C VAL C 114 12.51 -63.93 -21.66
N PRO C 115 12.93 -65.05 -22.23
CA PRO C 115 13.99 -65.01 -23.26
C PRO C 115 13.47 -64.39 -24.55
N SER C 116 14.33 -63.61 -25.18
CA SER C 116 13.95 -62.88 -26.38
C SER C 116 14.99 -63.09 -27.46
N SER C 117 14.56 -63.62 -28.60
CA SER C 117 15.41 -63.72 -29.77
C SER C 117 15.60 -62.35 -30.39
N PHE C 118 16.60 -62.26 -31.28
CA PHE C 118 16.94 -60.97 -31.87
C PHE C 118 15.89 -60.51 -32.87
N ASP C 119 15.19 -61.47 -33.51
CA ASP C 119 14.13 -61.11 -34.45
C ASP C 119 12.93 -60.52 -33.73
N GLU C 120 12.51 -61.13 -32.62
CA GLU C 120 11.38 -60.58 -31.88
C GLU C 120 11.78 -59.32 -31.12
N ILE C 121 13.06 -59.19 -30.75
CA ILE C 121 13.57 -57.92 -30.23
C ILE C 121 13.47 -56.82 -31.26
N ALA C 122 13.81 -57.14 -32.53
CA ALA C 122 13.71 -56.16 -33.61
C ALA C 122 12.26 -55.78 -33.91
N THR C 123 11.36 -56.75 -33.91
CA THR C 123 9.95 -56.43 -34.15
C THR C 123 9.33 -55.68 -32.97
N MET C 124 9.78 -55.97 -31.76
CA MET C 124 9.24 -55.28 -30.59
C MET C 124 9.79 -53.87 -30.47
N ARG C 125 11.04 -53.66 -30.89
CA ARG C 125 11.58 -52.31 -30.94
C ARG C 125 11.07 -51.50 -32.13
N ALA C 126 10.47 -52.17 -33.12
CA ALA C 126 9.79 -51.49 -34.22
C ALA C 126 8.30 -51.31 -33.97
N HIS C 127 7.80 -51.79 -32.83
CA HIS C 127 6.42 -51.53 -32.44
C HIS C 127 6.26 -50.05 -32.11
N PRO C 128 5.11 -49.44 -32.42
CA PRO C 128 4.93 -48.00 -32.17
C PRO C 128 5.04 -47.57 -30.72
N PHE C 129 4.52 -48.35 -29.77
CA PHE C 129 4.56 -47.99 -28.36
C PHE C 129 5.54 -48.83 -27.56
N ILE C 130 5.62 -50.13 -27.87
CA ILE C 130 6.48 -51.04 -27.11
C ILE C 130 7.95 -50.68 -27.32
N GLY C 131 8.31 -50.32 -28.55
CA GLY C 131 9.68 -49.93 -28.84
C GLY C 131 10.11 -48.62 -28.20
N LEU C 132 9.17 -47.77 -27.82
CA LEU C 132 9.53 -46.52 -27.17
C LEU C 132 10.05 -46.74 -25.75
N PHE C 133 9.36 -47.57 -24.98
CA PHE C 133 9.71 -47.72 -23.57
C PHE C 133 10.32 -49.07 -23.23
N GLY C 134 9.82 -50.14 -23.84
CA GLY C 134 10.39 -51.47 -23.65
C GLY C 134 10.18 -51.99 -22.23
N GLY C 135 11.12 -52.80 -21.78
CA GLY C 135 11.08 -53.29 -20.42
C GLY C 135 10.10 -54.42 -20.23
N GLY C 136 9.45 -54.40 -19.07
CA GLY C 136 8.57 -55.46 -18.67
C GLY C 136 9.37 -56.72 -18.39
N PRO C 137 8.74 -57.88 -18.60
CA PRO C 137 9.46 -59.15 -18.41
C PRO C 137 10.62 -59.37 -19.37
N ARG C 138 10.56 -58.86 -20.59
CA ARG C 138 11.65 -59.06 -21.55
C ARG C 138 12.81 -58.10 -21.33
N MET C 139 12.63 -57.10 -20.46
CA MET C 139 13.66 -56.16 -20.01
C MET C 139 14.23 -55.35 -21.19
N LEU C 140 13.37 -55.04 -22.15
CA LEU C 140 13.80 -54.49 -23.43
C LEU C 140 14.17 -53.02 -23.30
N GLU C 141 15.20 -52.61 -24.06
CA GLU C 141 15.62 -51.22 -24.11
C GLU C 141 14.76 -50.44 -25.09
N GLY C 142 14.20 -49.33 -24.62
CA GLY C 142 13.38 -48.51 -25.49
C GLY C 142 14.19 -47.60 -26.39
N ARG C 143 13.52 -47.11 -27.44
CA ARG C 143 14.11 -46.16 -28.36
C ARG C 143 14.11 -44.73 -27.82
N LEU C 144 13.46 -44.49 -26.69
CA LEU C 144 13.17 -43.15 -26.21
C LEU C 144 14.07 -42.81 -25.03
N MET C 145 14.79 -41.70 -25.15
CA MET C 145 15.42 -41.03 -24.01
C MET C 145 14.57 -39.81 -23.69
N VAL C 146 14.17 -39.69 -22.43
CA VAL C 146 13.37 -38.56 -21.97
C VAL C 146 14.21 -37.79 -20.97
N ASP C 147 14.58 -36.56 -21.31
CA ASP C 147 15.38 -35.78 -20.39
C ASP C 147 14.50 -35.25 -19.25
N SER C 148 15.15 -34.73 -18.23
CA SER C 148 14.45 -33.99 -17.19
C SER C 148 13.86 -32.70 -17.76
N LEU C 149 12.78 -32.25 -17.16
CA LEU C 149 12.19 -30.97 -17.53
C LEU C 149 13.05 -29.89 -16.88
N TYR C 150 13.95 -29.29 -17.68
CA TYR C 150 14.91 -28.34 -17.15
C TYR C 150 14.38 -26.92 -17.31
N PRO C 151 14.28 -26.15 -16.24
CA PRO C 151 13.85 -24.75 -16.38
C PRO C 151 14.88 -23.93 -17.13
N ILE C 152 14.40 -23.00 -17.95
CA ILE C 152 15.32 -22.12 -18.67
C ILE C 152 15.81 -21.10 -17.66
N HIS C 153 16.98 -21.39 -17.08
CA HIS C 153 17.48 -20.67 -15.93
C HIS C 153 19.00 -20.59 -16.04
N THR C 154 19.59 -19.58 -15.39
CA THR C 154 21.04 -19.39 -15.43
C THR C 154 21.80 -20.50 -14.71
N ASN C 155 21.15 -21.22 -13.79
CA ASN C 155 21.75 -22.40 -13.19
C ASN C 155 21.79 -23.59 -14.14
N ALA C 156 20.95 -23.59 -15.17
CA ALA C 156 20.79 -24.72 -16.07
C ALA C 156 21.61 -24.60 -17.34
N GLU C 157 22.46 -23.56 -17.45
CA GLU C 157 23.02 -23.12 -18.73
C GLU C 157 23.90 -24.19 -19.37
N ARG C 158 24.75 -24.84 -18.57
CA ARG C 158 25.62 -25.89 -19.08
C ARG C 158 24.79 -27.08 -19.57
N ILE C 159 23.66 -27.33 -18.91
CA ILE C 159 22.69 -28.29 -19.42
C ILE C 159 22.08 -27.78 -20.72
N LEU C 160 21.68 -26.52 -20.75
CA LEU C 160 20.93 -26.01 -21.90
C LEU C 160 21.84 -25.73 -23.09
N GLY C 161 23.06 -25.28 -22.84
CA GLY C 161 23.92 -24.85 -23.91
C GLY C 161 23.53 -23.47 -24.42
N ALA C 162 23.95 -23.20 -25.65
CA ALA C 162 23.68 -21.92 -26.29
C ALA C 162 22.24 -21.89 -26.81
N GLY C 163 21.79 -20.69 -27.17
CA GLY C 163 20.46 -20.50 -27.72
C GLY C 163 19.38 -20.22 -26.70
N TYR C 164 19.73 -19.91 -25.46
CA TYR C 164 18.75 -19.67 -24.41
C TYR C 164 19.06 -18.45 -23.57
N GLU C 165 19.91 -17.54 -24.06
CA GLU C 165 20.27 -16.36 -23.29
C GLU C 165 19.08 -15.40 -23.17
N ASN C 166 18.29 -15.28 -24.22
CA ASN C 166 17.06 -14.51 -24.12
C ASN C 166 15.96 -15.32 -23.43
N GLU C 167 15.06 -14.61 -22.74
CA GLU C 167 13.98 -15.19 -21.92
C GLU C 167 14.54 -16.17 -20.87
N MET C 168 15.70 -15.84 -20.30
CA MET C 168 16.40 -16.70 -19.38
C MET C 168 16.11 -16.23 -17.96
N MET C 169 15.50 -17.11 -17.17
CA MET C 169 15.11 -16.77 -15.81
C MET C 169 16.33 -16.72 -14.90
N SER C 170 16.35 -15.78 -13.97
CA SER C 170 17.44 -15.65 -13.02
C SER C 170 16.88 -15.50 -11.62
N GLY C 171 17.72 -15.82 -10.63
CA GLY C 171 17.33 -15.75 -9.25
C GLY C 171 16.61 -17.00 -8.78
N PRO C 172 15.95 -16.92 -7.63
CA PRO C 172 15.23 -18.09 -7.11
C PRO C 172 13.94 -18.35 -7.87
N ILE C 173 13.70 -19.63 -8.16
CA ILE C 173 12.50 -20.06 -8.84
C ILE C 173 11.51 -20.76 -7.92
N THR C 174 11.77 -20.78 -6.63
CA THR C 174 10.92 -21.48 -5.69
C THR C 174 10.19 -20.51 -4.76
N GLN C 175 9.07 -21.00 -4.23
CA GLN C 175 8.38 -20.31 -3.15
C GLN C 175 7.69 -21.35 -2.29
N VAL C 176 7.73 -21.16 -0.99
CA VAL C 176 7.06 -22.05 -0.05
C VAL C 176 5.60 -21.67 0.05
N VAL C 177 4.72 -22.62 -0.29
CA VAL C 177 3.28 -22.44 -0.18
C VAL C 177 2.82 -23.18 1.07
N TRP C 178 2.11 -22.46 1.94
CA TRP C 178 1.66 -23.02 3.21
C TRP C 178 0.25 -23.57 3.07
N ALA C 179 0.06 -24.81 3.53
CA ALA C 179 -1.25 -25.45 3.48
C ALA C 179 -1.59 -26.00 4.85
N ARG C 180 -2.84 -25.80 5.25
CA ARG C 180 -3.29 -26.30 6.54
C ARG C 180 -4.57 -27.10 6.36
N ARG C 181 -4.75 -28.09 7.23
CA ARG C 181 -6.00 -28.81 7.36
C ARG C 181 -6.68 -28.39 8.65
N MET C 182 -7.89 -27.86 8.53
CA MET C 182 -8.66 -27.40 9.67
C MET C 182 -9.54 -28.54 10.16
N ASP C 183 -9.68 -28.65 11.48
CA ASP C 183 -10.64 -29.57 12.03
C ASP C 183 -12.03 -28.96 11.84
N PRO C 184 -12.91 -29.57 11.04
CA PRO C 184 -14.17 -28.91 10.70
C PRO C 184 -15.23 -29.02 11.77
N ILE C 185 -15.00 -29.84 12.80
CA ILE C 185 -15.92 -29.89 13.94
C ILE C 185 -15.82 -28.59 14.73
N LEU C 186 -14.64 -27.95 14.71
CA LEU C 186 -14.49 -26.63 15.29
C LEU C 186 -15.29 -25.56 14.54
N ASN C 187 -15.56 -25.79 13.26
CA ASN C 187 -16.36 -24.85 12.46
C ASN C 187 -17.86 -25.13 12.54
N LEU C 188 -18.28 -26.11 13.31
CA LEU C 188 -19.70 -26.30 13.58
C LEU C 188 -20.19 -25.17 14.47
N GLY C 189 -21.12 -24.38 13.96
CA GLY C 189 -21.50 -23.16 14.64
C GLY C 189 -22.98 -23.01 14.99
N SER C 190 -23.80 -23.94 14.55
CA SER C 190 -25.25 -23.83 14.78
C SER C 190 -25.84 -25.22 14.81
N SER C 191 -27.13 -25.30 15.16
CA SER C 191 -27.83 -26.57 15.14
C SER C 191 -28.06 -27.05 13.71
N GLU C 192 -28.18 -26.13 12.76
CA GLU C 192 -28.30 -26.50 11.35
C GLU C 192 -27.01 -27.09 10.81
N ASP C 193 -25.87 -26.69 11.38
CA ASP C 193 -24.58 -27.20 10.92
C ASP C 193 -24.39 -28.66 11.32
N VAL C 194 -24.91 -29.04 12.50
CA VAL C 194 -24.68 -30.37 13.05
C VAL C 194 -25.83 -31.33 12.81
N GLU C 195 -26.94 -30.85 12.23
CA GLU C 195 -28.15 -31.66 12.08
C GLU C 195 -27.93 -32.80 11.08
N VAL C 196 -27.00 -32.65 10.14
CA VAL C 196 -26.64 -33.74 9.27
C VAL C 196 -25.87 -34.84 10.02
N ILE C 197 -25.18 -34.52 11.11
CA ILE C 197 -24.33 -35.49 11.81
C ILE C 197 -25.19 -36.40 12.66
N ASN C 198 -24.90 -37.71 12.58
CA ASN C 198 -25.50 -38.68 13.49
C ASN C 198 -25.01 -38.43 14.91
N GLY C 199 -25.93 -38.34 15.85
CA GLY C 199 -25.62 -37.90 17.20
C GLY C 199 -25.76 -36.41 17.41
N GLY C 200 -25.38 -35.60 16.42
CA GLY C 200 -25.59 -34.17 16.50
C GLY C 200 -24.65 -33.50 17.47
N ALA C 201 -25.24 -32.75 18.41
CA ALA C 201 -24.46 -31.99 19.38
C ALA C 201 -23.69 -32.89 20.33
N VAL C 202 -24.22 -34.08 20.63
CA VAL C 202 -23.53 -35.03 21.50
C VAL C 202 -22.26 -35.55 20.82
N ALA C 203 -22.35 -35.91 19.55
CA ALA C 203 -21.18 -36.40 18.81
C ALA C 203 -20.16 -35.27 18.59
N ALA C 204 -20.66 -34.05 18.31
CA ALA C 204 -19.78 -32.90 18.15
C ALA C 204 -19.03 -32.59 19.44
N ASN C 205 -19.73 -32.60 20.58
CA ASN C 205 -19.08 -32.35 21.86
C ASN C 205 -18.15 -33.48 22.27
N GLY C 206 -18.46 -34.72 21.85
CA GLY C 206 -17.53 -35.81 22.05
C GLY C 206 -16.24 -35.62 21.27
N TRP C 207 -16.35 -35.11 20.04
CA TRP C 207 -15.17 -34.79 19.26
C TRP C 207 -14.36 -33.66 19.90
N ILE C 208 -15.05 -32.65 20.45
CA ILE C 208 -14.36 -31.54 21.13
C ILE C 208 -13.63 -32.05 22.37
N GLN C 209 -14.29 -32.91 23.17
CA GLN C 209 -13.65 -33.43 24.37
C GLN C 209 -12.49 -34.36 24.03
N ASP C 210 -12.61 -35.11 22.93
CA ASP C 210 -11.49 -35.91 22.44
C ASP C 210 -10.31 -35.04 22.01
N LEU C 211 -10.61 -33.92 21.34
CA LEU C 211 -9.55 -33.01 20.92
C LEU C 211 -8.85 -32.35 22.11
N LEU C 212 -9.62 -31.94 23.12
CA LEU C 212 -9.02 -31.37 24.33
C LEU C 212 -8.22 -32.41 25.10
N ALA C 213 -8.72 -33.65 25.18
CA ALA C 213 -7.98 -34.70 25.86
C ALA C 213 -6.67 -35.03 25.14
N ASN C 214 -6.71 -35.06 23.80
CA ASN C 214 -5.50 -35.32 23.03
C ASN C 214 -4.50 -34.18 23.15
N SER C 215 -4.99 -32.93 23.15
CA SER C 215 -4.10 -31.78 23.32
C SER C 215 -3.47 -31.74 24.71
N LYS C 216 -4.25 -32.07 25.74
CA LYS C 216 -3.73 -32.12 27.10
C LYS C 216 -2.72 -33.25 27.26
N ALA C 217 -2.98 -34.41 26.63
CA ALA C 217 -2.03 -35.51 26.66
C ALA C 217 -0.74 -35.17 25.92
N ALA C 218 -0.84 -34.47 24.79
CA ALA C 218 0.35 -34.05 24.05
C ALA C 218 1.15 -33.01 24.83
N ALA C 219 0.46 -32.09 25.52
CA ALA C 219 1.16 -31.09 26.32
C ALA C 219 1.81 -31.72 27.54
N SER C 220 1.19 -32.75 28.11
CA SER C 220 1.80 -33.44 29.24
C SER C 220 2.98 -34.31 28.79
N LYS C 221 2.89 -34.88 27.60
CA LYS C 221 3.97 -35.73 27.10
C LYS C 221 5.17 -34.89 26.68
N LYS C 222 4.93 -33.71 26.09
CA LYS C 222 6.02 -32.86 25.62
C LYS C 222 6.79 -32.22 26.76
N LYS C 223 6.23 -32.17 27.97
CA LYS C 223 6.95 -31.67 29.14
C LYS C 223 7.71 -32.82 29.79
N ASN C 239 -1.75 -42.09 20.57
CA ASN C 239 -0.89 -41.41 19.61
C ASN C 239 -1.66 -41.05 18.35
N GLY C 240 -2.98 -40.90 18.49
CA GLY C 240 -3.79 -40.52 17.35
C GLY C 240 -3.60 -39.06 17.01
N ARG C 241 -3.46 -38.78 15.71
CA ARG C 241 -3.23 -37.43 15.21
C ARG C 241 -4.56 -36.76 14.91
N GLY C 242 -4.67 -35.50 15.29
CA GLY C 242 -5.87 -34.73 15.00
C GLY C 242 -5.88 -34.26 13.56
N LEU C 243 -7.03 -33.70 13.16
CA LEU C 243 -7.19 -33.22 11.80
C LEU C 243 -6.50 -31.89 11.56
N LYS C 244 -6.22 -31.14 12.62
CA LYS C 244 -5.56 -29.85 12.46
C LYS C 244 -4.09 -30.06 12.14
N ALA C 245 -3.67 -29.60 10.97
CA ALA C 245 -2.28 -29.69 10.57
C ALA C 245 -1.89 -28.40 9.88
N PHE C 246 -0.64 -27.98 10.05
CA PHE C 246 -0.08 -26.81 9.39
C PHE C 246 1.26 -27.19 8.81
N ASN C 247 1.33 -27.27 7.48
CA ASN C 247 2.55 -27.73 6.84
C ASN C 247 2.85 -26.84 5.65
N ALA C 248 3.97 -27.10 5.03
CA ALA C 248 4.46 -26.29 3.92
C ALA C 248 4.91 -27.20 2.79
N HIS C 249 4.86 -26.68 1.58
CA HIS C 249 5.43 -27.36 0.42
C HIS C 249 6.05 -26.33 -0.49
N GLU C 250 7.32 -26.55 -0.83
CA GLU C 250 8.06 -25.63 -1.71
C GLU C 250 7.76 -26.01 -3.14
N VAL C 251 7.30 -25.03 -3.93
CA VAL C 251 6.96 -25.25 -5.33
C VAL C 251 7.89 -24.41 -6.19
N VAL C 252 8.00 -24.80 -7.45
CA VAL C 252 8.60 -23.98 -8.48
C VAL C 252 7.54 -23.00 -8.95
N ILE C 253 7.91 -21.72 -9.06
CA ILE C 253 6.92 -20.66 -9.26
C ILE C 253 6.30 -20.76 -10.65
N PRO C 254 5.04 -20.40 -10.83
CA PRO C 254 4.41 -20.53 -12.14
C PRO C 254 4.87 -19.46 -13.11
N GLY C 255 4.69 -19.75 -14.40
CA GLY C 255 4.93 -18.78 -15.44
C GLY C 255 6.31 -18.79 -16.06
N LEU C 256 7.23 -19.60 -15.57
CA LEU C 256 8.57 -19.64 -16.13
C LEU C 256 8.66 -20.64 -17.27
N LYS C 257 9.71 -20.53 -18.06
CA LYS C 257 9.86 -21.36 -19.23
C LYS C 257 10.79 -22.54 -18.94
N TRP C 258 10.37 -23.73 -19.39
CA TRP C 258 11.17 -24.93 -19.28
C TRP C 258 11.44 -25.48 -20.68
N VAL C 259 12.49 -26.29 -20.79
CA VAL C 259 12.77 -27.07 -21.97
C VAL C 259 12.75 -28.54 -21.56
N TRP C 260 12.55 -29.42 -22.55
CA TRP C 260 12.36 -30.85 -22.32
C TRP C 260 12.82 -31.59 -23.56
N ARG C 261 13.86 -32.40 -23.44
CA ARG C 261 14.45 -33.08 -24.59
C ARG C 261 14.00 -34.54 -24.62
N ILE C 262 13.40 -34.95 -25.73
CA ILE C 262 13.03 -36.32 -25.99
C ILE C 262 13.83 -36.77 -27.21
N SER C 263 14.85 -37.58 -27.00
CA SER C 263 15.67 -38.08 -28.09
C SER C 263 15.18 -39.47 -28.49
N LEU C 264 15.27 -39.77 -29.77
CA LEU C 264 14.86 -41.05 -30.31
C LEU C 264 16.05 -41.72 -30.98
N ASP C 265 16.41 -42.91 -30.50
CA ASP C 265 17.56 -43.65 -31.02
C ASP C 265 17.08 -44.52 -32.16
N ARG C 266 17.21 -44.00 -33.38
CA ARG C 266 16.84 -44.60 -34.66
C ARG C 266 15.40 -45.10 -34.70
N PRO C 267 14.41 -44.21 -34.75
CA PRO C 267 13.02 -44.64 -34.67
C PRO C 267 12.39 -44.92 -36.03
N THR C 268 11.25 -45.59 -35.98
CA THR C 268 10.33 -45.58 -37.11
C THR C 268 9.54 -44.27 -37.10
N ASP C 269 8.92 -43.96 -38.23
CA ASP C 269 8.11 -42.75 -38.31
C ASP C 269 6.83 -42.86 -37.48
N ALA C 270 6.36 -44.08 -37.26
CA ALA C 270 5.20 -44.29 -36.40
C ALA C 270 5.52 -43.94 -34.94
N GLN C 271 6.75 -44.21 -34.51
CA GLN C 271 7.13 -43.87 -33.14
C GLN C 271 7.25 -42.36 -32.94
N VAL C 272 7.81 -41.66 -33.94
CA VAL C 272 7.86 -40.20 -33.90
C VAL C 272 6.44 -39.63 -33.92
N GLY C 273 5.56 -40.24 -34.72
CA GLY C 273 4.17 -39.82 -34.74
C GLY C 273 3.46 -40.06 -33.42
N LEU C 274 3.84 -41.13 -32.71
CA LEU C 274 3.24 -41.39 -31.41
C LEU C 274 3.70 -40.40 -30.36
N VAL C 275 4.99 -40.02 -30.39
CA VAL C 275 5.47 -38.98 -29.49
C VAL C 275 4.82 -37.63 -29.82
N LEU C 276 4.63 -37.36 -31.12
CA LEU C 276 3.99 -36.13 -31.56
C LEU C 276 2.51 -36.10 -31.16
N LEU C 277 1.82 -37.23 -31.24
CA LEU C 277 0.42 -37.31 -30.82
C LEU C 277 0.29 -37.23 -29.31
N ALA C 278 1.30 -37.72 -28.58
CA ALA C 278 1.33 -37.55 -27.13
C ALA C 278 1.50 -36.09 -26.76
N LEU C 279 2.41 -35.39 -27.45
CA LEU C 279 2.63 -33.96 -27.18
C LEU C 279 1.45 -33.13 -27.64
N ASN C 280 0.69 -33.60 -28.64
CA ASN C 280 -0.51 -32.89 -29.08
C ASN C 280 -1.61 -32.93 -28.03
N LYS C 281 -1.67 -34.00 -27.23
CA LYS C 281 -2.68 -34.16 -26.19
C LYS C 281 -2.10 -34.02 -24.79
N MET C 282 -0.96 -33.34 -24.63
CA MET C 282 -0.27 -33.34 -23.36
C MET C 282 -0.70 -32.17 -22.46
N THR C 283 -1.32 -31.13 -23.04
CA THR C 283 -1.75 -29.99 -22.25
C THR C 283 -2.92 -30.31 -21.33
N ASN C 284 -3.62 -31.41 -21.59
CA ASN C 284 -4.66 -31.87 -20.67
C ASN C 284 -4.07 -32.63 -19.48
N GLU C 285 -2.77 -32.92 -19.50
CA GLU C 285 -2.11 -33.64 -18.42
C GLU C 285 -1.44 -32.66 -17.46
N ARG C 286 -0.92 -33.20 -16.36
CA ARG C 286 -0.27 -32.41 -15.33
C ARG C 286 1.15 -32.92 -15.11
N ILE C 287 2.09 -31.98 -15.01
CA ILE C 287 3.50 -32.31 -14.80
C ILE C 287 3.76 -32.39 -13.31
N ALA C 288 4.05 -33.60 -12.83
CA ALA C 288 4.69 -33.88 -11.54
C ALA C 288 3.86 -33.36 -10.36
N GLY C 289 2.72 -34.01 -10.14
CA GLY C 289 2.06 -33.95 -8.86
C GLY C 289 1.39 -32.64 -8.51
N GLY C 290 1.10 -32.51 -7.22
CA GLY C 290 0.33 -31.40 -6.69
C GLY C 290 -1.09 -31.37 -7.21
N HIS C 291 -1.73 -32.55 -7.27
CA HIS C 291 -2.89 -32.75 -8.11
C HIS C 291 -4.12 -31.98 -7.62
N SER C 292 -4.37 -31.99 -6.31
CA SER C 292 -5.57 -31.33 -5.80
C SER C 292 -5.46 -29.80 -5.90
N LYS C 293 -4.23 -29.28 -5.89
CA LYS C 293 -3.99 -27.85 -6.05
C LYS C 293 -3.75 -27.46 -7.51
N ASP C 294 -4.11 -28.34 -8.45
CA ASP C 294 -4.00 -28.13 -9.91
C ASP C 294 -2.57 -27.83 -10.36
N TYR C 295 -1.59 -28.36 -9.64
CA TYR C 295 -0.20 -28.05 -9.93
C TYR C 295 0.26 -28.79 -11.18
N GLY C 296 1.17 -28.17 -11.93
CA GLY C 296 1.74 -28.78 -13.10
C GLY C 296 0.99 -28.56 -14.40
N ARG C 297 -0.09 -27.80 -14.38
CA ARG C 297 -0.76 -27.42 -15.61
C ARG C 297 0.11 -26.45 -16.41
N PHE C 298 0.25 -26.71 -17.70
CA PHE C 298 1.23 -26.03 -18.52
C PHE C 298 0.69 -25.88 -19.93
N VAL C 299 1.30 -24.98 -20.69
CA VAL C 299 1.06 -24.88 -22.12
C VAL C 299 2.38 -25.16 -22.82
N ILE C 300 2.29 -25.65 -24.05
CA ILE C 300 3.48 -25.90 -24.86
C ILE C 300 3.73 -24.69 -25.73
N ASP C 301 4.89 -24.05 -25.55
CA ASP C 301 5.24 -22.87 -26.30
C ASP C 301 5.94 -23.20 -27.61
N GLY C 302 6.60 -24.35 -27.67
CA GLY C 302 7.26 -24.75 -28.90
C GLY C 302 7.66 -26.21 -28.92
N VAL C 303 7.73 -26.80 -30.11
CA VAL C 303 8.24 -28.14 -30.33
C VAL C 303 9.18 -28.06 -31.52
N SER C 304 10.42 -28.50 -31.33
CA SER C 304 11.40 -28.52 -32.41
C SER C 304 11.78 -29.95 -32.72
N LEU C 305 11.57 -30.34 -33.98
CA LEU C 305 11.95 -31.66 -34.48
C LEU C 305 13.28 -31.52 -35.21
N ASN C 306 14.36 -31.92 -34.53
CA ASN C 306 15.75 -31.75 -35.00
C ASN C 306 16.06 -30.29 -35.33
N GLY C 307 15.55 -29.38 -34.51
CA GLY C 307 15.78 -27.96 -34.67
C GLY C 307 14.76 -27.21 -35.50
N GLU C 308 13.82 -27.92 -36.15
CA GLU C 308 12.79 -27.28 -36.97
C GLU C 308 11.58 -27.04 -36.07
N GLN C 309 11.26 -25.77 -35.84
CA GLN C 309 10.16 -25.41 -34.93
C GLN C 309 8.85 -25.74 -35.61
N VAL C 310 8.05 -26.60 -34.97
CA VAL C 310 7.01 -27.33 -35.70
C VAL C 310 5.66 -27.17 -34.99
N TRP C 311 5.66 -26.48 -33.85
CA TRP C 311 4.45 -26.31 -33.04
C TRP C 311 3.76 -25.00 -33.39
N SER C 312 2.43 -25.03 -33.41
CA SER C 312 1.59 -23.84 -33.56
C SER C 312 0.55 -23.81 -32.46
N GLN C 313 -0.41 -22.91 -32.59
CA GLN C 313 -1.51 -22.85 -31.62
C GLN C 313 -2.44 -24.04 -31.77
N SER C 314 -2.62 -24.54 -32.99
CA SER C 314 -3.48 -25.69 -33.25
C SER C 314 -2.67 -26.99 -33.23
N GLY C 315 -1.96 -27.20 -32.14
CA GLY C 315 -1.17 -28.42 -32.00
C GLY C 315 0.10 -28.35 -32.81
N ILE C 316 0.43 -29.46 -33.47
CA ILE C 316 1.63 -29.56 -34.29
C ILE C 316 1.22 -29.58 -35.75
N THR C 317 1.58 -28.54 -36.49
CA THR C 317 1.44 -28.53 -37.93
C THR C 317 2.67 -29.20 -38.55
N GLY C 318 2.57 -29.64 -39.80
CA GLY C 318 3.69 -30.31 -40.43
C GLY C 318 3.91 -31.70 -39.86
N GLY C 319 5.06 -32.29 -40.22
CA GLY C 319 5.39 -33.64 -39.81
C GLY C 319 4.41 -34.68 -40.33
N GLU C 320 4.09 -34.57 -41.63
CA GLU C 320 2.98 -35.34 -42.20
C GLU C 320 3.30 -36.83 -42.25
N GLN C 321 4.55 -37.19 -42.51
CA GLN C 321 4.93 -38.61 -42.60
C GLN C 321 4.82 -39.30 -41.25
N TYR C 322 5.15 -38.60 -40.16
CA TYR C 322 5.05 -39.18 -38.83
C TYR C 322 3.59 -39.40 -38.43
N PHE C 323 2.73 -38.42 -38.70
CA PHE C 323 1.32 -38.55 -38.35
C PHE C 323 0.61 -39.60 -39.20
N ASP C 324 0.93 -39.68 -40.49
CA ASP C 324 0.34 -40.73 -41.31
C ASP C 324 0.83 -42.11 -40.91
N ALA C 325 2.12 -42.24 -40.57
CA ALA C 325 2.66 -43.52 -40.12
C ALA C 325 2.05 -43.96 -38.80
N VAL C 326 1.85 -43.02 -37.88
CA VAL C 326 1.23 -43.41 -36.61
C VAL C 326 -0.27 -43.64 -36.79
N ALA C 327 -0.88 -43.06 -37.83
CA ALA C 327 -2.27 -43.37 -38.15
C ALA C 327 -2.42 -44.81 -38.63
N GLU C 328 -1.54 -45.24 -39.54
CA GLU C 328 -1.55 -46.65 -39.95
C GLU C 328 -1.07 -47.59 -38.84
N ALA C 329 -0.28 -47.08 -37.89
CA ALA C 329 0.13 -47.90 -36.76
C ALA C 329 -1.03 -48.14 -35.80
N ILE C 330 -1.80 -47.09 -35.52
CA ILE C 330 -2.96 -47.18 -34.64
C ILE C 330 -4.09 -47.97 -35.30
N ASP C 331 -4.25 -47.86 -36.63
CA ASP C 331 -5.19 -48.71 -37.35
C ASP C 331 -4.83 -50.19 -37.28
N GLY C 332 -3.55 -50.51 -37.03
CA GLY C 332 -3.14 -51.89 -36.86
C GLY C 332 -2.68 -52.21 -35.44
N LEU C 333 -3.04 -51.36 -34.48
CA LEU C 333 -2.60 -51.53 -33.09
C LEU C 333 -3.59 -52.44 -32.36
N SER C 334 -3.13 -53.64 -32.03
CA SER C 334 -3.92 -54.60 -31.27
C SER C 334 -3.21 -54.93 -29.96
N SER C 335 -3.94 -55.56 -29.05
CA SER C 335 -3.37 -55.96 -27.77
C SER C 335 -2.56 -57.24 -27.85
N LYS C 336 -2.60 -57.94 -29.00
CA LYS C 336 -1.85 -59.18 -29.15
C LYS C 336 -0.35 -58.94 -29.07
N GLU C 337 0.12 -57.82 -29.65
CA GLU C 337 1.52 -57.44 -29.54
C GLU C 337 1.90 -57.12 -28.10
N PHE C 338 0.98 -56.49 -27.35
CA PHE C 338 1.24 -56.19 -25.94
C PHE C 338 1.32 -57.45 -25.09
N GLU C 339 0.40 -58.39 -25.34
CA GLU C 339 0.38 -59.63 -24.56
C GLU C 339 1.57 -60.52 -24.90
N GLN C 340 1.99 -60.52 -26.17
CA GLN C 340 3.18 -61.28 -26.54
C GLN C 340 4.47 -60.57 -26.15
N PHE C 341 4.42 -59.26 -25.92
CA PHE C 341 5.57 -58.56 -25.37
C PHE C 341 5.70 -58.82 -23.88
N ALA C 342 4.58 -58.96 -23.18
CA ALA C 342 4.63 -59.24 -21.75
C ALA C 342 4.90 -60.72 -21.48
N GLN C 343 3.98 -61.60 -21.89
CA GLN C 343 4.09 -63.01 -21.52
C GLN C 343 5.02 -63.78 -22.46
N SER C 344 4.63 -63.91 -23.72
CA SER C 344 5.37 -64.72 -24.69
C SER C 344 4.99 -64.35 -26.12
N MET D 1 -12.57 -31.52 -18.12
CA MET D 1 -13.43 -30.34 -18.20
C MET D 1 -12.70 -29.11 -17.67
N GLN D 2 -12.64 -28.06 -18.49
CA GLN D 2 -11.98 -26.81 -18.14
C GLN D 2 -13.04 -25.77 -17.80
N ILE D 3 -12.96 -25.23 -16.59
CA ILE D 3 -13.88 -24.20 -16.11
C ILE D 3 -13.02 -23.00 -15.72
N GLU D 4 -13.41 -21.82 -16.18
CA GLU D 4 -12.68 -20.61 -15.87
C GLU D 4 -13.66 -19.59 -15.29
N VAL D 5 -13.48 -19.28 -14.01
CA VAL D 5 -14.36 -18.40 -13.27
C VAL D 5 -13.65 -17.07 -13.07
N THR D 6 -14.07 -16.05 -13.82
CA THR D 6 -13.61 -14.69 -13.59
C THR D 6 -14.60 -14.03 -12.63
N VAL D 7 -14.08 -13.65 -11.46
CA VAL D 7 -14.88 -13.02 -10.42
C VAL D 7 -14.41 -11.59 -10.23
N ARG D 8 -15.17 -10.82 -9.46
CA ARG D 8 -14.77 -9.47 -9.08
C ARG D 8 -15.05 -9.30 -7.59
N ASN D 9 -13.99 -9.14 -6.80
CA ASN D 9 -14.16 -8.87 -5.38
C ASN D 9 -14.61 -7.42 -5.20
N ILE D 10 -15.68 -7.23 -4.43
CA ILE D 10 -16.15 -5.89 -4.10
C ILE D 10 -15.80 -5.49 -2.69
N THR D 11 -15.08 -6.35 -1.96
CA THR D 11 -14.47 -6.08 -0.69
C THR D 11 -13.00 -6.48 -0.81
N PRO D 12 -12.13 -5.98 0.09
CA PRO D 12 -10.73 -6.41 0.06
C PRO D 12 -10.55 -7.90 0.28
N ILE D 13 -9.49 -8.45 -0.30
CA ILE D 13 -9.13 -9.85 -0.18
C ILE D 13 -8.02 -9.99 0.85
N PHE D 14 -8.24 -10.82 1.85
CA PHE D 14 -7.27 -11.02 2.93
C PHE D 14 -7.09 -12.51 3.17
N SER D 15 -6.11 -13.11 2.50
CA SER D 15 -5.64 -14.46 2.80
C SER D 15 -4.30 -14.29 3.51
N ALA D 16 -4.30 -14.45 4.83
CA ALA D 16 -3.17 -14.04 5.65
C ALA D 16 -1.95 -14.92 5.42
N ALA D 17 -0.85 -14.30 5.00
CA ALA D 17 0.39 -15.05 4.81
C ALA D 17 1.03 -15.33 6.16
N PRO D 18 1.35 -16.59 6.47
CA PRO D 18 2.06 -16.89 7.72
C PRO D 18 3.47 -16.30 7.73
N GLY D 19 3.91 -15.93 8.92
CA GLY D 19 5.21 -15.30 9.08
C GLY D 19 5.14 -14.19 10.10
N SER D 20 6.31 -13.68 10.44
CA SER D 20 6.46 -12.60 11.42
C SER D 20 6.90 -11.35 10.65
N ASN D 21 5.93 -10.61 10.13
CA ASN D 21 6.19 -9.41 9.34
C ASN D 21 5.85 -8.17 10.15
N TYR D 22 6.59 -7.09 9.92
CA TYR D 22 6.40 -5.83 10.62
C TYR D 22 6.38 -4.68 9.63
N ILE D 23 5.93 -3.52 10.11
CA ILE D 23 5.79 -2.33 9.27
C ILE D 23 5.95 -1.09 10.14
N THR D 24 6.57 -0.06 9.59
CA THR D 24 6.61 1.24 10.27
C THR D 24 5.25 1.92 10.15
N ILE D 25 5.11 3.04 10.87
CA ILE D 25 3.89 3.83 10.79
C ILE D 25 3.77 4.51 9.42
N ASP D 26 4.89 4.75 8.73
CA ASP D 26 4.86 5.37 7.42
C ASP D 26 4.45 4.41 6.31
N GLY D 27 4.57 3.10 6.52
CA GLY D 27 4.16 2.12 5.54
C GLY D 27 5.26 1.33 4.86
N THR D 28 6.41 1.16 5.51
CA THR D 28 7.51 0.40 4.93
C THR D 28 7.51 -1.03 5.44
N ILE D 29 7.49 -1.98 4.51
CA ILE D 29 7.36 -3.40 4.86
C ILE D 29 8.70 -3.91 5.38
N ASN D 30 8.67 -4.53 6.56
CA ASN D 30 9.82 -5.13 7.23
C ASN D 30 11.01 -4.17 7.40
N PRO D 31 10.91 -3.23 8.34
CA PRO D 31 11.96 -2.21 8.46
C PRO D 31 13.19 -2.79 9.13
N PRO D 32 14.35 -2.14 8.99
CA PRO D 32 15.50 -2.51 9.80
C PRO D 32 15.24 -2.23 11.26
N PRO D 33 15.86 -3.01 12.17
CA PRO D 33 15.56 -2.85 13.60
C PRO D 33 16.10 -1.54 14.16
N GLY D 34 15.41 -1.05 15.20
CA GLY D 34 15.73 0.23 15.80
C GLY D 34 14.57 1.21 15.72
N VAL D 35 13.91 1.24 14.55
CA VAL D 35 12.74 2.08 14.39
C VAL D 35 11.51 1.32 14.89
N SER D 36 10.52 2.08 15.37
CA SER D 36 9.30 1.47 15.92
C SER D 36 8.50 0.79 14.81
N ARG D 37 8.13 -0.47 15.06
CA ARG D 37 7.43 -1.28 14.07
C ARG D 37 6.24 -1.96 14.72
N PHE D 38 5.19 -2.15 13.92
CA PHE D 38 3.91 -2.74 14.26
C PHE D 38 3.74 -4.04 13.49
N PRO D 39 3.00 -5.01 14.04
CA PRO D 39 2.84 -6.29 13.34
C PRO D 39 1.97 -6.13 12.10
N LEU D 40 2.51 -6.57 10.97
CA LEU D 40 1.80 -6.60 9.70
C LEU D 40 1.52 -8.04 9.32
N VAL D 41 0.27 -8.33 8.98
CA VAL D 41 -0.12 -9.66 8.53
C VAL D 41 -0.38 -9.55 7.05
N ARG D 42 0.62 -9.90 6.24
CA ARG D 42 0.54 -9.73 4.80
C ARG D 42 -0.45 -10.70 4.18
N THR D 43 -1.02 -10.30 3.04
CA THR D 43 -1.86 -11.19 2.27
C THR D 43 -1.00 -12.25 1.57
N ARG D 44 -1.64 -13.35 1.18
CA ARG D 44 -0.93 -14.44 0.54
C ARG D 44 -0.45 -14.03 -0.85
N MET D 45 0.81 -14.32 -1.12
CA MET D 45 1.48 -13.82 -2.31
C MET D 45 2.14 -14.99 -3.03
N MET D 46 1.88 -15.09 -4.32
CA MET D 46 2.47 -16.08 -5.21
C MET D 46 3.57 -15.35 -5.99
N TYR D 47 4.78 -15.88 -5.95
CA TYR D 47 5.80 -15.37 -6.84
C TYR D 47 5.52 -15.90 -8.24
N VAL D 48 5.53 -15.02 -9.24
CA VAL D 48 5.25 -15.40 -10.62
C VAL D 48 6.40 -14.90 -11.48
N ALA D 49 6.89 -15.76 -12.37
CA ALA D 49 7.80 -15.31 -13.42
C ALA D 49 7.02 -14.47 -14.42
N ALA D 50 7.44 -13.23 -14.62
CA ALA D 50 6.74 -12.30 -15.49
C ALA D 50 7.72 -11.52 -16.34
N ASP D 51 7.17 -10.79 -17.32
CA ASP D 51 7.95 -10.00 -18.26
C ASP D 51 7.92 -8.55 -17.81
N VAL D 52 8.97 -8.18 -17.07
CA VAL D 52 9.21 -6.80 -16.58
C VAL D 52 10.08 -6.14 -17.67
N GLY D 53 9.72 -4.93 -18.10
CA GLY D 53 10.46 -4.27 -19.19
C GLY D 53 10.36 -5.06 -20.49
N ASP D 54 11.48 -5.32 -21.17
CA ASP D 54 11.40 -6.07 -22.45
C ASP D 54 12.26 -7.34 -22.41
N GLY D 55 11.63 -8.50 -22.63
CA GLY D 55 12.33 -9.80 -22.69
C GLY D 55 13.21 -10.07 -21.48
N VAL D 56 12.73 -9.74 -20.29
CA VAL D 56 13.53 -9.96 -19.05
C VAL D 56 12.64 -10.66 -18.00
N ILE D 57 12.39 -11.96 -18.18
CA ILE D 57 11.54 -12.68 -17.21
C ILE D 57 12.22 -12.62 -15.84
N LYS D 58 11.44 -12.27 -14.81
CA LYS D 58 11.96 -12.16 -13.42
C LYS D 58 10.88 -12.67 -12.46
N SER D 59 11.27 -13.01 -11.22
CA SER D 59 10.27 -13.47 -10.23
C SER D 59 9.73 -12.23 -9.51
N VAL D 60 8.44 -11.93 -9.72
CA VAL D 60 7.79 -10.77 -9.14
C VAL D 60 6.69 -11.23 -8.20
N PRO D 61 6.36 -10.47 -7.15
CA PRO D 61 5.27 -10.89 -6.26
C PRO D 61 3.90 -10.49 -6.78
N LEU D 62 2.96 -11.44 -6.76
CA LEU D 62 1.57 -11.19 -7.14
C LEU D 62 0.66 -11.82 -6.10
N GLN D 63 -0.17 -11.01 -5.47
CA GLN D 63 -0.87 -11.44 -4.27
C GLN D 63 -2.16 -12.17 -4.64
N ILE D 64 -2.33 -13.38 -4.10
CA ILE D 64 -3.33 -14.34 -4.57
C ILE D 64 -4.12 -14.88 -3.37
N VAL D 65 -5.06 -15.76 -3.68
CA VAL D 65 -5.67 -16.68 -2.73
C VAL D 65 -5.20 -18.08 -3.10
N PRO D 66 -4.76 -18.91 -2.15
CA PRO D 66 -4.26 -20.25 -2.48
C PRO D 66 -5.35 -21.15 -3.05
N GLY D 67 -4.93 -22.10 -3.88
CA GLY D 67 -5.84 -23.08 -4.45
C GLY D 67 -6.42 -24.02 -3.42
N ASN D 68 -5.74 -24.23 -2.29
CA ASN D 68 -6.32 -24.98 -1.19
C ASN D 68 -7.49 -24.23 -0.56
N THR D 69 -7.35 -22.92 -0.39
CA THR D 69 -8.41 -22.10 0.19
C THR D 69 -9.64 -22.06 -0.73
N MET D 70 -9.42 -21.85 -2.03
CA MET D 70 -10.54 -21.86 -2.98
C MET D 70 -11.12 -23.25 -3.17
N ARG D 71 -10.29 -24.29 -3.04
CA ARG D 71 -10.79 -25.66 -3.12
C ARG D 71 -11.69 -25.98 -1.94
N SER D 72 -11.30 -25.55 -0.73
CA SER D 72 -12.17 -25.73 0.42
C SER D 72 -13.40 -24.84 0.35
N LEU D 73 -13.28 -23.65 -0.26
CA LEU D 73 -14.44 -22.80 -0.48
C LEU D 73 -15.45 -23.46 -1.42
N LEU D 74 -14.96 -24.05 -2.52
CA LEU D 74 -15.81 -24.80 -3.43
C LEU D 74 -16.44 -26.01 -2.74
N ARG D 75 -15.64 -26.71 -1.94
CA ARG D 75 -16.11 -27.89 -1.21
C ARG D 75 -17.20 -27.54 -0.21
N ARG D 76 -16.95 -26.53 0.63
CA ARG D 76 -17.93 -26.13 1.62
C ARG D 76 -19.15 -25.46 0.99
N THR D 77 -18.99 -24.85 -0.19
CA THR D 77 -20.14 -24.27 -0.88
C THR D 77 -21.09 -25.36 -1.37
N MET D 78 -20.55 -26.38 -2.05
CA MET D 78 -21.41 -27.47 -2.51
C MET D 78 -21.84 -28.36 -1.33
N LEU D 79 -21.12 -28.29 -0.22
CA LEU D 79 -21.47 -29.08 0.95
C LEU D 79 -22.64 -28.44 1.69
N LYS D 80 -22.50 -27.16 2.06
CA LYS D 80 -23.56 -26.45 2.78
C LYS D 80 -24.79 -26.25 1.93
N HIS D 81 -24.62 -26.06 0.62
CA HIS D 81 -25.75 -25.66 -0.22
C HIS D 81 -26.38 -26.81 -1.01
N VAL D 82 -25.63 -27.87 -1.33
CA VAL D 82 -26.18 -28.94 -2.16
C VAL D 82 -26.22 -30.28 -1.42
N ILE D 83 -25.07 -30.72 -0.92
CA ILE D 83 -24.96 -32.10 -0.42
C ILE D 83 -25.67 -32.26 0.92
N GLU D 84 -25.44 -31.33 1.86
CA GLU D 84 -26.15 -31.38 3.14
C GLU D 84 -27.66 -31.17 3.03
N PRO D 85 -28.21 -30.24 2.20
CA PRO D 85 -29.68 -30.26 2.03
C PRO D 85 -30.22 -31.53 1.38
N ALA D 86 -29.46 -32.16 0.49
CA ALA D 86 -29.89 -33.43 -0.11
C ALA D 86 -29.89 -34.55 0.94
N LEU D 87 -28.96 -34.49 1.89
CA LEU D 87 -28.95 -35.46 2.98
C LEU D 87 -30.01 -35.14 4.03
N VAL D 88 -30.37 -33.86 4.17
CA VAL D 88 -31.34 -33.47 5.19
C VAL D 88 -32.76 -33.79 4.74
N GLU D 89 -33.05 -33.56 3.45
CA GLU D 89 -34.39 -33.84 2.92
C GLU D 89 -34.73 -35.34 2.88
N LYS D 90 -33.74 -36.22 3.01
CA LYS D 90 -33.98 -37.64 3.22
C LYS D 90 -33.55 -38.02 4.63
N GLY D 91 -33.61 -39.32 4.93
CA GLY D 91 -33.26 -39.80 6.25
C GLY D 91 -31.79 -40.03 6.49
N ASN D 92 -30.94 -39.70 5.54
CA ASN D 92 -29.52 -40.00 5.65
C ASN D 92 -28.81 -39.06 6.62
N LYS D 93 -27.99 -39.65 7.48
CA LYS D 93 -27.12 -38.89 8.37
C LYS D 93 -25.72 -39.47 8.31
N LEU D 94 -24.74 -38.61 8.62
CA LEU D 94 -23.34 -38.98 8.58
C LEU D 94 -22.82 -39.15 10.00
N SER D 95 -21.84 -40.05 10.17
CA SER D 95 -21.09 -40.09 11.41
C SER D 95 -20.15 -38.88 11.48
N ILE D 96 -19.58 -38.67 12.66
CA ILE D 96 -18.68 -37.53 12.85
C ILE D 96 -17.39 -37.74 12.06
N GLY D 97 -16.98 -39.00 11.88
CA GLY D 97 -15.88 -39.30 10.99
C GLY D 97 -16.24 -39.07 9.54
N ALA D 98 -17.47 -39.40 9.15
CA ALA D 98 -17.91 -39.19 7.78
C ALA D 98 -18.05 -37.70 7.47
N TYR D 99 -18.56 -36.93 8.43
CA TYR D 99 -18.62 -35.47 8.29
C TYR D 99 -17.23 -34.86 8.20
N ALA D 100 -16.30 -35.36 9.03
CA ALA D 100 -14.93 -34.88 9.00
C ALA D 100 -14.23 -35.21 7.69
N THR D 101 -14.48 -36.40 7.15
CA THR D 101 -13.89 -36.80 5.87
C THR D 101 -14.49 -36.00 4.72
N ALA D 102 -15.79 -35.73 4.78
CA ALA D 102 -16.43 -34.93 3.73
C ALA D 102 -15.97 -33.48 3.76
N TYR D 103 -15.69 -32.92 4.94
CA TYR D 103 -15.33 -31.51 5.02
C TYR D 103 -13.83 -31.26 4.96
N SER D 104 -12.99 -32.23 5.30
CA SER D 104 -11.56 -32.01 5.37
C SER D 104 -10.73 -33.15 4.79
N GLY D 105 -11.33 -34.05 4.02
CA GLY D 105 -10.57 -35.09 3.35
C GLY D 105 -10.20 -36.29 4.19
N ASN D 106 -10.33 -36.21 5.51
CA ASN D 106 -9.93 -37.30 6.39
C ASN D 106 -10.74 -37.25 7.67
N ALA D 107 -10.85 -38.39 8.34
CA ALA D 107 -11.42 -38.43 9.67
C ALA D 107 -10.36 -38.28 10.75
N THR D 108 -9.21 -38.94 10.60
CA THR D 108 -8.13 -38.82 11.56
C THR D 108 -6.91 -38.25 10.85
N GLY D 109 -5.95 -37.78 11.65
CA GLY D 109 -4.71 -37.29 11.08
C GLY D 109 -3.80 -38.42 10.63
N ASN D 110 -4.05 -39.64 11.12
CA ASN D 110 -3.25 -40.80 10.74
C ASN D 110 -4.01 -41.58 9.67
N PRO D 111 -3.52 -41.62 8.44
CA PRO D 111 -4.12 -42.52 7.44
C PRO D 111 -3.63 -43.95 7.62
N ASP D 112 -4.33 -44.91 7.05
CA ASP D 112 -3.77 -46.26 6.95
C ASP D 112 -3.08 -46.46 5.61
N GLY D 113 -1.93 -47.14 5.65
CA GLY D 113 -1.07 -47.19 4.48
C GLY D 113 -1.56 -48.15 3.41
N VAL D 114 -2.50 -49.02 3.77
CA VAL D 114 -3.11 -49.90 2.77
C VAL D 114 -4.02 -49.09 1.86
N PRO D 115 -4.07 -49.35 0.55
CA PRO D 115 -5.10 -48.73 -0.29
C PRO D 115 -6.32 -49.62 -0.43
N SER D 116 -7.40 -49.00 -0.90
CA SER D 116 -8.67 -49.72 -0.97
C SER D 116 -8.78 -50.51 -2.28
N SER D 117 -9.91 -51.21 -2.40
CA SER D 117 -10.18 -52.05 -3.55
C SER D 117 -10.49 -51.22 -4.79
N PHE D 118 -10.28 -51.83 -5.96
CA PHE D 118 -10.50 -51.15 -7.24
C PHE D 118 -11.98 -50.83 -7.46
N ASP D 119 -12.87 -51.71 -6.99
CA ASP D 119 -14.30 -51.43 -7.08
C ASP D 119 -14.69 -50.22 -6.25
N GLU D 120 -14.18 -50.12 -5.03
CA GLU D 120 -14.51 -48.98 -4.17
C GLU D 120 -13.87 -47.70 -4.69
N ILE D 121 -12.64 -47.79 -5.21
CA ILE D 121 -11.98 -46.64 -5.85
C ILE D 121 -12.79 -46.14 -7.04
N ALA D 122 -13.26 -47.06 -7.89
CA ALA D 122 -14.03 -46.68 -9.07
C ALA D 122 -15.38 -46.09 -8.70
N THR D 123 -16.05 -46.65 -7.68
CA THR D 123 -17.35 -46.12 -7.28
C THR D 123 -17.22 -44.78 -6.56
N MET D 124 -16.11 -44.55 -5.85
CA MET D 124 -15.92 -43.26 -5.20
C MET D 124 -15.53 -42.18 -6.21
N ARG D 125 -14.80 -42.55 -7.26
CA ARG D 125 -14.53 -41.57 -8.31
C ARG D 125 -15.75 -41.38 -9.21
N ALA D 126 -16.70 -42.32 -9.18
CA ALA D 126 -17.97 -42.11 -9.86
C ALA D 126 -18.95 -41.32 -8.99
N HIS D 127 -18.61 -41.10 -7.72
CA HIS D 127 -19.49 -40.37 -6.83
C HIS D 127 -19.46 -38.88 -7.18
N PRO D 128 -20.57 -38.16 -6.99
CA PRO D 128 -20.58 -36.72 -7.34
C PRO D 128 -19.68 -35.86 -6.47
N PHE D 129 -19.67 -36.06 -5.16
CA PHE D 129 -18.84 -35.28 -4.26
C PHE D 129 -17.50 -35.94 -3.96
N ILE D 130 -17.51 -37.25 -3.69
CA ILE D 130 -16.30 -37.95 -3.28
C ILE D 130 -15.33 -38.06 -4.45
N GLY D 131 -15.85 -38.11 -5.68
CA GLY D 131 -15.00 -38.07 -6.86
C GLY D 131 -14.27 -36.76 -7.01
N LEU D 132 -14.92 -35.65 -6.68
CA LEU D 132 -14.24 -34.35 -6.71
C LEU D 132 -13.15 -34.27 -5.65
N PHE D 133 -13.49 -34.60 -4.41
CA PHE D 133 -12.56 -34.49 -3.28
C PHE D 133 -12.33 -35.90 -2.73
N GLY D 134 -11.37 -36.60 -3.33
CA GLY D 134 -11.08 -37.95 -2.89
C GLY D 134 -10.03 -37.95 -1.80
N GLY D 135 -10.47 -38.08 -0.57
CA GLY D 135 -9.54 -38.17 0.54
C GLY D 135 -9.67 -39.49 1.27
N GLY D 136 -10.08 -39.42 2.53
CA GLY D 136 -10.32 -40.60 3.32
C GLY D 136 -9.05 -41.16 3.93
N PRO D 137 -9.18 -42.19 4.77
CA PRO D 137 -7.99 -42.85 5.33
C PRO D 137 -7.12 -43.52 4.26
N ARG D 138 -7.73 -44.04 3.21
CA ARG D 138 -7.00 -44.55 2.05
C ARG D 138 -7.07 -43.50 0.97
N MET D 139 -5.91 -42.92 0.63
CA MET D 139 -5.89 -41.72 -0.19
C MET D 139 -6.25 -42.02 -1.63
N LEU D 140 -7.33 -41.40 -2.09
CA LEU D 140 -7.85 -41.55 -3.43
C LEU D 140 -7.41 -40.33 -4.23
N GLU D 141 -7.35 -40.45 -5.54
CA GLU D 141 -7.14 -39.26 -6.36
C GLU D 141 -8.49 -38.66 -6.74
N GLY D 142 -8.76 -37.44 -6.26
CA GLY D 142 -9.94 -36.72 -6.67
C GLY D 142 -9.71 -36.10 -8.03
N ARG D 143 -10.73 -36.19 -8.89
CA ARG D 143 -10.55 -35.68 -10.25
C ARG D 143 -10.73 -34.18 -10.33
N LEU D 144 -11.10 -33.52 -9.23
CA LEU D 144 -11.16 -32.07 -9.24
C LEU D 144 -9.78 -31.50 -8.93
N MET D 145 -9.29 -30.64 -9.83
CA MET D 145 -8.07 -29.87 -9.61
C MET D 145 -8.44 -28.39 -9.54
N VAL D 146 -8.04 -27.73 -8.47
CA VAL D 146 -8.45 -26.36 -8.19
C VAL D 146 -7.21 -25.48 -8.14
N ASP D 147 -7.14 -24.50 -9.04
CA ASP D 147 -6.01 -23.59 -9.11
C ASP D 147 -6.20 -22.45 -8.10
N SER D 148 -5.15 -21.66 -7.92
CA SER D 148 -5.21 -20.47 -7.09
C SER D 148 -6.03 -19.39 -7.78
N LEU D 149 -6.52 -18.44 -6.97
CA LEU D 149 -7.27 -17.30 -7.48
C LEU D 149 -6.25 -16.22 -7.86
N TYR D 150 -6.03 -16.06 -9.17
CA TYR D 150 -5.00 -15.11 -9.59
C TYR D 150 -5.64 -13.81 -10.02
N PRO D 151 -5.15 -12.65 -9.58
CA PRO D 151 -5.69 -11.39 -10.11
C PRO D 151 -5.23 -11.19 -11.55
N ILE D 152 -6.15 -10.69 -12.38
CA ILE D 152 -5.83 -10.45 -13.78
C ILE D 152 -4.94 -9.23 -13.85
N HIS D 153 -3.65 -9.46 -14.00
CA HIS D 153 -2.61 -8.47 -13.80
C HIS D 153 -1.53 -8.71 -14.84
N THR D 154 -0.65 -7.71 -15.03
CA THR D 154 0.49 -7.88 -15.92
C THR D 154 1.45 -8.94 -15.39
N ASN D 155 1.60 -9.02 -14.07
CA ASN D 155 2.51 -9.96 -13.43
C ASN D 155 2.11 -11.41 -13.65
N ALA D 156 0.86 -11.68 -14.05
CA ALA D 156 0.40 -13.02 -14.39
C ALA D 156 0.15 -13.21 -15.88
N GLU D 157 0.77 -12.40 -16.75
CA GLU D 157 0.57 -12.58 -18.19
C GLU D 157 1.19 -13.87 -18.72
N ARG D 158 2.21 -14.41 -18.04
CA ARG D 158 2.67 -15.74 -18.42
C ARG D 158 1.79 -16.82 -17.78
N ILE D 159 0.99 -16.43 -16.78
CA ILE D 159 -0.03 -17.33 -16.23
C ILE D 159 -1.29 -17.30 -17.08
N LEU D 160 -1.78 -16.08 -17.39
CA LEU D 160 -3.09 -15.93 -18.00
C LEU D 160 -3.12 -16.37 -19.46
N GLY D 161 -2.09 -16.03 -20.22
CA GLY D 161 -2.11 -16.25 -21.65
C GLY D 161 -2.93 -15.19 -22.35
N ALA D 162 -3.26 -15.50 -23.61
CA ALA D 162 -4.02 -14.57 -24.43
C ALA D 162 -5.49 -14.53 -24.01
N GLY D 163 -6.18 -13.48 -24.45
CA GLY D 163 -7.59 -13.32 -24.18
C GLY D 163 -7.93 -12.59 -22.89
N TYR D 164 -6.96 -11.96 -22.25
CA TYR D 164 -7.17 -11.27 -20.98
C TYR D 164 -6.68 -9.83 -20.98
N GLU D 165 -6.68 -9.17 -22.15
CA GLU D 165 -6.24 -7.79 -22.21
C GLU D 165 -7.34 -6.83 -21.78
N ASN D 166 -8.58 -7.31 -21.74
CA ASN D 166 -9.70 -6.46 -21.35
C ASN D 166 -9.77 -6.33 -19.83
N GLU D 167 -10.13 -5.12 -19.38
CA GLU D 167 -10.15 -4.73 -17.95
C GLU D 167 -8.80 -4.96 -17.30
N MET D 168 -7.74 -4.44 -17.93
CA MET D 168 -6.37 -4.72 -17.55
C MET D 168 -5.97 -3.98 -16.27
N MET D 169 -5.10 -4.61 -15.48
CA MET D 169 -4.54 -4.05 -14.26
C MET D 169 -3.02 -4.02 -14.31
N SER D 170 -2.45 -2.89 -13.88
CA SER D 170 -1.01 -2.72 -13.72
C SER D 170 -0.73 -2.21 -12.32
N GLY D 171 0.53 -2.29 -11.91
CA GLY D 171 0.98 -1.68 -10.68
C GLY D 171 0.61 -2.42 -9.42
N PRO D 172 0.76 -1.77 -8.26
CA PRO D 172 0.46 -2.44 -6.99
C PRO D 172 -1.04 -2.64 -6.78
N ILE D 173 -1.41 -3.82 -6.28
CA ILE D 173 -2.79 -4.18 -6.05
C ILE D 173 -3.07 -4.46 -4.58
N THR D 174 -2.23 -3.97 -3.68
CA THR D 174 -2.36 -4.27 -2.27
C THR D 174 -2.32 -2.99 -1.45
N GLN D 175 -2.79 -3.10 -0.21
CA GLN D 175 -2.88 -1.96 0.69
C GLN D 175 -2.83 -2.44 2.12
N VAL D 176 -2.10 -1.71 2.94
CA VAL D 176 -1.99 -1.99 4.36
C VAL D 176 -3.14 -1.30 5.08
N VAL D 177 -4.00 -2.10 5.72
CA VAL D 177 -5.13 -1.61 6.50
C VAL D 177 -4.78 -1.76 7.97
N TRP D 178 -4.87 -0.66 8.71
CA TRP D 178 -4.51 -0.62 10.12
C TRP D 178 -5.74 -0.83 10.99
N ALA D 179 -5.59 -1.65 12.03
CA ALA D 179 -6.67 -1.95 12.95
C ALA D 179 -6.18 -1.73 14.38
N ARG D 180 -7.04 -1.11 15.19
CA ARG D 180 -6.72 -0.84 16.59
C ARG D 180 -7.78 -1.48 17.47
N ARG D 181 -7.34 -2.09 18.57
CA ARG D 181 -8.21 -2.49 19.65
C ARG D 181 -7.93 -1.58 20.84
N MET D 182 -8.94 -0.80 21.24
CA MET D 182 -8.84 0.03 22.43
C MET D 182 -9.30 -0.74 23.65
N ASP D 183 -8.83 -0.31 24.82
CA ASP D 183 -9.36 -0.81 26.07
C ASP D 183 -10.76 -0.25 26.26
N PRO D 184 -11.76 -1.08 26.52
CA PRO D 184 -13.10 -0.55 26.84
C PRO D 184 -13.15 0.27 28.12
N ILE D 185 -12.27 -0.04 29.08
CA ILE D 185 -12.37 0.57 30.41
C ILE D 185 -11.85 2.00 30.37
N LEU D 186 -10.94 2.29 29.43
CA LEU D 186 -10.49 3.66 29.23
C LEU D 186 -11.58 4.50 28.56
N ASN D 187 -12.52 3.84 27.88
CA ASN D 187 -13.60 4.57 27.21
C ASN D 187 -14.79 4.78 28.13
N LEU D 188 -14.71 4.30 29.36
CA LEU D 188 -15.71 4.59 30.38
C LEU D 188 -15.67 6.08 30.73
N GLY D 189 -16.86 6.69 30.82
CA GLY D 189 -16.91 8.13 31.01
C GLY D 189 -17.64 8.63 32.23
N SER D 190 -18.63 7.88 32.71
CA SER D 190 -19.49 8.36 33.79
C SER D 190 -20.01 7.16 34.57
N SER D 191 -20.80 7.43 35.60
CA SER D 191 -21.38 6.36 36.41
C SER D 191 -22.48 5.62 35.65
N GLU D 192 -23.12 6.30 34.70
CA GLU D 192 -24.10 5.65 33.84
C GLU D 192 -23.44 4.66 32.89
N ASP D 193 -22.18 4.90 32.52
CA ASP D 193 -21.47 3.97 31.66
C ASP D 193 -21.01 2.72 32.42
N VAL D 194 -20.93 2.80 33.75
CA VAL D 194 -20.29 1.80 34.57
C VAL D 194 -21.30 0.99 35.39
N GLU D 195 -22.58 1.35 35.33
CA GLU D 195 -23.62 0.70 36.14
C GLU D 195 -23.85 -0.75 35.72
N VAL D 196 -23.50 -1.12 34.49
CA VAL D 196 -23.67 -2.50 34.04
C VAL D 196 -22.50 -3.37 34.51
N ILE D 197 -21.45 -2.77 35.06
CA ILE D 197 -20.28 -3.50 35.52
C ILE D 197 -20.46 -3.85 36.99
N ASN D 198 -20.21 -5.12 37.33
CA ASN D 198 -20.19 -5.55 38.72
C ASN D 198 -19.05 -4.86 39.46
N GLY D 199 -19.38 -4.19 40.57
CA GLY D 199 -18.45 -3.33 41.26
C GLY D 199 -18.44 -1.89 40.78
N GLY D 200 -18.57 -1.66 39.48
CA GLY D 200 -18.70 -0.31 38.97
C GLY D 200 -17.38 0.44 38.99
N ALA D 201 -17.37 1.53 39.76
CA ALA D 201 -16.20 2.40 39.81
C ALA D 201 -15.01 1.71 40.47
N VAL D 202 -15.27 0.82 41.44
CA VAL D 202 -14.19 0.09 42.10
C VAL D 202 -13.50 -0.86 41.14
N ALA D 203 -14.28 -1.63 40.37
CA ALA D 203 -13.73 -2.55 39.39
C ALA D 203 -13.04 -1.80 38.25
N ALA D 204 -13.60 -0.66 37.83
CA ALA D 204 -12.98 0.16 36.80
C ALA D 204 -11.63 0.72 37.27
N ASN D 205 -11.58 1.24 38.50
CA ASN D 205 -10.34 1.76 39.06
C ASN D 205 -9.31 0.66 39.26
N GLY D 206 -9.77 -0.55 39.60
CA GLY D 206 -8.85 -1.69 39.65
C GLY D 206 -8.28 -2.03 38.30
N TRP D 207 -9.09 -1.92 37.24
CA TRP D 207 -8.57 -2.16 35.89
C TRP D 207 -7.53 -1.11 35.49
N ILE D 208 -7.78 0.16 35.81
CA ILE D 208 -6.78 1.20 35.55
C ILE D 208 -5.51 0.97 36.38
N GLN D 209 -5.67 0.47 37.61
CA GLN D 209 -4.50 0.25 38.46
C GLN D 209 -3.65 -0.92 37.96
N ASP D 210 -4.28 -2.00 37.49
CA ASP D 210 -3.52 -3.09 36.87
C ASP D 210 -2.88 -2.65 35.56
N LEU D 211 -3.55 -1.78 34.79
CA LEU D 211 -2.92 -1.27 33.57
C LEU D 211 -1.72 -0.38 33.88
N LEU D 212 -1.81 0.44 34.94
CA LEU D 212 -0.67 1.26 35.34
C LEU D 212 0.49 0.41 35.85
N ALA D 213 0.18 -0.65 36.61
CA ALA D 213 1.23 -1.56 37.09
C ALA D 213 1.88 -2.31 35.95
N ASN D 214 1.09 -2.77 34.97
CA ASN D 214 1.64 -3.45 33.80
C ASN D 214 2.43 -2.51 32.92
N SER D 215 2.01 -1.24 32.81
CA SER D 215 2.76 -0.26 32.05
C SER D 215 4.10 0.07 32.72
N LYS D 216 4.11 0.13 34.05
CA LYS D 216 5.37 0.33 34.77
C LYS D 216 6.29 -0.87 34.63
N ALA D 217 5.73 -2.08 34.64
CA ALA D 217 6.52 -3.29 34.42
C ALA D 217 7.09 -3.33 33.00
N ALA D 218 6.30 -2.91 32.01
CA ALA D 218 6.79 -2.85 30.64
C ALA D 218 7.83 -1.76 30.45
N ALA D 219 7.71 -0.65 31.18
CA ALA D 219 8.72 0.41 31.13
C ALA D 219 10.01 -0.05 31.77
N SER D 220 9.92 -0.84 32.84
CA SER D 220 11.11 -1.42 33.43
C SER D 220 11.74 -2.48 32.52
N LYS D 221 10.90 -3.20 31.76
CA LYS D 221 11.40 -4.15 30.79
C LYS D 221 12.14 -3.45 29.64
N LYS D 222 11.57 -2.36 29.13
CA LYS D 222 12.17 -1.65 28.00
C LYS D 222 13.30 -0.74 28.46
N LYS D 223 13.00 0.22 29.32
CA LYS D 223 14.01 1.16 29.79
C LYS D 223 14.29 0.96 31.29
N GLY D 240 1.02 -10.87 31.72
CA GLY D 240 -0.22 -10.70 30.98
C GLY D 240 -0.13 -9.66 29.88
N ARG D 241 -1.26 -9.39 29.23
CA ARG D 241 -1.32 -8.42 28.15
C ARG D 241 -2.63 -7.66 28.24
N GLY D 242 -2.57 -6.36 28.02
CA GLY D 242 -3.76 -5.52 27.99
C GLY D 242 -4.53 -5.64 26.70
N LEU D 243 -5.47 -4.71 26.50
CA LEU D 243 -6.36 -4.78 25.37
C LEU D 243 -6.06 -3.77 24.27
N LYS D 244 -5.13 -2.84 24.49
CA LYS D 244 -4.67 -1.99 23.40
C LYS D 244 -3.82 -2.79 22.43
N ALA D 245 -4.19 -2.75 21.15
CA ALA D 245 -3.46 -3.47 20.12
C ALA D 245 -3.63 -2.72 18.80
N PHE D 246 -2.65 -1.89 18.46
CA PHE D 246 -2.59 -1.23 17.17
C PHE D 246 -1.65 -2.00 16.26
N ASN D 247 -2.16 -2.42 15.12
CA ASN D 247 -1.42 -3.30 14.24
C ASN D 247 -1.96 -3.14 12.83
N ALA D 248 -1.43 -3.94 11.92
CA ALA D 248 -1.74 -3.78 10.51
C ALA D 248 -1.91 -5.13 9.84
N HIS D 249 -2.61 -5.12 8.71
CA HIS D 249 -2.72 -6.30 7.86
C HIS D 249 -2.80 -5.84 6.42
N GLU D 250 -2.02 -6.49 5.55
CA GLU D 250 -2.04 -6.15 4.13
C GLU D 250 -3.15 -6.94 3.46
N VAL D 251 -4.00 -6.24 2.72
CA VAL D 251 -5.08 -6.86 1.96
C VAL D 251 -4.83 -6.58 0.48
N VAL D 252 -5.51 -7.35 -0.38
CA VAL D 252 -5.54 -7.09 -1.80
C VAL D 252 -6.72 -6.17 -2.06
N ILE D 253 -6.51 -5.11 -2.84
CA ILE D 253 -7.46 -4.01 -2.97
C ILE D 253 -8.74 -4.47 -3.65
N PRO D 254 -9.90 -3.93 -3.28
CA PRO D 254 -11.16 -4.36 -3.89
C PRO D 254 -11.33 -3.82 -5.29
N GLY D 255 -12.21 -4.47 -6.04
CA GLY D 255 -12.48 -4.11 -7.42
C GLY D 255 -11.70 -4.89 -8.45
N LEU D 256 -10.79 -5.78 -8.03
CA LEU D 256 -10.00 -6.53 -8.98
C LEU D 256 -10.84 -7.61 -9.65
N LYS D 257 -10.50 -7.89 -10.91
CA LYS D 257 -11.06 -9.02 -11.62
C LYS D 257 -10.06 -10.17 -11.52
N TRP D 258 -10.53 -11.32 -11.03
CA TRP D 258 -9.70 -12.48 -10.75
C TRP D 258 -10.09 -13.63 -11.65
N VAL D 259 -9.12 -14.49 -11.94
CA VAL D 259 -9.30 -15.73 -12.67
C VAL D 259 -9.21 -16.87 -11.66
N TRP D 260 -10.04 -17.88 -11.86
CA TRP D 260 -10.08 -19.08 -11.04
C TRP D 260 -10.23 -20.28 -11.97
N ARG D 261 -9.20 -21.11 -12.04
CA ARG D 261 -9.17 -22.21 -12.99
C ARG D 261 -9.55 -23.50 -12.28
N ILE D 262 -10.62 -24.13 -12.75
CA ILE D 262 -11.14 -25.38 -12.22
C ILE D 262 -10.99 -26.42 -13.32
N SER D 263 -10.43 -27.57 -12.98
CA SER D 263 -10.13 -28.58 -13.97
C SER D 263 -10.68 -29.92 -13.49
N LEU D 264 -11.13 -30.74 -14.44
CA LEU D 264 -11.73 -32.04 -14.13
C LEU D 264 -11.31 -33.02 -15.23
N ASP D 265 -10.44 -33.97 -14.89
CA ASP D 265 -9.96 -34.92 -15.88
C ASP D 265 -10.96 -36.07 -16.00
N ARG D 266 -11.68 -36.09 -17.12
CA ARG D 266 -12.77 -37.02 -17.39
C ARG D 266 -13.82 -37.10 -16.27
N PRO D 267 -14.61 -36.05 -16.06
CA PRO D 267 -15.56 -36.09 -14.95
C PRO D 267 -16.85 -36.79 -15.34
N THR D 268 -17.50 -37.36 -14.33
CA THR D 268 -18.92 -37.69 -14.45
C THR D 268 -19.69 -36.38 -14.60
N ASP D 269 -20.73 -36.40 -15.45
CA ASP D 269 -21.53 -35.21 -15.75
C ASP D 269 -22.16 -34.60 -14.50
N ALA D 270 -22.50 -35.46 -13.53
CA ALA D 270 -23.00 -34.97 -12.24
C ALA D 270 -21.93 -34.24 -11.44
N GLN D 271 -20.65 -34.57 -11.63
CA GLN D 271 -19.59 -33.92 -10.86
C GLN D 271 -19.35 -32.49 -11.34
N VAL D 272 -19.28 -32.30 -12.66
CA VAL D 272 -19.17 -30.95 -13.20
C VAL D 272 -20.46 -30.18 -12.98
N GLY D 273 -21.61 -30.88 -12.96
CA GLY D 273 -22.85 -30.25 -12.54
C GLY D 273 -22.84 -29.80 -11.08
N LEU D 274 -22.15 -30.56 -10.22
CA LEU D 274 -22.03 -30.17 -8.82
C LEU D 274 -21.10 -28.98 -8.65
N VAL D 275 -20.03 -28.92 -9.46
CA VAL D 275 -19.19 -27.73 -9.49
C VAL D 275 -19.98 -26.51 -9.97
N LEU D 276 -20.84 -26.72 -10.98
CA LEU D 276 -21.70 -25.64 -11.48
C LEU D 276 -22.72 -25.19 -10.43
N LEU D 277 -23.26 -26.14 -9.66
CA LEU D 277 -24.19 -25.79 -8.58
C LEU D 277 -23.49 -25.02 -7.47
N ALA D 278 -22.25 -25.40 -7.15
CA ALA D 278 -21.47 -24.64 -6.17
C ALA D 278 -21.16 -23.23 -6.68
N LEU D 279 -20.83 -23.10 -7.97
CA LEU D 279 -20.57 -21.78 -8.55
C LEU D 279 -21.86 -20.94 -8.60
N ASN D 280 -23.01 -21.60 -8.72
CA ASN D 280 -24.28 -20.92 -8.58
C ASN D 280 -24.48 -20.41 -7.16
N LYS D 281 -24.10 -21.22 -6.17
CA LYS D 281 -24.27 -20.84 -4.77
C LYS D 281 -23.05 -20.17 -4.14
N MET D 282 -22.14 -19.62 -4.95
CA MET D 282 -21.06 -18.79 -4.40
C MET D 282 -21.54 -17.41 -3.97
N THR D 283 -22.80 -17.07 -4.23
CA THR D 283 -23.37 -15.85 -3.69
C THR D 283 -23.44 -15.92 -2.16
N ASN D 284 -23.13 -14.79 -1.52
CA ASN D 284 -22.98 -14.66 -0.06
C ASN D 284 -21.96 -15.63 0.52
N GLU D 285 -20.84 -15.82 -0.17
CA GLU D 285 -19.71 -16.58 0.33
C GLU D 285 -18.46 -15.70 0.37
N ARG D 286 -17.62 -15.93 1.37
CA ARG D 286 -16.39 -15.17 1.57
C ARG D 286 -15.21 -16.01 1.10
N ILE D 287 -14.29 -15.40 0.34
CA ILE D 287 -13.28 -16.13 -0.39
C ILE D 287 -12.20 -16.65 0.55
N ALA D 288 -11.55 -15.77 1.31
CA ALA D 288 -10.36 -16.18 2.04
C ALA D 288 -10.50 -16.07 3.56
N GLY D 289 -10.70 -14.86 4.06
CA GLY D 289 -10.55 -14.64 5.48
C GLY D 289 -10.79 -13.18 5.82
N GLY D 290 -10.60 -12.87 7.10
CA GLY D 290 -11.00 -11.57 7.62
C GLY D 290 -12.52 -11.46 7.61
N HIS D 291 -13.17 -12.31 8.41
CA HIS D 291 -14.62 -12.45 8.33
C HIS D 291 -15.32 -11.18 8.82
N SER D 292 -14.94 -10.68 9.98
CA SER D 292 -15.70 -9.62 10.64
C SER D 292 -15.55 -8.27 9.93
N LYS D 293 -14.53 -8.12 9.09
CA LYS D 293 -14.37 -6.93 8.26
C LYS D 293 -15.00 -7.11 6.88
N ASP D 294 -15.83 -8.15 6.71
CA ASP D 294 -16.55 -8.50 5.49
C ASP D 294 -15.63 -8.75 4.30
N TYR D 295 -14.39 -9.14 4.56
CA TYR D 295 -13.44 -9.37 3.47
C TYR D 295 -13.78 -10.67 2.75
N GLY D 296 -13.41 -10.75 1.48
CA GLY D 296 -13.63 -11.92 0.67
C GLY D 296 -14.93 -11.96 -0.10
N ARG D 297 -15.79 -10.95 0.06
CA ARG D 297 -17.01 -10.86 -0.73
C ARG D 297 -16.66 -10.56 -2.18
N PHE D 298 -17.42 -11.15 -3.11
CA PHE D 298 -17.06 -11.12 -4.51
C PHE D 298 -18.29 -11.36 -5.37
N VAL D 299 -18.19 -10.98 -6.63
CA VAL D 299 -19.25 -11.15 -7.61
C VAL D 299 -18.66 -11.87 -8.82
N ILE D 300 -19.24 -13.00 -9.19
CA ILE D 300 -18.82 -13.72 -10.38
C ILE D 300 -19.35 -13.00 -11.60
N ASP D 301 -18.45 -12.59 -12.50
CA ASP D 301 -18.85 -11.93 -13.73
C ASP D 301 -18.64 -12.82 -14.95
N GLY D 302 -18.06 -14.00 -14.79
CA GLY D 302 -17.94 -14.91 -15.90
C GLY D 302 -17.54 -16.32 -15.53
N VAL D 303 -18.17 -17.31 -16.17
CA VAL D 303 -17.79 -18.71 -16.06
C VAL D 303 -17.77 -19.27 -17.47
N SER D 304 -16.63 -19.79 -17.90
CA SER D 304 -16.49 -20.41 -19.21
C SER D 304 -16.21 -21.89 -19.04
N LEU D 305 -17.03 -22.72 -19.70
CA LEU D 305 -16.90 -24.18 -19.63
C LEU D 305 -16.25 -24.65 -20.93
N ASN D 306 -15.01 -25.14 -20.81
CA ASN D 306 -14.14 -25.51 -21.95
C ASN D 306 -14.00 -24.36 -22.93
N GLY D 307 -13.86 -23.14 -22.41
CA GLY D 307 -13.75 -21.95 -23.22
C GLY D 307 -15.07 -21.35 -23.68
N GLU D 308 -16.20 -21.94 -23.32
CA GLU D 308 -17.51 -21.47 -23.74
C GLU D 308 -18.21 -20.80 -22.57
N GLN D 309 -18.48 -19.49 -22.71
CA GLN D 309 -19.01 -18.69 -21.62
C GLN D 309 -20.46 -19.09 -21.29
N VAL D 310 -20.69 -19.48 -20.03
CA VAL D 310 -21.98 -20.03 -19.63
C VAL D 310 -22.54 -19.32 -18.39
N TRP D 311 -22.13 -18.08 -18.16
CA TRP D 311 -22.59 -17.33 -17.00
C TRP D 311 -23.49 -16.18 -17.44
N SER D 312 -24.56 -15.96 -16.68
CA SER D 312 -25.44 -14.82 -16.84
C SER D 312 -25.67 -14.19 -15.46
N GLN D 313 -26.61 -13.25 -15.41
CA GLN D 313 -26.95 -12.63 -14.14
C GLN D 313 -27.69 -13.60 -13.23
N SER D 314 -28.50 -14.49 -13.81
CA SER D 314 -29.23 -15.50 -13.03
C SER D 314 -28.45 -16.81 -12.98
N GLY D 315 -27.20 -16.71 -12.53
CA GLY D 315 -26.36 -17.88 -12.38
C GLY D 315 -25.85 -18.43 -13.70
N ILE D 316 -25.65 -19.74 -13.71
CA ILE D 316 -25.15 -20.42 -14.90
C ILE D 316 -26.27 -20.59 -15.92
N THR D 317 -26.06 -20.06 -17.12
CA THR D 317 -26.97 -20.27 -18.24
C THR D 317 -26.39 -21.34 -19.15
N GLY D 318 -27.25 -22.17 -19.71
CA GLY D 318 -26.80 -23.31 -20.48
C GLY D 318 -26.18 -24.38 -19.60
N GLY D 319 -25.51 -25.33 -20.27
CA GLY D 319 -24.94 -26.47 -19.57
C GLY D 319 -25.97 -27.37 -18.91
N GLU D 320 -27.06 -27.68 -19.63
CA GLU D 320 -28.23 -28.26 -18.99
C GLU D 320 -28.02 -29.73 -18.62
N GLN D 321 -27.22 -30.45 -19.41
CA GLN D 321 -27.03 -31.89 -19.16
C GLN D 321 -26.28 -32.12 -17.85
N TYR D 322 -25.40 -31.19 -17.47
CA TYR D 322 -24.72 -31.24 -16.18
C TYR D 322 -25.70 -31.05 -15.04
N PHE D 323 -26.67 -30.14 -15.21
CA PHE D 323 -27.63 -29.86 -14.16
C PHE D 323 -28.63 -30.99 -13.98
N ASP D 324 -29.09 -31.59 -15.08
CA ASP D 324 -29.96 -32.77 -14.95
C ASP D 324 -29.20 -33.97 -14.37
N ALA D 325 -27.92 -34.12 -14.73
CA ALA D 325 -27.13 -35.21 -14.15
C ALA D 325 -26.92 -35.02 -12.65
N VAL D 326 -26.63 -33.80 -12.22
CA VAL D 326 -26.40 -33.58 -10.79
C VAL D 326 -27.73 -33.60 -10.02
N ALA D 327 -28.84 -33.25 -10.67
CA ALA D 327 -30.15 -33.36 -10.00
C ALA D 327 -30.53 -34.83 -9.82
N GLU D 328 -30.28 -35.66 -10.83
CA GLU D 328 -30.54 -37.10 -10.72
C GLU D 328 -29.63 -37.74 -9.67
N ALA D 329 -28.37 -37.28 -9.59
CA ALA D 329 -27.44 -37.88 -8.64
C ALA D 329 -27.72 -37.43 -7.21
N ILE D 330 -28.13 -36.18 -7.02
CA ILE D 330 -28.53 -35.70 -5.70
C ILE D 330 -29.83 -36.37 -5.26
N ASP D 331 -30.72 -36.66 -6.21
CA ASP D 331 -31.89 -37.49 -5.91
C ASP D 331 -31.48 -38.90 -5.49
N GLY D 332 -30.41 -39.42 -6.09
CA GLY D 332 -29.84 -40.69 -5.69
C GLY D 332 -28.77 -40.63 -4.63
N LEU D 333 -28.50 -39.45 -4.06
CA LEU D 333 -27.46 -39.30 -3.07
C LEU D 333 -27.88 -39.91 -1.73
N SER D 334 -26.96 -40.61 -1.09
CA SER D 334 -27.20 -41.22 0.21
C SER D 334 -25.93 -41.08 1.05
N SER D 335 -26.00 -41.55 2.29
CA SER D 335 -24.90 -41.48 3.22
C SER D 335 -24.02 -42.71 3.21
N LYS D 336 -24.37 -43.74 2.44
CA LYS D 336 -23.65 -45.01 2.48
C LYS D 336 -22.24 -44.88 1.90
N GLU D 337 -22.12 -44.15 0.78
CA GLU D 337 -20.81 -43.94 0.18
C GLU D 337 -19.93 -43.07 1.06
N PHE D 338 -20.53 -42.08 1.75
CA PHE D 338 -19.78 -41.26 2.68
C PHE D 338 -19.30 -42.07 3.89
N GLU D 339 -20.14 -43.01 4.35
CA GLU D 339 -19.76 -43.80 5.52
C GLU D 339 -18.67 -44.82 5.19
N GLN D 340 -18.81 -45.53 4.06
CA GLN D 340 -17.78 -46.52 3.73
C GLN D 340 -16.56 -45.88 3.08
N PHE D 341 -16.65 -44.62 2.68
CA PHE D 341 -15.46 -43.89 2.24
C PHE D 341 -14.61 -43.49 3.44
N ALA D 342 -15.25 -43.08 4.53
CA ALA D 342 -14.55 -42.67 5.74
C ALA D 342 -14.17 -43.85 6.64
N GLN D 343 -14.68 -45.05 6.34
CA GLN D 343 -14.40 -46.21 7.19
C GLN D 343 -12.98 -46.67 6.98
N SER D 344 -12.17 -46.60 8.05
CA SER D 344 -10.77 -47.00 7.97
C SER D 344 -10.64 -48.52 7.90
N ALA D 345 -9.74 -48.99 7.04
CA ALA D 345 -9.46 -50.42 6.97
C ALA D 345 -8.75 -50.91 8.22
N LYS D 346 -7.96 -50.05 8.85
CA LYS D 346 -7.31 -50.42 10.10
C LYS D 346 -8.31 -50.37 11.27
N GLU D 347 -9.42 -49.66 11.10
CA GLU D 347 -10.44 -49.58 12.13
C GLU D 347 -11.70 -50.34 11.70
N MET E 1 -28.06 -12.67 5.40
CA MET E 1 -28.83 -11.47 5.10
C MET E 1 -27.90 -10.31 4.73
N GLN E 2 -28.23 -9.62 3.64
CA GLN E 2 -27.40 -8.55 3.08
C GLN E 2 -28.11 -7.21 3.26
N ILE E 3 -27.64 -6.41 4.22
CA ILE E 3 -28.18 -5.10 4.51
C ILE E 3 -27.27 -4.04 3.91
N GLU E 4 -27.85 -3.07 3.23
CA GLU E 4 -27.10 -1.93 2.69
C GLU E 4 -27.62 -0.65 3.32
N VAL E 5 -26.88 -0.13 4.28
CA VAL E 5 -27.21 1.10 4.99
C VAL E 5 -26.53 2.25 4.29
N THR E 6 -27.24 2.87 3.37
CA THR E 6 -26.71 3.98 2.59
C THR E 6 -27.03 5.25 3.40
N VAL E 7 -25.98 6.01 3.70
CA VAL E 7 -26.08 7.15 4.61
C VAL E 7 -25.51 8.38 3.90
N ARG E 8 -25.73 9.54 4.51
CA ARG E 8 -25.19 10.80 4.05
C ARG E 8 -24.64 11.55 5.25
N ASN E 9 -23.36 11.91 5.19
CA ASN E 9 -22.74 12.59 6.32
C ASN E 9 -23.11 14.07 6.32
N ILE E 10 -23.53 14.57 7.47
CA ILE E 10 -23.90 15.98 7.59
C ILE E 10 -22.66 16.84 7.76
N THR E 11 -21.66 16.31 8.46
CA THR E 11 -20.42 16.99 8.84
C THR E 11 -19.23 16.27 8.22
N PRO E 12 -18.06 16.92 8.09
CA PRO E 12 -16.91 16.25 7.44
C PRO E 12 -16.39 15.04 8.21
N ILE E 13 -16.32 13.91 7.50
CA ILE E 13 -15.87 12.64 8.06
C ILE E 13 -14.36 12.65 8.18
N PHE E 14 -13.86 12.26 9.36
CA PHE E 14 -12.41 12.22 9.59
C PHE E 14 -12.07 10.92 10.30
N SER E 15 -11.54 9.95 9.56
CA SER E 15 -10.94 8.75 10.11
C SER E 15 -9.44 8.86 9.88
N ALA E 16 -8.69 9.09 10.95
CA ALA E 16 -7.28 9.47 10.83
C ALA E 16 -6.43 8.32 10.31
N ALA E 17 -5.87 8.49 9.13
CA ALA E 17 -4.98 7.50 8.54
C ALA E 17 -3.63 7.53 9.24
N PRO E 18 -3.07 6.36 9.57
CA PRO E 18 -1.73 6.32 10.16
C PRO E 18 -0.66 6.76 9.17
N GLY E 19 0.38 7.38 9.70
CA GLY E 19 1.47 7.85 8.86
C GLY E 19 1.88 9.28 9.17
N SER E 20 3.17 9.58 8.98
CA SER E 20 3.69 10.93 9.19
C SER E 20 3.59 11.71 7.87
N ASN E 21 2.35 11.97 7.47
CA ASN E 21 2.10 12.75 6.26
C ASN E 21 2.26 14.23 6.56
N TYR E 22 2.50 15.01 5.51
CA TYR E 22 2.85 16.41 5.67
C TYR E 22 2.16 17.26 4.60
N ILE E 23 2.13 18.56 4.84
CA ILE E 23 1.44 19.52 3.99
C ILE E 23 2.19 20.85 4.05
N THR E 24 2.21 21.58 2.94
CA THR E 24 2.70 22.94 2.92
C THR E 24 1.57 23.89 3.31
N ILE E 25 1.83 25.20 3.19
CA ILE E 25 0.76 26.18 3.41
C ILE E 25 -0.24 26.15 2.26
N ASP E 26 0.16 25.63 1.10
CA ASP E 26 -0.75 25.41 0.00
C ASP E 26 -1.34 24.00 0.10
N GLY E 27 -1.98 23.55 -0.98
CA GLY E 27 -2.59 22.24 -0.99
C GLY E 27 -1.70 21.12 -1.50
N THR E 28 -0.41 21.19 -1.20
CA THR E 28 0.54 20.18 -1.65
C THR E 28 0.74 19.13 -0.56
N ILE E 29 0.23 17.93 -0.80
CA ILE E 29 0.25 16.84 0.17
C ILE E 29 1.58 16.11 0.04
N ASN E 30 2.27 15.92 1.17
CA ASN E 30 3.59 15.29 1.25
C ASN E 30 4.62 15.94 0.34
N PRO E 31 5.11 17.13 0.67
CA PRO E 31 6.01 17.85 -0.22
C PRO E 31 7.42 17.29 -0.16
N PRO E 32 8.24 17.58 -1.17
CA PRO E 32 9.68 17.28 -1.08
C PRO E 32 10.33 18.12 0.01
N PRO E 33 11.37 17.59 0.68
CA PRO E 33 11.98 18.35 1.78
C PRO E 33 12.79 19.54 1.28
N GLY E 34 12.95 20.51 2.18
CA GLY E 34 13.51 21.80 1.83
C GLY E 34 12.50 22.92 1.73
N VAL E 35 11.23 22.65 2.04
CA VAL E 35 10.16 23.64 1.98
C VAL E 35 9.44 23.58 3.33
N SER E 36 8.73 24.66 3.66
CA SER E 36 8.00 24.73 4.92
C SER E 36 6.85 23.73 4.94
N ARG E 37 6.90 22.83 5.92
CA ARG E 37 5.98 21.71 5.99
C ARG E 37 5.20 21.74 7.30
N PHE E 38 3.98 21.24 7.27
CA PHE E 38 3.11 21.16 8.43
C PHE E 38 2.60 19.74 8.58
N PRO E 39 2.37 19.26 9.80
CA PRO E 39 1.90 17.89 9.97
C PRO E 39 0.45 17.72 9.51
N LEU E 40 0.26 16.83 8.54
CA LEU E 40 -1.05 16.55 7.97
C LEU E 40 -1.48 15.15 8.39
N VAL E 41 -2.66 15.06 8.99
CA VAL E 41 -3.23 13.78 9.39
C VAL E 41 -4.36 13.48 8.42
N ARG E 42 -4.07 12.68 7.39
CA ARG E 42 -4.99 12.43 6.30
C ARG E 42 -6.14 11.53 6.74
N THR E 43 -7.24 11.60 6.00
CA THR E 43 -8.33 10.66 6.21
C THR E 43 -7.91 9.26 5.80
N ARG E 44 -8.53 8.26 6.44
CA ARG E 44 -8.35 6.88 6.02
C ARG E 44 -8.92 6.69 4.63
N MET E 45 -8.11 6.11 3.75
CA MET E 45 -8.47 5.90 2.37
C MET E 45 -8.08 4.50 1.93
N MET E 46 -8.88 3.96 1.02
CA MET E 46 -8.72 2.62 0.47
C MET E 46 -8.43 2.73 -1.01
N TYR E 47 -7.40 2.03 -1.47
CA TYR E 47 -7.22 1.88 -2.91
C TYR E 47 -8.29 0.97 -3.47
N VAL E 48 -8.91 1.40 -4.56
CA VAL E 48 -9.93 0.62 -5.25
C VAL E 48 -9.62 0.63 -6.74
N ALA E 49 -9.93 -0.47 -7.40
CA ALA E 49 -9.79 -0.55 -8.85
C ALA E 49 -10.95 0.19 -9.50
N ALA E 50 -10.63 1.06 -10.45
CA ALA E 50 -11.64 1.88 -11.12
C ALA E 50 -11.25 2.11 -12.57
N ASP E 51 -12.26 2.18 -13.42
CA ASP E 51 -12.05 2.47 -14.84
C ASP E 51 -11.75 3.95 -15.04
N VAL E 52 -10.51 4.26 -15.41
CA VAL E 52 -10.07 5.66 -15.41
C VAL E 52 -9.88 6.18 -16.83
N GLY E 53 -9.53 5.31 -17.78
CA GLY E 53 -9.28 5.74 -19.14
C GLY E 53 -10.29 5.20 -20.12
N ASP E 54 -11.45 4.78 -19.59
CA ASP E 54 -12.63 4.24 -20.26
C ASP E 54 -12.40 2.86 -20.88
N GLY E 55 -11.16 2.38 -20.87
CA GLY E 55 -10.84 0.99 -21.14
C GLY E 55 -9.96 0.39 -20.06
N VAL E 56 -9.21 1.25 -19.38
CA VAL E 56 -8.14 0.85 -18.49
C VAL E 56 -8.56 1.09 -17.05
N ILE E 57 -8.46 0.05 -16.22
CA ILE E 57 -8.81 0.14 -14.80
C ILE E 57 -7.51 0.15 -14.00
N LYS E 58 -7.48 1.00 -12.97
CA LYS E 58 -6.27 1.33 -12.24
C LYS E 58 -6.63 1.52 -10.76
N SER E 59 -5.63 1.37 -9.90
CA SER E 59 -5.79 1.49 -8.44
C SER E 59 -5.78 2.96 -8.09
N VAL E 60 -6.91 3.47 -7.61
CA VAL E 60 -7.09 4.88 -7.28
C VAL E 60 -7.45 5.02 -5.80
N PRO E 61 -7.15 6.15 -5.16
CA PRO E 61 -7.57 6.32 -3.76
C PRO E 61 -9.05 6.62 -3.65
N LEU E 62 -9.64 6.24 -2.52
CA LEU E 62 -11.01 6.59 -2.17
C LEU E 62 -11.15 6.64 -0.67
N GLN E 63 -11.48 7.81 -0.14
CA GLN E 63 -11.49 8.00 1.30
C GLN E 63 -12.71 7.32 1.94
N ILE E 64 -12.43 6.47 2.92
CA ILE E 64 -13.43 5.58 3.51
C ILE E 64 -13.40 5.71 5.03
N VAL E 65 -14.38 5.09 5.66
CA VAL E 65 -14.33 4.72 7.07
C VAL E 65 -14.09 3.23 7.13
N PRO E 66 -13.11 2.74 7.91
CA PRO E 66 -12.83 1.30 7.94
C PRO E 66 -14.00 0.49 8.50
N GLY E 67 -14.10 -0.75 8.05
CA GLY E 67 -15.16 -1.63 8.52
C GLY E 67 -14.98 -2.03 9.97
N ASN E 68 -13.74 -1.98 10.46
CA ASN E 68 -13.49 -2.15 11.90
C ASN E 68 -14.12 -1.01 12.70
N THR E 69 -13.98 0.22 12.22
CA THR E 69 -14.53 1.39 12.91
C THR E 69 -16.05 1.36 12.91
N MET E 70 -16.65 1.05 11.75
CA MET E 70 -18.11 0.99 11.67
C MET E 70 -18.67 -0.23 12.40
N ARG E 71 -17.92 -1.33 12.44
CA ARG E 71 -18.33 -2.50 13.23
C ARG E 71 -18.33 -2.17 14.71
N SER E 72 -17.30 -1.47 15.19
CA SER E 72 -17.29 -1.06 16.59
C SER E 72 -18.35 -0.02 16.88
N LEU E 73 -18.68 0.83 15.91
CA LEU E 73 -19.76 1.80 16.07
C LEU E 73 -21.10 1.09 16.24
N LEU E 74 -21.37 0.10 15.39
CA LEU E 74 -22.60 -0.69 15.48
C LEU E 74 -22.65 -1.47 16.78
N ARG E 75 -21.52 -2.03 17.20
CA ARG E 75 -21.41 -2.75 18.46
C ARG E 75 -21.66 -1.82 19.64
N ARG E 76 -21.13 -0.61 19.59
CA ARG E 76 -21.26 0.32 20.71
C ARG E 76 -22.67 0.88 20.80
N THR E 77 -23.36 1.09 19.67
CA THR E 77 -24.73 1.57 19.80
C THR E 77 -25.67 0.42 20.21
N MET E 78 -25.34 -0.83 19.84
CA MET E 78 -26.06 -1.97 20.38
C MET E 78 -25.87 -2.09 21.89
N LEU E 79 -24.65 -1.87 22.35
CA LEU E 79 -24.35 -2.05 23.76
C LEU E 79 -24.94 -0.92 24.60
N LYS E 80 -24.64 0.34 24.23
CA LYS E 80 -25.06 1.47 25.03
C LYS E 80 -26.55 1.79 24.83
N HIS E 81 -27.17 1.28 23.76
CA HIS E 81 -28.56 1.62 23.51
C HIS E 81 -29.53 0.47 23.75
N VAL E 82 -29.12 -0.77 23.50
CA VAL E 82 -30.06 -1.89 23.56
C VAL E 82 -29.67 -2.84 24.69
N ILE E 83 -28.40 -3.23 24.76
CA ILE E 83 -27.99 -4.32 25.64
C ILE E 83 -27.89 -3.84 27.09
N GLU E 84 -27.16 -2.72 27.32
CA GLU E 84 -27.04 -2.19 28.68
C GLU E 84 -28.36 -1.75 29.31
N PRO E 85 -29.29 -1.05 28.62
CA PRO E 85 -30.60 -0.81 29.26
C PRO E 85 -31.37 -2.09 29.58
N ALA E 86 -31.25 -3.12 28.75
CA ALA E 86 -31.90 -4.40 29.07
C ALA E 86 -31.22 -5.10 30.24
N LEU E 87 -29.93 -4.87 30.44
CA LEU E 87 -29.21 -5.53 31.52
C LEU E 87 -29.44 -4.82 32.85
N VAL E 88 -29.36 -3.48 32.86
CA VAL E 88 -29.53 -2.75 34.11
C VAL E 88 -31.00 -2.58 34.43
N GLU E 89 -31.88 -2.80 33.44
CA GLU E 89 -33.32 -2.77 33.71
C GLU E 89 -33.74 -4.02 34.47
N LYS E 90 -33.16 -5.17 34.14
CA LYS E 90 -33.44 -6.42 34.84
C LYS E 90 -32.50 -6.65 36.02
N GLY E 91 -31.60 -5.71 36.31
CA GLY E 91 -30.67 -5.84 37.41
C GLY E 91 -29.44 -6.66 37.13
N ASN E 92 -29.27 -7.17 35.92
CA ASN E 92 -28.10 -7.97 35.58
C ASN E 92 -26.86 -7.07 35.46
N LYS E 93 -25.78 -7.50 36.09
CA LYS E 93 -24.53 -6.73 36.08
C LYS E 93 -23.41 -7.64 35.59
N LEU E 94 -22.79 -7.27 34.47
CA LEU E 94 -21.67 -8.03 33.95
C LEU E 94 -20.42 -7.81 34.81
N SER E 95 -19.48 -8.74 34.69
CA SER E 95 -18.17 -8.53 35.27
C SER E 95 -17.39 -7.53 34.42
N ILE E 96 -16.26 -7.06 34.97
CA ILE E 96 -15.42 -6.12 34.24
C ILE E 96 -14.77 -6.81 33.04
N GLY E 97 -14.45 -8.10 33.19
CA GLY E 97 -14.00 -8.88 32.04
C GLY E 97 -15.09 -9.12 31.03
N ALA E 98 -16.32 -9.33 31.51
CA ALA E 98 -17.46 -9.48 30.60
C ALA E 98 -17.78 -8.18 29.86
N TYR E 99 -17.60 -7.04 30.53
CA TYR E 99 -17.77 -5.74 29.88
C TYR E 99 -16.70 -5.54 28.81
N ALA E 100 -15.45 -5.92 29.13
CA ALA E 100 -14.37 -5.81 28.16
C ALA E 100 -14.56 -6.75 26.98
N THR E 101 -15.13 -7.94 27.24
CA THR E 101 -15.41 -8.89 26.16
C THR E 101 -16.61 -8.43 25.34
N ALA E 102 -17.50 -7.64 25.93
CA ALA E 102 -18.60 -7.06 25.18
C ALA E 102 -18.13 -5.94 24.25
N TYR E 103 -17.32 -5.01 24.78
CA TYR E 103 -16.97 -3.83 23.97
C TYR E 103 -15.75 -4.10 23.09
N SER E 104 -14.74 -4.79 23.61
CA SER E 104 -13.67 -5.30 22.76
C SER E 104 -14.03 -6.71 22.35
N GLY E 105 -13.06 -7.46 21.82
CA GLY E 105 -13.34 -8.86 21.54
C GLY E 105 -13.20 -9.79 22.73
N ASN E 106 -12.36 -9.44 23.69
CA ASN E 106 -12.12 -10.27 24.87
C ASN E 106 -11.66 -9.34 25.99
N ALA E 107 -11.31 -9.95 27.12
CA ALA E 107 -10.84 -9.19 28.28
C ALA E 107 -9.32 -9.13 28.35
N THR E 108 -8.62 -10.10 27.77
CA THR E 108 -7.17 -10.18 27.86
C THR E 108 -6.61 -10.30 26.45
N GLY E 109 -5.39 -9.77 26.26
CA GLY E 109 -4.73 -9.82 24.98
C GLY E 109 -4.23 -11.20 24.58
N ASN E 110 -4.23 -12.16 25.50
CA ASN E 110 -3.83 -13.53 25.20
C ASN E 110 -5.08 -14.39 25.10
N PRO E 111 -5.49 -14.82 23.91
CA PRO E 111 -6.59 -15.78 23.81
C PRO E 111 -6.13 -17.17 24.23
N ASP E 112 -7.10 -17.98 24.66
CA ASP E 112 -6.82 -19.37 25.01
C ASP E 112 -6.56 -20.17 23.74
N GLY E 113 -5.60 -21.09 23.82
CA GLY E 113 -5.26 -21.91 22.67
C GLY E 113 -6.04 -23.22 22.63
N VAL E 114 -7.23 -23.22 23.23
CA VAL E 114 -8.10 -24.40 23.23
C VAL E 114 -9.37 -24.05 22.48
N PRO E 115 -10.05 -25.02 21.87
CA PRO E 115 -11.38 -24.75 21.31
C PRO E 115 -12.47 -25.01 22.34
N SER E 116 -13.51 -24.20 22.29
CA SER E 116 -14.65 -24.37 23.17
C SER E 116 -15.55 -25.49 22.69
N SER E 117 -16.46 -25.93 23.58
CA SER E 117 -17.38 -27.00 23.25
C SER E 117 -18.41 -26.54 22.23
N PHE E 118 -19.00 -27.51 21.53
CA PHE E 118 -19.98 -27.18 20.50
C PHE E 118 -21.28 -26.66 21.09
N ASP E 119 -21.65 -27.13 22.29
CA ASP E 119 -22.84 -26.60 22.97
C ASP E 119 -22.65 -25.12 23.29
N GLU E 120 -21.46 -24.74 23.76
CA GLU E 120 -21.17 -23.34 23.99
C GLU E 120 -21.18 -22.54 22.70
N ILE E 121 -20.60 -23.08 21.62
CA ILE E 121 -20.55 -22.38 20.33
C ILE E 121 -21.96 -22.15 19.79
N ALA E 122 -22.83 -23.16 19.90
CA ALA E 122 -24.21 -23.04 19.46
C ALA E 122 -24.99 -22.04 20.30
N THR E 123 -24.77 -22.03 21.62
CA THR E 123 -25.52 -21.09 22.47
C THR E 123 -25.10 -19.65 22.21
N MET E 124 -23.81 -19.40 21.99
CA MET E 124 -23.39 -18.02 21.76
C MET E 124 -23.68 -17.56 20.34
N ARG E 125 -23.61 -18.47 19.36
CA ARG E 125 -23.99 -18.06 18.02
C ARG E 125 -25.51 -18.05 17.82
N ALA E 126 -26.28 -18.58 18.78
CA ALA E 126 -27.71 -18.32 18.84
C ALA E 126 -28.05 -17.14 19.72
N HIS E 127 -27.12 -16.71 20.57
CA HIS E 127 -27.27 -15.46 21.31
C HIS E 127 -27.25 -14.29 20.32
N PRO E 128 -28.06 -13.23 20.55
CA PRO E 128 -28.06 -12.09 19.63
C PRO E 128 -26.72 -11.35 19.51
N PHE E 129 -26.25 -10.77 20.61
CA PHE E 129 -25.06 -9.93 20.56
C PHE E 129 -23.79 -10.76 20.36
N ILE E 130 -23.69 -11.88 21.09
CA ILE E 130 -22.50 -12.71 21.00
C ILE E 130 -22.47 -13.46 19.67
N GLY E 131 -23.65 -13.72 19.10
CA GLY E 131 -23.70 -14.23 17.73
C GLY E 131 -23.26 -13.21 16.71
N LEU E 132 -23.60 -11.94 16.92
CA LEU E 132 -23.14 -10.90 16.01
C LEU E 132 -21.64 -10.69 16.13
N PHE E 133 -21.11 -10.69 17.35
CA PHE E 133 -19.70 -10.41 17.59
C PHE E 133 -19.09 -11.57 18.37
N GLY E 134 -18.21 -12.33 17.72
CA GLY E 134 -17.56 -13.44 18.36
C GLY E 134 -16.36 -13.02 19.17
N GLY E 135 -15.23 -13.69 18.97
CA GLY E 135 -14.05 -13.39 19.74
C GLY E 135 -14.02 -14.13 21.05
N GLY E 136 -13.69 -13.42 22.13
CA GLY E 136 -13.54 -14.03 23.42
C GLY E 136 -12.19 -14.72 23.55
N PRO E 137 -11.98 -15.45 24.64
CA PRO E 137 -10.72 -16.17 24.81
C PRO E 137 -10.55 -17.34 23.85
N ARG E 138 -11.62 -17.89 23.29
CA ARG E 138 -11.55 -19.11 22.49
C ARG E 138 -11.99 -18.90 21.06
N MET E 139 -11.89 -17.65 20.58
CA MET E 139 -11.87 -17.30 19.15
C MET E 139 -13.18 -17.65 18.44
N LEU E 140 -14.27 -17.13 18.96
CA LEU E 140 -15.57 -17.33 18.33
C LEU E 140 -15.70 -16.49 17.06
N GLU E 141 -16.35 -17.05 16.06
CA GLU E 141 -16.64 -16.32 14.82
C GLU E 141 -18.06 -15.77 14.86
N GLY E 142 -18.17 -14.45 14.78
CA GLY E 142 -19.48 -13.82 14.73
C GLY E 142 -20.13 -13.96 13.37
N ARG E 143 -21.47 -13.88 13.36
CA ARG E 143 -22.23 -13.98 12.12
C ARG E 143 -22.36 -12.65 11.40
N LEU E 144 -21.82 -11.57 11.96
CA LEU E 144 -21.92 -10.24 11.37
C LEU E 144 -20.66 -9.94 10.58
N MET E 145 -20.82 -9.30 9.43
CA MET E 145 -19.75 -9.10 8.46
C MET E 145 -19.84 -7.64 7.99
N VAL E 146 -18.96 -6.79 8.50
CA VAL E 146 -19.13 -5.35 8.40
C VAL E 146 -18.11 -4.80 7.39
N ASP E 147 -18.63 -4.32 6.27
CA ASP E 147 -17.79 -3.71 5.24
C ASP E 147 -17.45 -2.27 5.63
N SER E 148 -16.49 -1.70 4.91
CA SER E 148 -16.12 -0.30 5.06
C SER E 148 -17.24 0.60 4.55
N LEU E 149 -17.30 1.80 5.11
CA LEU E 149 -18.26 2.80 4.66
C LEU E 149 -17.74 3.43 3.38
N TYR E 150 -18.34 3.05 2.24
CA TYR E 150 -17.81 3.55 0.96
C TYR E 150 -18.65 4.71 0.46
N PRO E 151 -18.06 5.82 0.05
CA PRO E 151 -18.84 6.88 -0.60
C PRO E 151 -19.32 6.42 -1.97
N ILE E 152 -20.50 6.92 -2.36
CA ILE E 152 -21.02 6.60 -3.68
C ILE E 152 -20.26 7.46 -4.68
N HIS E 153 -19.21 6.88 -5.26
CA HIS E 153 -18.24 7.59 -6.06
C HIS E 153 -17.91 6.77 -7.30
N THR E 154 -17.47 7.47 -8.35
CA THR E 154 -17.08 6.78 -9.58
C THR E 154 -15.78 5.99 -9.42
N ASN E 155 -15.00 6.28 -8.38
CA ASN E 155 -13.86 5.44 -8.05
C ASN E 155 -14.31 4.08 -7.51
N ALA E 156 -15.49 4.04 -6.88
CA ALA E 156 -16.07 2.81 -6.38
C ALA E 156 -17.07 2.18 -7.34
N GLU E 157 -16.98 2.49 -8.64
CA GLU E 157 -17.98 2.00 -9.59
C GLU E 157 -17.85 0.49 -9.81
N ARG E 158 -16.67 -0.08 -9.53
CA ARG E 158 -16.55 -1.53 -9.52
C ARG E 158 -16.91 -2.10 -8.15
N ILE E 159 -17.08 -1.24 -7.15
CA ILE E 159 -17.40 -1.71 -5.81
C ILE E 159 -18.92 -1.83 -5.62
N LEU E 160 -19.66 -0.81 -6.05
CA LEU E 160 -21.11 -0.86 -5.89
C LEU E 160 -21.74 -1.76 -6.95
N GLY E 161 -23.01 -2.10 -6.72
CA GLY E 161 -23.77 -2.88 -7.67
C GLY E 161 -24.43 -2.01 -8.73
N ALA E 162 -25.73 -2.18 -8.92
CA ALA E 162 -26.49 -1.43 -9.90
C ALA E 162 -27.40 -0.44 -9.19
N GLY E 163 -27.82 0.60 -9.92
CA GLY E 163 -28.73 1.60 -9.40
C GLY E 163 -28.08 2.78 -8.72
N TYR E 164 -26.76 2.75 -8.51
CA TYR E 164 -26.06 3.86 -7.87
C TYR E 164 -25.46 4.85 -8.85
N GLU E 165 -25.63 4.62 -10.16
CA GLU E 165 -24.90 5.40 -11.15
C GLU E 165 -25.45 6.81 -11.28
N ASN E 166 -26.76 6.99 -11.05
CA ASN E 166 -27.35 8.32 -11.11
C ASN E 166 -26.91 9.17 -9.92
N GLU E 167 -26.64 8.52 -8.80
CA GLU E 167 -26.22 9.18 -7.57
C GLU E 167 -24.70 9.34 -7.49
N MET E 168 -23.95 8.58 -8.31
CA MET E 168 -22.49 8.51 -8.21
C MET E 168 -21.83 9.85 -8.51
N MET E 169 -21.04 10.31 -7.54
CA MET E 169 -20.37 11.60 -7.56
C MET E 169 -18.95 11.45 -8.09
N SER E 170 -18.51 12.42 -8.89
CA SER E 170 -17.16 12.44 -9.44
C SER E 170 -16.34 13.55 -8.78
N GLY E 171 -15.03 13.51 -9.01
CA GLY E 171 -14.14 14.55 -8.57
C GLY E 171 -13.54 14.32 -7.19
N PRO E 172 -12.79 15.30 -6.69
CA PRO E 172 -12.18 15.14 -5.36
C PRO E 172 -13.20 15.36 -4.25
N ILE E 173 -13.06 14.58 -3.19
CA ILE E 173 -14.04 14.54 -2.10
C ILE E 173 -13.41 14.88 -0.76
N THR E 174 -12.28 15.58 -0.75
CA THR E 174 -11.52 15.81 0.46
C THR E 174 -11.15 17.28 0.62
N GLN E 175 -10.77 17.63 1.84
CA GLN E 175 -10.23 18.94 2.16
C GLN E 175 -9.19 18.85 3.25
N VAL E 176 -8.04 19.49 3.00
CA VAL E 176 -7.13 19.83 4.09
C VAL E 176 -7.78 20.92 4.94
N VAL E 177 -8.17 20.58 6.17
CA VAL E 177 -8.76 21.52 7.10
C VAL E 177 -7.72 21.87 8.15
N TRP E 178 -7.48 23.16 8.34
CA TRP E 178 -6.42 23.66 9.21
C TRP E 178 -6.95 23.89 10.61
N ALA E 179 -6.15 23.57 11.62
CA ALA E 179 -6.45 23.84 13.01
C ALA E 179 -5.21 24.41 13.67
N ARG E 180 -5.41 25.18 14.74
CA ARG E 180 -4.29 25.70 15.50
C ARG E 180 -4.66 25.84 16.96
N ARG E 181 -3.66 25.72 17.82
CA ARG E 181 -3.81 25.90 19.26
C ARG E 181 -2.92 27.06 19.68
N MET E 182 -3.51 28.06 20.32
CA MET E 182 -2.74 29.15 20.88
C MET E 182 -2.15 28.76 22.23
N ASP E 183 -1.07 29.43 22.58
CA ASP E 183 -0.75 29.59 23.98
C ASP E 183 -1.64 30.73 24.49
N PRO E 184 -2.55 30.49 25.42
CA PRO E 184 -3.54 31.52 25.77
C PRO E 184 -3.03 32.57 26.73
N ILE E 185 -1.79 32.45 27.20
CA ILE E 185 -1.19 33.50 28.02
C ILE E 185 -0.94 34.75 27.18
N LEU E 186 -0.61 34.56 25.91
CA LEU E 186 -0.42 35.65 24.95
C LEU E 186 -1.73 36.39 24.67
N ASN E 187 -2.86 35.74 24.92
CA ASN E 187 -4.17 36.32 24.69
C ASN E 187 -4.77 36.95 25.93
N LEU E 188 -4.00 37.06 27.02
CA LEU E 188 -4.49 37.64 28.27
C LEU E 188 -4.87 39.11 28.12
N GLY E 189 -3.87 39.97 27.92
CA GLY E 189 -4.10 41.35 27.55
C GLY E 189 -4.50 42.30 28.67
N SER E 190 -4.88 41.80 29.83
CA SER E 190 -5.37 42.68 30.89
C SER E 190 -4.90 42.16 32.25
N SER E 191 -4.73 43.09 33.19
CA SER E 191 -4.34 42.76 34.55
C SER E 191 -5.51 42.23 35.38
N GLU E 192 -6.73 42.34 34.88
CA GLU E 192 -7.88 41.72 35.51
C GLU E 192 -8.22 40.38 34.88
N ASP E 193 -7.40 39.89 33.95
CA ASP E 193 -7.50 38.53 33.45
C ASP E 193 -6.51 37.58 34.12
N VAL E 194 -5.70 38.08 35.05
CA VAL E 194 -4.80 37.24 35.84
C VAL E 194 -5.18 37.21 37.30
N GLU E 195 -6.31 37.79 37.68
CA GLU E 195 -6.80 37.65 39.06
C GLU E 195 -7.33 36.24 39.29
N VAL E 196 -7.71 35.54 38.21
CA VAL E 196 -8.07 34.13 38.33
C VAL E 196 -6.82 33.27 38.31
N ILE E 197 -5.68 33.83 37.93
CA ILE E 197 -4.43 33.07 37.89
C ILE E 197 -3.70 33.22 39.22
N ASN E 198 -3.33 32.09 39.82
CA ASN E 198 -2.50 32.10 41.01
C ASN E 198 -1.12 32.63 40.68
N GLY E 199 -0.65 33.58 41.48
CA GLY E 199 0.51 34.39 41.13
C GLY E 199 0.19 35.61 40.29
N GLY E 200 -0.64 35.47 39.26
CA GLY E 200 -1.14 36.63 38.56
C GLY E 200 -0.14 37.17 37.55
N ALA E 201 0.28 38.41 37.78
CA ALA E 201 1.17 39.11 36.84
C ALA E 201 2.54 38.44 36.77
N VAL E 202 3.08 38.05 37.93
CA VAL E 202 4.39 37.41 37.96
C VAL E 202 4.32 36.00 37.35
N ALA E 203 3.17 35.33 37.48
CA ALA E 203 3.01 34.01 36.87
C ALA E 203 2.89 34.11 35.35
N ALA E 204 2.15 35.11 34.86
CA ALA E 204 2.06 35.33 33.42
C ALA E 204 3.41 35.75 32.84
N ASN E 205 4.16 36.58 33.57
CA ASN E 205 5.50 36.96 33.15
C ASN E 205 6.44 35.76 33.12
N GLY E 206 6.31 34.87 34.11
CA GLY E 206 7.13 33.66 34.12
C GLY E 206 6.79 32.72 32.97
N TRP E 207 5.51 32.63 32.61
CA TRP E 207 5.11 31.83 31.45
C TRP E 207 5.65 32.42 30.15
N ILE E 208 5.61 33.76 30.03
CA ILE E 208 6.18 34.43 28.86
C ILE E 208 7.68 34.20 28.76
N GLN E 209 8.40 34.35 29.87
CA GLN E 209 9.86 34.17 29.84
C GLN E 209 10.24 32.70 29.65
N ASP E 210 9.40 31.77 30.11
CA ASP E 210 9.62 30.36 29.82
C ASP E 210 9.43 30.06 28.34
N LEU E 211 8.42 30.68 27.71
CA LEU E 211 8.23 30.54 26.28
C LEU E 211 9.40 31.14 25.49
N LEU E 212 9.91 32.29 25.95
CA LEU E 212 11.05 32.92 25.29
C LEU E 212 12.32 32.09 25.45
N ALA E 213 12.52 31.48 26.62
CA ALA E 213 13.69 30.63 26.83
C ALA E 213 13.58 29.34 26.04
N ASN E 214 12.36 28.82 25.86
CA ASN E 214 12.17 27.63 25.05
C ASN E 214 12.37 27.95 23.56
N SER E 215 11.99 29.15 23.13
CA SER E 215 12.18 29.53 21.73
C SER E 215 13.65 29.86 21.47
N LYS E 216 14.37 30.33 22.49
CA LYS E 216 15.79 30.62 22.33
C LYS E 216 16.60 29.34 22.18
N ALA E 217 16.28 28.33 22.96
CA ALA E 217 17.00 27.05 22.89
C ALA E 217 16.40 26.13 21.83
N GLY E 240 10.63 19.97 26.57
CA GLY E 240 9.34 20.61 26.76
C GLY E 240 8.76 21.21 25.49
N ARG E 241 7.44 21.11 25.34
CA ARG E 241 6.75 21.64 24.17
C ARG E 241 5.67 22.61 24.65
N GLY E 242 5.61 23.78 24.02
CA GLY E 242 4.61 24.77 24.34
C GLY E 242 3.28 24.45 23.70
N LEU E 243 2.33 25.37 23.90
CA LEU E 243 0.97 25.18 23.41
C LEU E 243 0.75 25.73 22.01
N LYS E 244 1.73 26.42 21.43
CA LYS E 244 1.57 26.94 20.07
C LYS E 244 1.67 25.80 19.07
N ALA E 245 0.55 25.49 18.41
CA ALA E 245 0.50 24.42 17.43
C ALA E 245 -0.26 24.90 16.20
N PHE E 246 0.19 24.47 15.02
CA PHE E 246 -0.51 24.74 13.78
C PHE E 246 -0.41 23.48 12.92
N ASN E 247 -1.55 22.87 12.64
CA ASN E 247 -1.58 21.54 12.05
C ASN E 247 -2.75 21.44 11.10
N ALA E 248 -2.81 20.34 10.37
CA ALA E 248 -3.83 20.14 9.36
C ALA E 248 -4.30 18.69 9.40
N HIS E 249 -5.55 18.50 8.97
CA HIS E 249 -6.09 17.16 8.83
C HIS E 249 -6.97 17.11 7.59
N GLU E 250 -6.77 16.09 6.77
CA GLU E 250 -7.61 15.93 5.59
C GLU E 250 -8.88 15.18 5.98
N VAL E 251 -10.01 15.69 5.50
CA VAL E 251 -11.32 15.15 5.83
C VAL E 251 -12.07 14.85 4.53
N VAL E 252 -13.02 13.92 4.61
CA VAL E 252 -14.00 13.75 3.54
C VAL E 252 -14.98 14.91 3.62
N ILE E 253 -15.44 15.37 2.45
CA ILE E 253 -16.30 16.56 2.44
C ILE E 253 -17.69 16.18 2.93
N PRO E 254 -18.39 17.09 3.66
CA PRO E 254 -19.74 16.81 4.17
C PRO E 254 -20.79 16.81 3.06
N GLY E 255 -21.90 16.10 3.29
CA GLY E 255 -23.01 16.00 2.32
C GLY E 255 -22.80 14.87 1.33
N LEU E 256 -21.70 14.12 1.48
CA LEU E 256 -21.41 12.97 0.60
C LEU E 256 -22.42 11.85 0.88
N LYS E 257 -22.85 11.14 -0.16
CA LYS E 257 -23.78 9.99 0.01
C LYS E 257 -22.91 8.74 0.12
N TRP E 258 -23.12 7.94 1.16
CA TRP E 258 -22.30 6.74 1.36
C TRP E 258 -23.13 5.48 1.19
N VAL E 259 -22.51 4.36 1.51
CA VAL E 259 -23.16 3.05 1.59
C VAL E 259 -22.37 2.21 2.59
N TRP E 260 -23.08 1.31 3.28
CA TRP E 260 -22.52 0.49 4.34
C TRP E 260 -23.06 -0.93 4.20
N ARG E 261 -22.21 -1.87 3.82
CA ARG E 261 -22.65 -3.23 3.54
C ARG E 261 -22.49 -4.10 4.78
N ILE E 262 -23.55 -4.22 5.56
CA ILE E 262 -23.65 -5.17 6.66
C ILE E 262 -24.10 -6.49 6.06
N SER E 263 -23.44 -7.57 6.43
CA SER E 263 -23.79 -8.88 5.89
C SER E 263 -23.95 -9.86 7.06
N LEU E 264 -24.79 -10.86 6.87
CA LEU E 264 -25.16 -11.78 7.94
C LEU E 264 -25.02 -13.22 7.46
N ASP E 265 -24.22 -14.00 8.18
CA ASP E 265 -23.94 -15.39 7.82
C ASP E 265 -24.90 -16.27 8.63
N ARG E 266 -25.99 -16.67 7.97
CA ARG E 266 -27.03 -17.52 8.55
C ARG E 266 -27.59 -17.03 9.89
N PRO E 267 -28.21 -15.84 9.91
CA PRO E 267 -28.56 -15.23 11.19
C PRO E 267 -29.87 -15.76 11.77
N THR E 268 -30.00 -15.61 13.09
CA THR E 268 -31.30 -15.67 13.71
C THR E 268 -32.04 -14.37 13.46
N ASP E 269 -33.37 -14.40 13.60
CA ASP E 269 -34.15 -13.19 13.40
C ASP E 269 -33.92 -12.18 14.53
N ALA E 270 -33.51 -12.66 15.70
CA ALA E 270 -33.16 -11.77 16.80
C ALA E 270 -31.90 -10.98 16.49
N GLN E 271 -30.94 -11.60 15.80
CA GLN E 271 -29.71 -10.90 15.42
C GLN E 271 -29.97 -9.81 14.39
N VAL E 272 -30.83 -10.09 13.40
CA VAL E 272 -31.23 -9.09 12.42
C VAL E 272 -32.01 -7.96 13.09
N GLY E 273 -32.86 -8.32 14.06
CA GLY E 273 -33.57 -7.31 14.82
C GLY E 273 -32.64 -6.45 15.68
N LEU E 274 -31.56 -7.03 16.20
CA LEU E 274 -30.57 -6.25 16.94
C LEU E 274 -29.83 -5.29 16.01
N VAL E 275 -29.53 -5.74 14.79
CA VAL E 275 -28.90 -4.85 13.80
C VAL E 275 -29.83 -3.70 13.44
N LEU E 276 -31.11 -3.99 13.22
CA LEU E 276 -32.07 -2.95 12.86
C LEU E 276 -32.35 -2.01 14.03
N LEU E 277 -32.32 -2.53 15.27
CA LEU E 277 -32.46 -1.68 16.45
C LEU E 277 -31.27 -0.74 16.59
N ALA E 278 -30.07 -1.24 16.28
CA ALA E 278 -28.90 -0.37 16.26
C ALA E 278 -29.00 0.69 15.17
N LEU E 279 -29.48 0.29 13.98
CA LEU E 279 -29.59 1.21 12.86
C LEU E 279 -30.67 2.26 13.09
N ASN E 280 -31.66 1.95 13.93
CA ASN E 280 -32.73 2.90 14.20
C ASN E 280 -32.24 4.07 15.05
N LYS E 281 -31.23 3.84 15.88
CA LYS E 281 -30.74 4.86 16.81
C LYS E 281 -29.22 5.08 16.69
N MET E 282 -28.71 5.09 15.45
CA MET E 282 -27.39 5.62 15.16
C MET E 282 -27.43 7.09 14.77
N THR E 283 -28.60 7.73 14.86
CA THR E 283 -28.75 9.12 14.44
C THR E 283 -28.03 10.09 15.36
N ASN E 284 -27.77 9.70 16.61
CA ASN E 284 -27.04 10.53 17.55
C ASN E 284 -25.65 9.97 17.84
N GLU E 285 -25.15 9.11 16.96
CA GLU E 285 -23.84 8.49 17.10
C GLU E 285 -22.89 9.08 16.07
N ARG E 286 -21.60 9.14 16.42
CA ARG E 286 -20.59 9.74 15.58
C ARG E 286 -19.77 8.66 14.88
N ILE E 287 -19.39 8.94 13.64
CA ILE E 287 -18.61 8.02 12.80
C ILE E 287 -17.15 8.44 12.84
N ALA E 288 -16.28 7.50 13.25
CA ALA E 288 -14.81 7.62 13.25
C ALA E 288 -14.41 8.75 14.21
N GLY E 289 -13.48 9.62 13.83
CA GLY E 289 -12.92 10.58 14.76
C GLY E 289 -13.29 12.02 14.50
N GLY E 290 -12.80 12.92 15.35
CA GLY E 290 -13.18 14.32 15.28
C GLY E 290 -14.34 14.62 16.21
N HIS E 291 -14.25 14.13 17.45
CA HIS E 291 -15.36 14.26 18.39
C HIS E 291 -15.57 15.71 18.82
N SER E 292 -14.48 16.46 19.02
CA SER E 292 -14.64 17.84 19.46
C SER E 292 -15.16 18.74 18.34
N LYS E 293 -14.92 18.35 17.09
CA LYS E 293 -15.35 19.13 15.94
C LYS E 293 -16.69 18.67 15.38
N ASP E 294 -17.38 17.76 16.07
CA ASP E 294 -18.68 17.20 15.67
C ASP E 294 -18.62 16.54 14.29
N TYR E 295 -17.49 15.88 14.02
CA TYR E 295 -17.13 15.49 12.66
C TYR E 295 -17.91 14.26 12.20
N GLY E 296 -18.29 13.38 13.11
CA GLY E 296 -18.88 12.13 12.70
C GLY E 296 -20.37 12.11 12.44
N ARG E 297 -21.00 13.28 12.41
CA ARG E 297 -22.45 13.36 12.31
C ARG E 297 -22.94 12.98 10.91
N PHE E 298 -24.04 12.25 10.87
CA PHE E 298 -24.56 11.68 9.63
C PHE E 298 -26.05 11.40 9.80
N VAL E 299 -26.74 11.28 8.67
CA VAL E 299 -28.12 10.79 8.64
C VAL E 299 -28.17 9.59 7.71
N ILE E 300 -29.16 8.74 7.93
CA ILE E 300 -29.33 7.52 7.16
C ILE E 300 -30.34 7.80 6.06
N ASP E 301 -29.89 7.80 4.81
CA ASP E 301 -30.77 8.00 3.67
C ASP E 301 -31.61 6.79 3.33
N GLY E 302 -31.08 5.59 3.52
CA GLY E 302 -31.85 4.39 3.22
C GLY E 302 -31.20 3.16 3.81
N VAL E 303 -32.05 2.14 4.01
CA VAL E 303 -31.61 0.84 4.50
C VAL E 303 -32.27 -0.20 3.60
N SER E 304 -31.46 -0.93 2.84
CA SER E 304 -31.95 -2.02 2.01
C SER E 304 -31.78 -3.34 2.76
N LEU E 305 -32.88 -4.08 2.92
CA LEU E 305 -32.90 -5.34 3.65
C LEU E 305 -33.07 -6.45 2.62
N ASN E 306 -31.94 -7.09 2.25
CA ASN E 306 -31.86 -8.06 1.16
C ASN E 306 -32.40 -7.49 -0.15
N GLY E 307 -32.05 -6.24 -0.43
CA GLY E 307 -32.46 -5.57 -1.65
C GLY E 307 -33.77 -4.81 -1.56
N GLU E 308 -34.50 -4.93 -0.45
CA GLU E 308 -35.79 -4.27 -0.30
C GLU E 308 -35.66 -3.15 0.72
N GLN E 309 -36.13 -1.96 0.35
CA GLN E 309 -35.96 -0.74 1.15
C GLN E 309 -36.90 -0.79 2.34
N VAL E 310 -36.36 -0.57 3.54
CA VAL E 310 -37.14 -0.65 4.77
C VAL E 310 -37.02 0.63 5.61
N TRP E 311 -36.36 1.66 5.11
CA TRP E 311 -36.10 2.88 5.89
C TRP E 311 -37.05 3.99 5.47
N SER E 312 -37.47 4.79 6.45
CA SER E 312 -38.27 5.98 6.22
C SER E 312 -37.78 7.08 7.16
N GLN E 313 -38.59 8.12 7.32
CA GLN E 313 -38.20 9.26 8.16
C GLN E 313 -38.22 8.90 9.63
N SER E 314 -39.13 8.01 10.04
CA SER E 314 -39.27 7.66 11.45
C SER E 314 -38.36 6.52 11.88
N GLY E 315 -37.60 5.93 10.95
CA GLY E 315 -36.75 4.80 11.24
C GLY E 315 -37.01 3.66 10.28
N ILE E 316 -36.71 2.44 10.74
CA ILE E 316 -36.93 1.27 9.91
C ILE E 316 -38.38 0.84 10.02
N THR E 317 -39.08 0.81 8.89
CA THR E 317 -40.42 0.27 8.81
C THR E 317 -40.38 -1.10 8.14
N GLY E 318 -41.31 -1.95 8.55
CA GLY E 318 -41.22 -3.33 8.11
C GLY E 318 -40.14 -4.07 8.89
N GLY E 319 -39.86 -5.30 8.44
CA GLY E 319 -39.00 -6.18 9.20
C GLY E 319 -39.57 -6.53 10.55
N GLU E 320 -40.87 -6.79 10.63
CA GLU E 320 -41.57 -6.88 11.90
C GLU E 320 -41.18 -8.14 12.67
N GLN E 321 -40.90 -9.23 11.95
CA GLN E 321 -40.52 -10.47 12.62
C GLN E 321 -39.15 -10.34 13.29
N TYR E 322 -38.29 -9.49 12.72
CA TYR E 322 -36.96 -9.26 13.31
C TYR E 322 -37.08 -8.44 14.58
N PHE E 323 -37.96 -7.43 14.57
CA PHE E 323 -38.16 -6.59 15.75
C PHE E 323 -38.84 -7.37 16.86
N ASP E 324 -39.81 -8.23 16.53
CA ASP E 324 -40.43 -9.06 17.55
C ASP E 324 -39.45 -10.10 18.09
N ALA E 325 -38.58 -10.65 17.24
CA ALA E 325 -37.60 -11.63 17.70
C ALA E 325 -36.59 -11.00 18.64
N VAL E 326 -36.10 -9.79 18.31
CA VAL E 326 -35.16 -9.13 19.21
C VAL E 326 -35.89 -8.59 20.44
N ALA E 327 -37.21 -8.42 20.36
CA ALA E 327 -37.98 -8.04 21.54
C ALA E 327 -38.06 -9.19 22.55
N GLU E 328 -38.39 -10.40 22.07
CA GLU E 328 -38.41 -11.55 22.96
C GLU E 328 -37.01 -12.02 23.34
N ALA E 329 -35.98 -11.64 22.57
CA ALA E 329 -34.62 -12.00 22.92
C ALA E 329 -34.02 -11.02 23.94
N ILE E 330 -34.33 -9.73 23.81
CA ILE E 330 -33.88 -8.74 24.79
C ILE E 330 -34.58 -8.98 26.14
N ASP E 331 -35.83 -9.41 26.10
CA ASP E 331 -36.46 -9.94 27.32
C ASP E 331 -35.81 -11.28 27.67
N GLY E 332 -35.42 -11.43 28.93
CA GLY E 332 -34.68 -12.60 29.33
C GLY E 332 -33.20 -12.56 29.00
N LEU E 333 -32.67 -11.40 28.59
CA LEU E 333 -31.24 -11.28 28.36
C LEU E 333 -30.50 -11.30 29.69
N SER E 334 -29.67 -12.32 29.88
CA SER E 334 -29.03 -12.57 31.17
C SER E 334 -27.54 -12.25 31.07
N SER E 335 -26.96 -11.94 32.22
CA SER E 335 -25.53 -11.65 32.28
C SER E 335 -24.69 -12.90 32.16
N LYS E 336 -25.25 -14.08 32.45
CA LYS E 336 -24.45 -15.29 32.57
C LYS E 336 -23.93 -15.77 31.22
N GLU E 337 -24.62 -15.43 30.11
CA GLU E 337 -24.11 -15.75 28.79
C GLU E 337 -22.84 -14.95 28.49
N PHE E 338 -22.83 -13.66 28.86
CA PHE E 338 -21.64 -12.84 28.71
C PHE E 338 -20.54 -13.31 29.67
N GLU E 339 -20.91 -13.78 30.86
CA GLU E 339 -19.93 -14.25 31.83
C GLU E 339 -19.22 -15.51 31.36
N GLN E 340 -19.96 -16.48 30.82
CA GLN E 340 -19.29 -17.69 30.35
C GLN E 340 -18.84 -17.56 28.90
N PHE E 341 -19.10 -16.41 28.26
CA PHE E 341 -18.36 -16.04 27.06
C PHE E 341 -17.01 -15.46 27.41
N ALA E 342 -16.94 -14.68 28.49
CA ALA E 342 -15.70 -14.05 28.92
C ALA E 342 -14.84 -14.95 29.79
N GLN E 343 -15.34 -16.11 30.19
CA GLN E 343 -14.62 -16.98 31.12
C GLN E 343 -13.50 -17.68 30.38
N SER E 344 -12.27 -17.56 30.90
CA SER E 344 -11.13 -18.16 30.26
C SER E 344 -11.04 -19.66 30.56
N ALA E 345 -10.10 -20.31 29.89
CA ALA E 345 -9.89 -21.74 30.09
C ALA E 345 -8.43 -22.04 30.42
N MET F 1 -28.08 15.56 23.07
CA MET F 1 -28.96 16.71 22.93
C MET F 1 -28.45 17.71 21.89
N GLN F 2 -29.33 18.14 20.98
CA GLN F 2 -28.92 18.89 19.81
C GLN F 2 -29.34 20.34 19.97
N ILE F 3 -28.40 21.27 19.76
CA ILE F 3 -28.67 22.69 19.78
C ILE F 3 -28.37 23.26 18.40
N GLU F 4 -29.31 24.01 17.85
CA GLU F 4 -29.17 24.62 16.53
C GLU F 4 -29.25 26.13 16.70
N VAL F 5 -28.10 26.78 16.69
CA VAL F 5 -28.00 28.22 16.89
C VAL F 5 -27.97 28.90 15.53
N THR F 6 -29.10 29.45 15.12
CA THR F 6 -29.20 30.19 13.87
C THR F 6 -28.88 31.65 14.13
N VAL F 7 -27.79 32.13 13.54
CA VAL F 7 -27.33 33.49 13.73
C VAL F 7 -27.29 34.18 12.37
N ARG F 8 -27.28 35.51 12.41
CA ARG F 8 -27.13 36.33 11.22
C ARG F 8 -26.01 37.32 11.46
N ASN F 9 -25.02 37.32 10.57
CA ASN F 9 -23.87 38.19 10.76
C ASN F 9 -24.25 39.62 10.39
N ILE F 10 -23.84 40.56 11.24
CA ILE F 10 -24.20 41.97 11.05
C ILE F 10 -23.15 42.66 10.20
N THR F 11 -21.90 42.30 10.41
CA THR F 11 -20.70 42.75 9.72
C THR F 11 -20.08 41.57 8.97
N PRO F 12 -19.19 41.81 8.01
CA PRO F 12 -18.56 40.70 7.26
C PRO F 12 -17.72 39.78 8.14
N ILE F 13 -17.66 38.50 7.71
CA ILE F 13 -16.94 37.43 8.41
C ILE F 13 -15.62 37.19 7.70
N PHE F 14 -14.53 37.13 8.46
CA PHE F 14 -13.21 36.89 7.87
C PHE F 14 -12.45 35.88 8.74
N SER F 15 -12.64 34.59 8.46
CA SER F 15 -11.82 33.54 9.04
C SER F 15 -10.79 33.15 7.99
N ALA F 16 -9.55 33.61 8.16
CA ALA F 16 -8.55 33.59 7.09
C ALA F 16 -8.11 32.16 6.81
N ALA F 17 -8.35 31.71 5.58
CA ALA F 17 -7.87 30.40 5.16
C ALA F 17 -6.37 30.45 4.97
N PRO F 18 -5.61 29.51 5.56
CA PRO F 18 -4.16 29.49 5.35
C PRO F 18 -3.80 29.18 3.90
N GLY F 19 -2.75 29.83 3.42
CA GLY F 19 -2.34 29.67 2.04
C GLY F 19 -2.00 30.97 1.36
N SER F 20 -0.86 31.02 0.67
CA SER F 20 -0.43 32.22 -0.03
C SER F 20 -1.18 32.36 -1.35
N ASN F 21 -2.41 32.87 -1.29
CA ASN F 21 -3.22 33.09 -2.47
C ASN F 21 -3.04 34.52 -2.97
N TYR F 22 -3.41 34.75 -4.23
CA TYR F 22 -3.15 36.02 -4.87
C TYR F 22 -4.35 36.45 -5.71
N ILE F 23 -4.40 37.74 -6.00
CA ILE F 23 -5.57 38.38 -6.59
C ILE F 23 -5.09 39.48 -7.53
N THR F 24 -5.83 39.70 -8.62
CA THR F 24 -5.58 40.86 -9.47
C THR F 24 -6.51 42.00 -9.06
N ILE F 25 -6.35 43.14 -9.75
CA ILE F 25 -7.11 44.33 -9.37
C ILE F 25 -8.58 44.23 -9.78
N ASP F 26 -8.92 43.34 -10.70
CA ASP F 26 -10.28 43.18 -11.19
C ASP F 26 -10.84 41.79 -10.87
N GLY F 27 -10.43 41.23 -9.74
CA GLY F 27 -10.81 39.88 -9.39
C GLY F 27 -9.74 38.89 -9.80
N THR F 28 -10.17 37.76 -10.38
CA THR F 28 -9.30 36.71 -10.93
C THR F 28 -8.38 36.15 -9.83
N ILE F 29 -9.02 35.40 -8.94
CA ILE F 29 -8.32 34.76 -7.84
C ILE F 29 -7.29 33.76 -8.38
N ASN F 30 -6.06 33.84 -7.84
CA ASN F 30 -4.88 33.04 -8.19
C ASN F 30 -4.58 33.10 -9.69
N PRO F 31 -4.05 34.22 -10.18
CA PRO F 31 -3.80 34.35 -11.62
C PRO F 31 -2.53 33.64 -12.02
N PRO F 32 -2.28 33.48 -13.33
CA PRO F 32 -0.94 33.12 -13.79
C PRO F 32 0.05 34.21 -13.46
N PRO F 33 1.33 33.85 -13.24
CA PRO F 33 2.32 34.85 -12.84
C PRO F 33 2.61 35.87 -13.93
N GLY F 34 2.94 37.08 -13.51
CA GLY F 34 3.23 38.17 -14.40
C GLY F 34 2.14 39.20 -14.59
N VAL F 35 1.00 39.04 -13.91
CA VAL F 35 -0.12 39.96 -14.05
C VAL F 35 -0.24 40.82 -12.77
N SER F 36 0.89 41.04 -12.10
CA SER F 36 1.05 41.89 -10.90
C SER F 36 0.13 41.41 -9.77
N ARG F 37 0.44 40.22 -9.29
CA ARG F 37 -0.38 39.57 -8.25
C ARG F 37 -0.28 40.32 -6.93
N PHE F 38 -1.38 40.33 -6.19
CA PHE F 38 -1.50 40.97 -4.90
C PHE F 38 -1.81 39.91 -3.86
N PRO F 39 -1.28 40.02 -2.63
CA PRO F 39 -1.55 38.99 -1.62
C PRO F 39 -3.00 39.02 -1.16
N LEU F 40 -3.60 37.84 -1.07
CA LEU F 40 -5.02 37.70 -0.76
C LEU F 40 -5.19 36.60 0.28
N VAL F 41 -5.68 36.97 1.45
CA VAL F 41 -6.08 36.00 2.47
C VAL F 41 -7.57 35.73 2.29
N ARG F 42 -7.89 34.60 1.68
CA ARG F 42 -9.28 34.21 1.48
C ARG F 42 -9.91 33.79 2.79
N THR F 43 -11.22 33.98 2.90
CA THR F 43 -11.94 33.50 4.07
C THR F 43 -12.07 31.99 4.01
N ARG F 44 -12.35 31.37 5.16
CA ARG F 44 -12.37 29.92 5.26
C ARG F 44 -13.52 29.34 4.47
N MET F 45 -13.22 28.30 3.68
CA MET F 45 -14.17 27.68 2.79
C MET F 45 -14.15 26.18 3.03
N MET F 46 -15.33 25.58 3.09
CA MET F 46 -15.49 24.13 3.17
C MET F 46 -16.01 23.66 1.82
N TYR F 47 -15.37 22.64 1.25
CA TYR F 47 -15.95 21.99 0.09
C TYR F 47 -17.11 21.10 0.54
N VAL F 48 -18.24 21.23 -0.16
CA VAL F 48 -19.48 20.56 0.22
C VAL F 48 -20.05 19.90 -1.03
N ALA F 49 -20.40 18.63 -0.93
CA ALA F 49 -21.14 17.98 -2.01
C ALA F 49 -22.54 18.56 -2.10
N ALA F 50 -22.93 18.98 -3.31
CA ALA F 50 -24.18 19.68 -3.48
C ALA F 50 -24.76 19.40 -4.86
N ASP F 51 -26.07 19.61 -4.98
CA ASP F 51 -26.81 19.48 -6.23
C ASP F 51 -26.39 20.66 -7.10
N VAL F 52 -25.77 20.37 -8.25
CA VAL F 52 -25.45 21.44 -9.18
C VAL F 52 -26.46 21.48 -10.33
N GLY F 53 -27.00 20.31 -10.69
CA GLY F 53 -28.06 20.21 -11.68
C GLY F 53 -28.87 18.98 -11.36
N ASP F 54 -29.83 18.69 -12.23
CA ASP F 54 -30.77 17.60 -11.97
C ASP F 54 -30.07 16.24 -12.04
N GLY F 55 -29.79 15.68 -10.87
CA GLY F 55 -29.16 14.38 -10.76
C GLY F 55 -27.65 14.37 -10.68
N VAL F 56 -27.00 15.51 -10.51
CA VAL F 56 -25.54 15.57 -10.46
C VAL F 56 -25.10 16.32 -9.20
N ILE F 57 -24.22 15.68 -8.43
CA ILE F 57 -23.69 16.18 -7.18
C ILE F 57 -22.21 16.49 -7.39
N LYS F 58 -21.81 17.72 -7.06
CA LYS F 58 -20.43 18.16 -7.23
C LYS F 58 -19.92 18.79 -5.94
N SER F 59 -18.59 18.82 -5.81
CA SER F 59 -17.94 19.40 -4.64
C SER F 59 -17.75 20.90 -4.87
N VAL F 60 -18.72 21.65 -4.36
CA VAL F 60 -18.76 23.10 -4.53
C VAL F 60 -18.07 23.77 -3.35
N PRO F 61 -17.59 25.01 -3.49
CA PRO F 61 -17.13 25.75 -2.31
C PRO F 61 -18.28 26.34 -1.54
N LEU F 62 -18.10 26.44 -0.22
CA LEU F 62 -19.09 27.06 0.65
C LEU F 62 -18.36 27.72 1.80
N GLN F 63 -18.52 29.03 1.96
CA GLN F 63 -17.70 29.79 2.88
C GLN F 63 -18.23 29.66 4.30
N ILE F 64 -17.39 29.09 5.19
CA ILE F 64 -17.78 28.74 6.54
C ILE F 64 -16.81 29.37 7.54
N VAL F 65 -17.14 29.21 8.81
CA VAL F 65 -16.21 29.43 9.92
C VAL F 65 -15.97 28.07 10.56
N PRO F 66 -14.71 27.65 10.76
CA PRO F 66 -14.46 26.28 11.22
C PRO F 66 -14.91 26.04 12.66
N GLY F 67 -15.22 24.78 12.95
CA GLY F 67 -15.82 24.43 14.23
C GLY F 67 -14.85 24.53 15.38
N ASN F 68 -13.54 24.52 15.10
CA ASN F 68 -12.54 24.79 16.13
C ASN F 68 -12.64 26.24 16.60
N THR F 69 -12.83 27.16 15.66
CA THR F 69 -12.95 28.60 16.01
C THR F 69 -14.19 28.78 16.89
N MET F 70 -15.30 28.14 16.50
CA MET F 70 -16.56 28.21 17.27
C MET F 70 -16.38 27.55 18.63
N ARG F 71 -15.69 26.40 18.68
CA ARG F 71 -15.48 25.68 19.97
C ARG F 71 -14.65 26.54 20.93
N SER F 72 -13.54 27.13 20.46
CA SER F 72 -12.78 28.02 21.32
C SER F 72 -13.55 29.27 21.69
N LEU F 73 -14.42 29.77 20.81
CA LEU F 73 -15.23 30.95 21.11
C LEU F 73 -16.22 30.68 22.23
N LEU F 74 -16.88 29.51 22.18
CA LEU F 74 -17.80 29.10 23.23
C LEU F 74 -17.06 28.90 24.55
N ARG F 75 -15.88 28.26 24.48
CA ARG F 75 -15.01 28.09 25.65
C ARG F 75 -14.62 29.44 26.23
N ARG F 76 -14.31 30.40 25.35
CA ARG F 76 -13.83 31.70 25.80
C ARG F 76 -14.94 32.53 26.42
N THR F 77 -16.17 32.45 25.90
CA THR F 77 -17.22 33.27 26.50
C THR F 77 -17.66 32.71 27.85
N MET F 78 -17.74 31.36 27.97
CA MET F 78 -18.05 30.78 29.29
C MET F 78 -16.92 31.05 30.28
N LEU F 79 -15.67 30.99 29.83
CA LEU F 79 -14.55 31.29 30.70
C LEU F 79 -14.52 32.77 31.09
N LYS F 80 -14.82 33.66 30.13
CA LYS F 80 -14.68 35.09 30.34
C LYS F 80 -15.72 35.61 31.31
N HIS F 81 -16.98 35.18 31.18
CA HIS F 81 -17.98 35.76 32.07
C HIS F 81 -18.96 34.79 32.71
N VAL F 82 -18.67 33.48 32.74
CA VAL F 82 -19.40 32.57 33.63
C VAL F 82 -18.47 31.82 34.58
N ILE F 83 -17.24 31.52 34.15
CA ILE F 83 -16.37 30.64 34.92
C ILE F 83 -15.40 31.43 35.79
N GLU F 84 -14.67 32.38 35.18
CA GLU F 84 -13.79 33.24 35.97
C GLU F 84 -14.52 34.10 37.01
N PRO F 85 -15.70 34.72 36.75
CA PRO F 85 -16.44 35.33 37.88
C PRO F 85 -16.85 34.35 38.97
N ALA F 86 -17.16 33.09 38.60
CA ALA F 86 -17.46 32.08 39.60
C ALA F 86 -16.25 31.71 40.43
N LEU F 87 -15.05 32.01 39.92
CA LEU F 87 -13.84 31.71 40.66
C LEU F 87 -13.35 32.91 41.47
N VAL F 88 -13.54 34.13 40.98
CA VAL F 88 -12.95 35.29 41.66
C VAL F 88 -13.94 36.01 42.56
N GLU F 89 -15.26 35.83 42.37
CA GLU F 89 -16.19 36.18 43.45
C GLU F 89 -16.06 35.24 44.64
N LYS F 90 -15.64 33.99 44.39
CA LYS F 90 -15.36 33.05 45.47
C LYS F 90 -13.90 33.01 45.88
N GLY F 91 -13.04 33.79 45.24
CA GLY F 91 -11.65 33.88 45.63
C GLY F 91 -10.78 32.70 45.25
N ASN F 92 -11.26 31.81 44.38
CA ASN F 92 -10.47 30.68 43.93
C ASN F 92 -9.39 31.15 42.97
N LYS F 93 -8.21 30.54 43.08
CA LYS F 93 -7.04 30.91 42.30
C LYS F 93 -6.64 29.72 41.43
N LEU F 94 -6.97 29.77 40.14
CA LEU F 94 -6.48 28.75 39.20
C LEU F 94 -4.98 28.91 39.02
N SER F 95 -4.29 27.79 38.79
CA SER F 95 -2.88 27.86 38.46
C SER F 95 -2.71 28.34 37.02
N ILE F 96 -1.46 28.70 36.68
CA ILE F 96 -1.17 29.15 35.32
C ILE F 96 -1.29 27.99 34.34
N GLY F 97 -0.92 26.77 34.77
CA GLY F 97 -1.20 25.59 33.98
C GLY F 97 -2.67 25.25 33.95
N ALA F 98 -3.38 25.54 35.05
CA ALA F 98 -4.82 25.35 35.07
C ALA F 98 -5.52 26.34 34.15
N TYR F 99 -5.04 27.58 34.10
CA TYR F 99 -5.55 28.55 33.13
C TYR F 99 -5.27 28.12 31.70
N ALA F 100 -4.06 27.58 31.46
CA ALA F 100 -3.71 27.11 30.12
C ALA F 100 -4.58 25.94 29.69
N THR F 101 -4.83 25.00 30.62
CA THR F 101 -5.65 23.84 30.30
C THR F 101 -7.13 24.20 30.18
N ALA F 102 -7.57 25.24 30.91
CA ALA F 102 -8.95 25.68 30.77
C ALA F 102 -9.16 26.40 29.44
N TYR F 103 -8.24 27.29 29.07
CA TYR F 103 -8.44 28.10 27.86
C TYR F 103 -8.00 27.37 26.58
N SER F 104 -7.21 26.30 26.68
CA SER F 104 -6.68 25.66 25.49
C SER F 104 -6.67 24.14 25.53
N GLY F 105 -7.25 23.52 26.55
CA GLY F 105 -7.35 22.07 26.58
C GLY F 105 -6.12 21.35 27.11
N ASN F 106 -4.99 22.04 27.25
CA ASN F 106 -3.76 21.42 27.72
C ASN F 106 -2.90 22.49 28.38
N ALA F 107 -1.99 22.04 29.25
CA ALA F 107 -1.02 22.93 29.86
C ALA F 107 0.27 22.99 29.06
N THR F 108 0.80 21.84 28.67
CA THR F 108 1.96 21.71 27.81
C THR F 108 1.55 21.02 26.51
N GLY F 109 2.54 20.84 25.63
CA GLY F 109 2.35 20.14 24.39
C GLY F 109 2.59 18.64 24.44
N ASN F 110 2.84 18.09 25.62
CA ASN F 110 3.14 16.67 25.78
C ASN F 110 2.08 16.02 26.67
N PRO F 111 1.08 15.36 26.10
CA PRO F 111 0.12 14.62 26.93
C PRO F 111 0.77 13.39 27.56
N ASP F 112 0.26 12.99 28.72
CA ASP F 112 0.75 11.76 29.35
C ASP F 112 0.19 10.54 28.64
N GLY F 113 1.03 9.53 28.46
CA GLY F 113 0.57 8.30 27.85
C GLY F 113 -0.20 7.42 28.81
N VAL F 114 -0.03 7.66 30.11
CA VAL F 114 -0.75 6.85 31.11
C VAL F 114 -2.21 7.29 31.17
N PRO F 115 -3.15 6.38 31.37
CA PRO F 115 -4.55 6.79 31.53
C PRO F 115 -4.84 7.22 32.97
N SER F 116 -5.80 8.13 33.10
CA SER F 116 -6.24 8.55 34.42
C SER F 116 -7.20 7.53 35.02
N SER F 117 -7.41 7.65 36.33
CA SER F 117 -8.34 6.76 37.02
C SER F 117 -9.77 7.07 36.60
N PHE F 118 -10.65 6.07 36.77
CA PHE F 118 -12.02 6.21 36.30
C PHE F 118 -12.81 7.20 37.16
N ASP F 119 -12.50 7.28 38.45
CA ASP F 119 -13.13 8.26 39.32
C ASP F 119 -12.80 9.68 38.90
N GLU F 120 -11.56 9.92 38.48
CA GLU F 120 -11.17 11.22 37.95
C GLU F 120 -11.93 11.54 36.67
N ILE F 121 -12.06 10.55 35.77
CA ILE F 121 -12.76 10.74 34.51
C ILE F 121 -14.25 11.04 34.76
N ALA F 122 -14.86 10.33 35.71
CA ALA F 122 -16.27 10.54 36.04
C ALA F 122 -16.49 11.92 36.67
N THR F 123 -15.56 12.35 37.52
CA THR F 123 -15.71 13.68 38.13
C THR F 123 -15.52 14.80 37.11
N MET F 124 -14.61 14.63 36.16
CA MET F 124 -14.39 15.71 35.20
C MET F 124 -15.44 15.72 34.10
N ARG F 125 -15.99 14.56 33.75
CA ARG F 125 -17.11 14.56 32.80
C ARG F 125 -18.42 14.92 33.48
N ALA F 126 -18.50 14.81 34.81
CA ALA F 126 -19.64 15.35 35.54
C ALA F 126 -19.42 16.83 35.90
N HIS F 127 -18.21 17.32 35.71
CA HIS F 127 -17.93 18.74 35.93
C HIS F 127 -18.62 19.56 34.84
N PRO F 128 -19.13 20.75 35.16
CA PRO F 128 -19.83 21.55 34.15
C PRO F 128 -18.93 22.06 33.02
N PHE F 129 -17.74 22.55 33.32
CA PHE F 129 -16.83 23.04 32.30
C PHE F 129 -15.95 21.94 31.71
N ILE F 130 -15.34 21.11 32.56
CA ILE F 130 -14.39 20.10 32.09
C ILE F 130 -15.10 19.00 31.31
N GLY F 131 -16.36 18.73 31.64
CA GLY F 131 -17.16 17.80 30.85
C GLY F 131 -17.41 18.29 29.44
N LEU F 132 -17.59 19.61 29.26
CA LEU F 132 -17.78 20.16 27.92
C LEU F 132 -16.48 20.08 27.13
N PHE F 133 -15.38 20.51 27.71
CA PHE F 133 -14.08 20.56 27.03
C PHE F 133 -13.11 19.66 27.77
N GLY F 134 -12.79 18.52 27.16
CA GLY F 134 -11.89 17.56 27.78
C GLY F 134 -10.44 17.89 27.54
N GLY F 135 -9.68 16.90 27.10
CA GLY F 135 -8.25 17.09 26.88
C GLY F 135 -7.49 16.92 28.17
N GLY F 136 -6.66 17.90 28.51
CA GLY F 136 -5.81 17.80 29.67
C GLY F 136 -4.57 16.98 29.39
N PRO F 137 -3.75 16.77 30.41
CA PRO F 137 -2.54 15.94 30.22
C PRO F 137 -2.83 14.48 29.96
N ARG F 138 -3.98 13.96 30.39
CA ARG F 138 -4.32 12.56 30.15
C ARG F 138 -5.50 12.39 29.20
N MET F 139 -5.79 13.42 28.39
CA MET F 139 -6.56 13.31 27.15
C MET F 139 -8.02 12.91 27.39
N LEU F 140 -8.72 13.71 28.19
CA LEU F 140 -10.13 13.48 28.43
C LEU F 140 -10.96 13.83 27.19
N GLU F 141 -12.01 13.05 26.96
CA GLU F 141 -12.97 13.34 25.91
C GLU F 141 -14.11 14.19 26.46
N GLY F 142 -14.30 15.36 25.84
CA GLY F 142 -15.38 16.25 26.21
C GLY F 142 -16.72 15.77 25.71
N ARG F 143 -17.79 16.26 26.35
CA ARG F 143 -19.14 15.92 25.94
C ARG F 143 -19.66 16.81 24.81
N LEU F 144 -18.95 17.90 24.50
CA LEU F 144 -19.43 18.88 23.54
C LEU F 144 -18.94 18.54 22.14
N MET F 145 -19.79 18.82 21.15
CA MET F 145 -19.52 18.49 19.75
C MET F 145 -19.89 19.73 18.93
N VAL F 146 -18.90 20.56 18.60
CA VAL F 146 -19.15 21.87 17.99
C VAL F 146 -18.94 21.77 16.49
N ASP F 147 -20.02 21.99 15.74
CA ASP F 147 -19.95 22.00 14.29
C ASP F 147 -19.43 23.34 13.78
N SER F 148 -19.07 23.37 12.52
CA SER F 148 -18.65 24.58 11.83
C SER F 148 -19.88 25.40 11.41
N LEU F 149 -19.70 26.72 11.34
CA LEU F 149 -20.81 27.64 11.06
C LEU F 149 -21.08 27.68 9.57
N TYR F 150 -22.09 26.94 9.13
CA TYR F 150 -22.47 27.00 7.73
C TYR F 150 -23.48 28.13 7.50
N PRO F 151 -23.46 28.75 6.32
CA PRO F 151 -24.52 29.69 5.97
C PRO F 151 -25.74 28.97 5.42
N ILE F 152 -26.90 29.62 5.54
CA ILE F 152 -28.10 29.11 4.90
C ILE F 152 -27.97 29.39 3.41
N HIS F 153 -27.51 28.38 2.67
CA HIS F 153 -27.18 28.50 1.26
C HIS F 153 -27.60 27.20 0.58
N THR F 154 -27.94 27.30 -0.71
CA THR F 154 -28.34 26.11 -1.46
C THR F 154 -27.17 25.15 -1.65
N ASN F 155 -25.94 25.67 -1.64
CA ASN F 155 -24.74 24.83 -1.65
C ASN F 155 -24.67 23.95 -0.39
N ALA F 156 -25.21 24.43 0.72
CA ALA F 156 -25.33 23.63 1.93
C ALA F 156 -26.66 22.89 2.02
N GLU F 157 -27.31 22.64 0.87
CA GLU F 157 -28.64 22.02 0.85
C GLU F 157 -28.59 20.59 1.39
N ARG F 158 -27.52 19.87 1.10
CA ARG F 158 -27.36 18.52 1.65
C ARG F 158 -26.86 18.54 3.08
N ILE F 159 -26.47 19.71 3.60
CA ILE F 159 -26.01 19.80 4.99
C ILE F 159 -27.18 20.01 5.93
N LEU F 160 -28.15 20.84 5.53
CA LEU F 160 -29.20 21.27 6.45
C LEU F 160 -30.27 20.20 6.61
N GLY F 161 -30.30 19.22 5.70
CA GLY F 161 -31.34 18.21 5.72
C GLY F 161 -32.71 18.69 5.35
N ALA F 162 -32.80 19.76 4.54
CA ALA F 162 -34.05 20.42 4.12
C ALA F 162 -34.90 20.89 5.31
N GLY F 163 -34.24 21.31 6.39
CA GLY F 163 -34.97 21.89 7.50
C GLY F 163 -35.56 23.25 7.17
N TYR F 164 -34.80 24.06 6.45
CA TYR F 164 -35.26 25.37 5.99
C TYR F 164 -35.35 25.36 4.47
N GLU F 165 -36.58 25.42 3.95
CA GLU F 165 -36.81 25.50 2.52
C GLU F 165 -36.87 26.94 2.02
N ASN F 166 -36.89 27.92 2.90
CA ASN F 166 -36.90 29.33 2.55
C ASN F 166 -35.52 29.93 2.83
N GLU F 167 -35.43 31.26 2.59
CA GLU F 167 -34.27 32.13 2.90
C GLU F 167 -32.95 31.60 2.32
N MET F 168 -33.04 30.84 1.24
CA MET F 168 -31.91 30.08 0.71
C MET F 168 -31.11 30.99 -0.23
N MET F 169 -29.89 31.34 0.18
CA MET F 169 -29.05 32.18 -0.65
C MET F 169 -28.49 31.40 -1.83
N SER F 170 -28.64 31.96 -3.04
CA SER F 170 -28.31 31.26 -4.27
C SER F 170 -26.96 31.69 -4.84
N GLY F 171 -26.73 32.99 -4.95
CA GLY F 171 -25.54 33.50 -5.58
C GLY F 171 -24.32 33.47 -4.69
N PRO F 172 -23.24 34.13 -5.12
CA PRO F 172 -22.03 34.20 -4.29
C PRO F 172 -22.26 35.06 -3.06
N ILE F 173 -21.58 34.69 -1.98
CA ILE F 173 -21.75 35.35 -0.68
C ILE F 173 -20.44 36.00 -0.21
N THR F 174 -19.56 36.36 -1.14
CA THR F 174 -18.25 36.87 -0.77
C THR F 174 -17.93 38.16 -1.52
N GLN F 175 -17.18 39.03 -0.86
CA GLN F 175 -16.55 40.17 -1.50
C GLN F 175 -15.08 40.22 -1.14
N VAL F 176 -14.23 40.40 -2.14
CA VAL F 176 -12.83 40.77 -1.93
C VAL F 176 -12.79 42.22 -1.49
N VAL F 177 -12.41 42.46 -0.24
CA VAL F 177 -12.32 43.80 0.33
C VAL F 177 -10.85 44.19 0.39
N TRP F 178 -10.52 45.35 -0.17
CA TRP F 178 -9.15 45.80 -0.33
C TRP F 178 -8.78 46.74 0.81
N ALA F 179 -7.63 46.48 1.43
CA ALA F 179 -7.09 47.29 2.55
C ALA F 179 -5.67 47.72 2.21
N ARG F 180 -5.35 48.99 2.39
CA ARG F 180 -3.97 49.48 2.09
C ARG F 180 -3.41 50.23 3.31
N ARG F 181 -2.09 50.14 3.51
CA ARG F 181 -1.44 50.84 4.65
C ARG F 181 -0.63 52.01 4.08
N MET F 182 -0.91 53.23 4.56
CA MET F 182 -0.22 54.42 4.11
C MET F 182 1.03 54.65 4.94
N ASP F 183 2.06 55.17 4.28
CA ASP F 183 3.26 55.60 4.96
C ASP F 183 2.95 56.93 5.64
N PRO F 184 3.14 57.04 6.97
CA PRO F 184 2.68 58.22 7.70
C PRO F 184 3.39 59.51 7.35
N ILE F 185 4.71 59.43 7.18
CA ILE F 185 5.51 60.63 7.00
C ILE F 185 5.62 60.97 5.52
N LEU F 186 4.98 60.15 4.68
CA LEU F 186 4.70 60.51 3.30
C LEU F 186 3.54 61.49 3.18
N ASN F 187 2.86 61.79 4.30
CA ASN F 187 1.73 62.71 4.30
C ASN F 187 1.86 63.78 5.39
N LEU F 188 3.06 64.35 5.59
CA LEU F 188 3.22 65.36 6.64
C LEU F 188 2.66 66.70 6.21
N GLY F 189 3.20 67.28 5.13
CA GLY F 189 2.77 68.58 4.67
C GLY F 189 3.54 69.73 5.29
N SER F 190 3.55 69.82 6.62
CA SER F 190 4.10 70.97 7.31
C SER F 190 5.10 70.52 8.37
N SER F 191 5.90 71.48 8.86
CA SER F 191 6.91 71.18 9.86
C SER F 191 6.34 71.26 11.27
N GLU F 192 5.09 71.70 11.40
CA GLU F 192 4.45 71.69 12.73
C GLU F 192 4.04 70.27 13.11
N ASP F 193 3.90 69.38 12.13
CA ASP F 193 3.53 68.00 12.42
C ASP F 193 4.75 67.18 12.81
N VAL F 194 5.95 67.70 12.55
CA VAL F 194 7.19 66.95 12.81
C VAL F 194 7.94 67.45 14.03
N GLU F 195 7.42 68.45 14.73
CA GLU F 195 8.13 69.01 15.89
C GLU F 195 8.07 68.07 17.09
N VAL F 196 7.15 67.10 17.06
CA VAL F 196 7.09 66.11 18.13
C VAL F 196 8.09 64.99 17.87
N ILE F 197 8.39 64.73 16.59
CA ILE F 197 9.46 63.79 16.25
C ILE F 197 10.80 64.37 16.68
N ASN F 198 11.56 63.59 17.45
CA ASN F 198 12.85 64.04 17.95
C ASN F 198 13.85 64.21 16.81
N GLY F 199 14.62 65.29 16.87
CA GLY F 199 15.42 65.71 15.73
C GLY F 199 14.67 66.66 14.81
N GLY F 200 13.41 66.35 14.50
CA GLY F 200 12.59 67.24 13.69
C GLY F 200 12.50 66.75 12.26
N ALA F 201 12.88 67.62 11.32
CA ALA F 201 12.80 67.26 9.91
C ALA F 201 13.93 66.32 9.50
N VAL F 202 15.02 66.32 10.27
CA VAL F 202 16.22 65.57 9.88
C VAL F 202 15.98 64.06 10.03
N ALA F 203 15.25 63.63 11.06
CA ALA F 203 14.99 62.21 11.26
C ALA F 203 14.01 61.68 10.21
N ALA F 204 12.98 62.48 9.89
CA ALA F 204 12.05 62.10 8.84
C ALA F 204 12.73 62.08 7.47
N ASN F 205 13.67 63.00 7.25
CA ASN F 205 14.42 63.00 6.00
C ASN F 205 15.37 61.81 5.89
N GLY F 206 15.95 61.39 7.03
CA GLY F 206 16.76 60.18 7.03
C GLY F 206 15.93 58.94 6.78
N TRP F 207 14.71 58.90 7.32
CA TRP F 207 13.78 57.81 7.04
C TRP F 207 13.38 57.80 5.57
N ILE F 208 13.19 58.99 4.99
CA ILE F 208 12.86 59.11 3.57
C ILE F 208 14.02 58.63 2.70
N GLN F 209 15.25 58.94 3.11
CA GLN F 209 16.45 58.46 2.41
C GLN F 209 16.56 56.93 2.50
N ASP F 210 16.24 56.37 3.66
CA ASP F 210 16.24 54.91 3.82
C ASP F 210 15.15 54.27 2.97
N LEU F 211 13.98 54.90 2.88
CA LEU F 211 12.90 54.41 2.03
C LEU F 211 13.28 54.47 0.56
N LEU F 212 14.00 55.53 0.17
CA LEU F 212 14.49 55.65 -1.20
C LEU F 212 15.49 54.55 -1.51
N ALA F 213 16.42 54.28 -0.58
CA ALA F 213 17.41 53.23 -0.78
C ALA F 213 16.75 51.85 -0.81
N ASN F 214 15.65 51.67 -0.08
CA ASN F 214 14.86 50.45 -0.19
C ASN F 214 14.16 50.36 -1.54
N SER F 215 13.67 51.49 -2.05
CA SER F 215 12.89 51.47 -3.28
C SER F 215 13.77 51.27 -4.52
N LYS F 216 15.03 51.73 -4.48
CA LYS F 216 15.92 51.49 -5.61
C LYS F 216 16.35 50.03 -5.67
N ALA F 217 16.56 49.40 -4.52
CA ALA F 217 16.97 48.01 -4.48
C ALA F 217 15.77 47.08 -4.61
N GLY F 240 15.13 44.03 3.53
CA GLY F 240 14.50 44.92 4.48
C GLY F 240 13.15 45.43 4.00
N ARG F 241 12.10 44.97 4.69
CA ARG F 241 10.67 45.27 4.43
C ARG F 241 10.35 46.75 4.70
N GLY F 242 9.46 47.32 3.87
CA GLY F 242 9.03 48.73 3.97
C GLY F 242 7.70 48.89 4.68
N LEU F 243 6.81 49.71 4.11
CA LEU F 243 5.48 50.02 4.71
C LEU F 243 4.51 50.46 3.60
N LYS F 244 3.25 50.74 3.96
CA LYS F 244 2.18 51.22 3.04
C LYS F 244 1.89 50.19 1.94
N ALA F 245 1.83 48.90 2.29
CA ALA F 245 1.52 47.81 1.34
C ALA F 245 0.03 47.81 0.97
N PHE F 246 -0.30 47.22 -0.19
CA PHE F 246 -1.70 47.10 -0.68
C PHE F 246 -2.07 45.61 -0.61
N ASN F 247 -3.22 45.29 -0.02
CA ASN F 247 -3.61 43.90 0.18
C ASN F 247 -5.10 43.76 -0.01
N ALA F 248 -5.53 42.50 -0.13
CA ALA F 248 -6.94 42.19 -0.26
C ALA F 248 -7.27 41.01 0.62
N HIS F 249 -8.52 40.95 1.05
CA HIS F 249 -8.99 39.81 1.84
C HIS F 249 -10.42 39.51 1.46
N GLU F 250 -10.68 38.26 1.13
CA GLU F 250 -12.03 37.80 0.83
C GLU F 250 -12.80 37.67 2.14
N VAL F 251 -14.00 38.24 2.18
CA VAL F 251 -14.87 38.11 3.35
C VAL F 251 -16.23 37.62 2.89
N VAL F 252 -16.93 36.98 3.81
CA VAL F 252 -18.34 36.64 3.59
C VAL F 252 -19.15 37.92 3.74
N ILE F 253 -20.13 38.11 2.85
CA ILE F 253 -20.90 39.35 2.85
C ILE F 253 -21.82 39.39 4.07
N PRO F 254 -22.13 40.56 4.62
CA PRO F 254 -22.96 40.61 5.83
C PRO F 254 -24.44 40.53 5.51
N GLY F 255 -25.22 40.32 6.57
CA GLY F 255 -26.66 40.28 6.47
C GLY F 255 -27.26 38.94 6.10
N LEU F 256 -26.45 37.91 5.92
CA LEU F 256 -26.99 36.60 5.58
C LEU F 256 -27.20 35.78 6.83
N LYS F 257 -27.96 34.70 6.68
CA LYS F 257 -28.36 33.84 7.79
C LYS F 257 -27.43 32.64 7.83
N TRP F 258 -26.94 32.29 9.01
CA TRP F 258 -26.05 31.15 9.18
C TRP F 258 -26.77 30.03 9.93
N VAL F 259 -26.03 28.98 10.26
CA VAL F 259 -26.50 27.92 11.12
C VAL F 259 -25.32 27.35 11.90
N TRP F 260 -25.53 27.04 13.17
CA TRP F 260 -24.54 26.48 14.07
C TRP F 260 -25.13 25.26 14.75
N ARG F 261 -24.33 24.20 14.90
CA ARG F 261 -24.79 22.99 15.57
C ARG F 261 -23.88 22.69 16.75
N ILE F 262 -24.47 22.57 17.94
CA ILE F 262 -23.77 22.28 19.18
C ILE F 262 -24.41 21.03 19.75
N SER F 263 -23.73 19.89 19.64
CA SER F 263 -24.26 18.61 20.04
C SER F 263 -23.66 18.23 21.39
N LEU F 264 -24.34 17.34 22.09
CA LEU F 264 -23.93 16.96 23.43
C LEU F 264 -23.95 15.44 23.59
N ASP F 265 -22.90 14.92 24.23
CA ASP F 265 -22.73 13.48 24.46
C ASP F 265 -23.16 13.20 25.89
N ARG F 266 -24.47 12.95 26.06
CA ARG F 266 -25.17 12.64 27.31
C ARG F 266 -24.88 13.66 28.40
N PRO F 267 -25.36 14.88 28.27
CA PRO F 267 -24.91 15.94 29.18
C PRO F 267 -25.65 15.94 30.51
N THR F 268 -24.95 16.39 31.55
CA THR F 268 -25.65 16.86 32.75
C THR F 268 -26.28 18.21 32.44
N ASP F 269 -27.36 18.53 33.17
CA ASP F 269 -28.11 19.75 32.88
C ASP F 269 -27.34 21.02 33.24
N ALA F 270 -26.34 20.91 34.10
CA ALA F 270 -25.45 22.04 34.37
C ALA F 270 -24.63 22.40 33.14
N GLN F 271 -24.21 21.38 32.37
CA GLN F 271 -23.48 21.63 31.13
C GLN F 271 -24.36 22.28 30.07
N VAL F 272 -25.60 21.80 29.93
CA VAL F 272 -26.53 22.41 28.99
C VAL F 272 -26.83 23.85 29.41
N GLY F 273 -26.95 24.09 30.72
CA GLY F 273 -27.11 25.44 31.22
C GLY F 273 -25.90 26.33 30.97
N LEU F 274 -24.71 25.75 31.01
CA LEU F 274 -23.49 26.49 30.68
C LEU F 274 -23.48 26.91 29.22
N VAL F 275 -23.88 25.99 28.32
CA VAL F 275 -23.93 26.32 26.89
C VAL F 275 -25.01 27.37 26.62
N LEU F 276 -26.15 27.28 27.30
CA LEU F 276 -27.19 28.29 27.12
C LEU F 276 -26.81 29.64 27.71
N LEU F 277 -26.03 29.65 28.79
CA LEU F 277 -25.53 30.92 29.34
C LEU F 277 -24.50 31.56 28.41
N ALA F 278 -23.74 30.72 27.69
CA ALA F 278 -22.89 31.26 26.62
C ALA F 278 -23.73 31.84 25.49
N LEU F 279 -24.83 31.15 25.13
CA LEU F 279 -25.67 31.63 24.04
C LEU F 279 -26.45 32.89 24.41
N ASN F 280 -26.67 33.13 25.72
CA ASN F 280 -27.44 34.29 26.14
C ASN F 280 -26.69 35.59 25.90
N LYS F 281 -25.43 35.68 26.32
CA LYS F 281 -24.57 36.81 26.01
C LYS F 281 -23.52 36.48 24.95
N MET F 282 -23.91 35.71 23.94
CA MET F 282 -23.04 35.46 22.78
C MET F 282 -22.83 36.70 21.92
N THR F 283 -23.75 37.66 21.99
CA THR F 283 -23.72 38.81 21.08
C THR F 283 -22.60 39.78 21.39
N ASN F 284 -21.95 39.67 22.55
CA ASN F 284 -20.85 40.58 22.86
C ASN F 284 -19.56 40.19 22.14
N GLU F 285 -19.44 38.92 21.72
CA GLU F 285 -18.20 38.42 21.15
C GLU F 285 -18.24 38.50 19.63
N ARG F 286 -17.15 38.07 18.99
CA ARG F 286 -17.01 38.14 17.54
C ARG F 286 -16.66 36.76 17.00
N ILE F 287 -17.18 36.42 15.82
CA ILE F 287 -16.83 35.17 15.16
C ILE F 287 -15.62 35.42 14.28
N ALA F 288 -14.45 34.93 14.72
CA ALA F 288 -13.17 34.94 13.99
C ALA F 288 -12.83 36.39 13.65
N GLY F 289 -12.77 36.76 12.37
CA GLY F 289 -12.77 38.15 12.00
C GLY F 289 -11.39 38.80 12.01
N GLY F 290 -11.45 40.07 11.64
CA GLY F 290 -10.35 41.04 11.79
C GLY F 290 -10.82 41.94 12.92
N HIS F 291 -10.10 41.97 14.04
CA HIS F 291 -10.58 42.74 15.23
C HIS F 291 -10.68 44.23 14.91
N SER F 292 -9.70 44.78 14.21
CA SER F 292 -9.64 46.22 13.86
C SER F 292 -10.83 46.63 12.97
N LYS F 293 -11.24 45.72 12.08
CA LYS F 293 -12.33 46.00 11.08
C LYS F 293 -13.72 45.73 11.67
N ASP F 294 -13.78 45.29 12.94
CA ASP F 294 -15.06 44.98 13.65
C ASP F 294 -15.82 43.87 12.93
N TYR F 295 -15.09 42.89 12.38
CA TYR F 295 -15.72 41.72 11.70
C TYR F 295 -16.20 40.71 12.74
N GLY F 296 -17.10 39.81 12.35
CA GLY F 296 -17.59 38.77 13.26
C GLY F 296 -18.75 39.20 14.14
N ARG F 297 -19.27 40.42 13.96
CA ARG F 297 -20.41 40.83 14.77
C ARG F 297 -21.67 40.17 14.23
N PHE F 298 -22.57 39.80 15.13
CA PHE F 298 -23.71 38.95 14.79
C PHE F 298 -24.76 39.04 15.88
N VAL F 299 -26.02 38.81 15.50
CA VAL F 299 -27.10 38.60 16.45
C VAL F 299 -27.57 37.16 16.28
N ILE F 300 -28.19 36.61 17.31
CA ILE F 300 -28.74 35.27 17.22
C ILE F 300 -30.22 35.36 16.87
N ASP F 301 -30.58 34.87 15.69
CA ASP F 301 -31.98 34.84 15.27
C ASP F 301 -32.75 33.69 15.90
N GLY F 302 -32.06 32.68 16.43
CA GLY F 302 -32.77 31.59 17.09
C GLY F 302 -31.87 30.53 17.69
N VAL F 303 -32.38 29.83 18.70
CA VAL F 303 -31.70 28.70 19.32
C VAL F 303 -32.71 27.57 19.43
N SER F 304 -32.41 26.44 18.81
CA SER F 304 -33.30 25.27 18.82
C SER F 304 -32.72 24.26 19.79
N LEU F 305 -33.46 23.99 20.87
CA LEU F 305 -33.07 22.98 21.84
C LEU F 305 -33.80 21.67 21.55
N ASN F 306 -33.10 20.74 20.88
CA ASN F 306 -33.65 19.49 20.34
C ASN F 306 -34.86 19.73 19.43
N GLY F 307 -34.86 20.80 18.65
CA GLY F 307 -35.94 21.07 17.73
C GLY F 307 -36.94 22.12 18.13
N GLU F 308 -37.02 22.48 19.41
CA GLU F 308 -37.96 23.50 19.87
C GLU F 308 -37.24 24.84 20.07
N GLN F 309 -37.90 25.92 19.70
CA GLN F 309 -37.28 27.24 19.73
C GLN F 309 -37.34 27.81 21.14
N VAL F 310 -36.20 28.22 21.68
CA VAL F 310 -36.12 28.74 23.04
C VAL F 310 -35.58 30.16 23.06
N TRP F 311 -35.42 30.77 21.89
CA TRP F 311 -34.81 32.09 21.77
C TRP F 311 -35.86 33.14 21.47
N SER F 312 -35.74 34.29 22.14
CA SER F 312 -36.50 35.49 21.84
C SER F 312 -35.54 36.66 21.76
N GLN F 313 -36.09 37.88 21.70
CA GLN F 313 -35.24 39.07 21.69
C GLN F 313 -34.53 39.27 23.03
N SER F 314 -35.16 38.87 24.13
CA SER F 314 -34.56 39.00 25.46
C SER F 314 -33.85 37.72 25.88
N GLY F 315 -32.91 37.27 25.05
CA GLY F 315 -32.14 36.09 25.41
C GLY F 315 -32.90 34.80 25.18
N ILE F 316 -32.63 33.82 26.06
CA ILE F 316 -33.22 32.50 25.94
C ILE F 316 -34.40 32.38 26.91
N THR F 317 -35.56 32.03 26.37
CA THR F 317 -36.78 31.81 27.15
C THR F 317 -37.07 30.30 27.12
N GLY F 318 -37.12 29.68 28.29
CA GLY F 318 -37.31 28.25 28.37
C GLY F 318 -36.04 27.52 28.71
N GLY F 319 -36.12 26.20 28.86
CA GLY F 319 -34.98 25.43 29.34
C GLY F 319 -34.62 25.78 30.76
N GLU F 320 -35.61 25.87 31.65
CA GLU F 320 -35.40 26.43 32.98
C GLU F 320 -34.57 25.51 33.87
N GLN F 321 -34.74 24.19 33.70
CA GLN F 321 -34.02 23.24 34.56
C GLN F 321 -32.52 23.26 34.29
N TYR F 322 -32.12 23.57 33.04
CA TYR F 322 -30.70 23.71 32.72
C TYR F 322 -30.13 24.94 33.41
N PHE F 323 -30.92 26.02 33.47
CA PHE F 323 -30.45 27.25 34.10
C PHE F 323 -30.37 27.10 35.61
N ASP F 324 -31.32 26.40 36.22
CA ASP F 324 -31.22 26.13 37.66
C ASP F 324 -30.07 25.19 37.98
N ALA F 325 -29.80 24.22 37.10
CA ALA F 325 -28.68 23.32 37.29
C ALA F 325 -27.34 24.05 37.17
N VAL F 326 -27.22 24.96 36.20
CA VAL F 326 -25.95 25.68 36.05
C VAL F 326 -25.82 26.75 37.14
N ALA F 327 -26.95 27.25 37.67
CA ALA F 327 -26.87 28.15 38.81
C ALA F 327 -26.46 27.41 40.08
N GLU F 328 -26.85 26.14 40.19
CA GLU F 328 -26.39 25.32 41.31
C GLU F 328 -24.91 24.95 41.15
N ALA F 329 -24.47 24.69 39.91
CA ALA F 329 -23.10 24.26 39.67
C ALA F 329 -22.09 25.42 39.75
N ILE F 330 -22.50 26.63 39.36
CA ILE F 330 -21.63 27.79 39.49
C ILE F 330 -21.33 28.08 40.95
N ASP F 331 -22.33 27.95 41.81
CA ASP F 331 -22.10 27.95 43.25
C ASP F 331 -21.32 26.70 43.65
N GLY F 332 -20.30 26.89 44.48
CA GLY F 332 -19.43 25.80 44.85
C GLY F 332 -18.41 25.41 43.80
N LEU F 333 -18.29 26.15 42.70
CA LEU F 333 -17.28 25.88 41.69
C LEU F 333 -15.93 26.34 42.21
N SER F 334 -15.09 25.39 42.62
CA SER F 334 -13.79 25.69 43.20
C SER F 334 -12.69 25.46 42.17
N SER F 335 -11.49 25.91 42.53
CA SER F 335 -10.31 25.74 41.70
C SER F 335 -9.76 24.32 41.76
N LYS F 336 -10.18 23.53 42.74
CA LYS F 336 -9.53 22.27 43.10
C LYS F 336 -9.67 21.23 41.98
N GLU F 337 -10.85 21.22 41.33
CA GLU F 337 -11.06 20.36 40.17
C GLU F 337 -10.17 20.77 39.01
N PHE F 338 -10.02 22.08 38.78
CA PHE F 338 -9.14 22.56 37.71
C PHE F 338 -7.69 22.22 37.99
N GLU F 339 -7.28 22.30 39.26
CA GLU F 339 -5.91 21.96 39.65
C GLU F 339 -5.60 20.50 39.40
N GLN F 340 -6.49 19.58 39.79
CA GLN F 340 -6.15 18.19 39.54
C GLN F 340 -6.66 17.69 38.20
N PHE F 341 -7.24 18.57 37.37
CA PHE F 341 -7.39 18.27 35.95
C PHE F 341 -6.12 18.62 35.19
N ALA F 342 -5.49 19.75 35.56
CA ALA F 342 -4.30 20.18 34.83
C ALA F 342 -3.03 19.53 35.36
N GLN F 343 -3.12 18.79 36.47
CA GLN F 343 -1.93 18.23 37.09
C GLN F 343 -1.46 17.03 36.28
N SER F 344 -0.17 17.02 35.92
CA SER F 344 0.38 16.01 35.03
C SER F 344 1.14 14.95 35.80
N ALA F 345 0.82 13.70 35.51
CA ALA F 345 1.50 12.56 36.14
C ALA F 345 2.82 12.26 35.45
N MET G 1 -17.97 48.66 23.62
CA MET G 1 -18.99 49.32 24.44
C MET G 1 -20.14 49.82 23.56
N GLN G 2 -20.02 49.56 22.26
CA GLN G 2 -21.09 49.67 21.25
C GLN G 2 -21.65 51.10 21.14
N ILE G 3 -20.76 51.99 20.72
CA ILE G 3 -21.17 53.30 20.22
C ILE G 3 -21.74 53.11 18.82
N GLU G 4 -22.82 53.84 18.51
CA GLU G 4 -23.46 53.79 17.21
C GLU G 4 -23.73 55.24 16.81
N VAL G 5 -22.80 55.83 16.07
CA VAL G 5 -22.93 57.23 15.65
C VAL G 5 -23.64 57.27 14.32
N THR G 6 -24.29 58.40 14.02
CA THR G 6 -24.99 58.61 12.77
C THR G 6 -24.60 59.95 12.18
N VAL G 7 -24.23 59.95 10.90
CA VAL G 7 -23.74 61.14 10.21
C VAL G 7 -24.63 61.45 9.01
N ARG G 8 -24.56 62.70 8.57
CA ARG G 8 -25.26 63.19 7.39
C ARG G 8 -24.27 63.95 6.51
N ASN G 9 -24.13 63.52 5.27
CA ASN G 9 -23.23 64.16 4.32
C ASN G 9 -24.02 65.17 3.50
N ILE G 10 -23.43 66.33 3.24
CA ILE G 10 -24.05 67.34 2.40
C ILE G 10 -23.28 67.61 1.11
N THR G 11 -22.05 67.11 1.01
CA THR G 11 -21.26 67.04 -0.22
C THR G 11 -20.97 65.57 -0.45
N PRO G 12 -20.94 65.12 -1.72
CA PRO G 12 -20.90 63.67 -2.02
C PRO G 12 -19.67 62.95 -1.47
N ILE G 13 -19.90 61.72 -1.02
CA ILE G 13 -18.87 60.87 -0.46
C ILE G 13 -18.26 60.04 -1.58
N PHE G 14 -16.97 59.75 -1.47
CA PHE G 14 -16.26 59.03 -2.52
C PHE G 14 -15.05 58.32 -1.92
N SER G 15 -15.18 57.02 -1.69
CA SER G 15 -14.02 56.17 -1.42
C SER G 15 -13.87 55.26 -2.63
N ALA G 16 -12.77 55.43 -3.37
CA ALA G 16 -12.65 54.81 -4.68
C ALA G 16 -12.45 53.30 -4.57
N ALA G 17 -12.94 52.55 -5.55
CA ALA G 17 -12.85 51.11 -5.54
C ALA G 17 -11.84 50.63 -6.58
N PRO G 18 -10.90 49.75 -6.21
CA PRO G 18 -10.01 49.16 -7.22
C PRO G 18 -10.77 48.31 -8.22
N GLY G 19 -10.32 48.35 -9.46
CA GLY G 19 -10.93 47.56 -10.52
C GLY G 19 -10.59 48.12 -11.88
N SER G 20 -10.62 47.23 -12.87
CA SER G 20 -10.47 47.59 -14.27
C SER G 20 -11.88 47.81 -14.81
N ASN G 21 -12.45 48.97 -14.46
CA ASN G 21 -13.84 49.27 -14.71
C ASN G 21 -13.92 50.44 -15.69
N TYR G 22 -14.81 50.34 -16.66
CA TYR G 22 -14.96 51.38 -17.68
C TYR G 22 -16.44 51.62 -17.97
N ILE G 23 -16.74 52.84 -18.41
CA ILE G 23 -18.08 53.27 -18.74
C ILE G 23 -18.02 54.03 -20.06
N THR G 24 -19.16 54.11 -20.75
CA THR G 24 -19.30 54.92 -21.96
C THR G 24 -20.34 56.02 -21.80
N ILE G 25 -21.51 55.68 -21.27
CA ILE G 25 -22.60 56.63 -21.06
C ILE G 25 -23.40 56.16 -19.86
N ASP G 26 -24.32 57.00 -19.38
CA ASP G 26 -25.08 56.68 -18.18
C ASP G 26 -26.09 55.55 -18.39
N GLY G 27 -26.40 55.20 -19.65
CA GLY G 27 -27.33 54.12 -19.91
C GLY G 27 -26.80 52.75 -19.52
N THR G 28 -25.55 52.46 -19.85
CA THR G 28 -24.93 51.18 -19.50
C THR G 28 -23.66 51.44 -18.73
N ILE G 29 -23.51 50.78 -17.59
CA ILE G 29 -22.37 51.04 -16.72
C ILE G 29 -21.22 50.09 -17.06
N ASN G 30 -21.54 48.93 -17.62
CA ASN G 30 -20.54 47.99 -18.14
C ASN G 30 -20.97 47.55 -19.53
N PRO G 31 -20.39 48.11 -20.60
CA PRO G 31 -20.74 47.66 -21.94
C PRO G 31 -19.95 46.42 -22.33
N PRO G 32 -20.60 45.44 -22.96
CA PRO G 32 -19.87 44.30 -23.55
C PRO G 32 -18.84 44.70 -24.61
N PRO G 33 -19.06 45.71 -25.48
CA PRO G 33 -17.91 46.14 -26.28
C PRO G 33 -17.14 47.29 -25.67
N GLY G 34 -15.91 47.48 -26.14
CA GLY G 34 -15.04 48.51 -25.65
C GLY G 34 -14.96 49.72 -26.57
N VAL G 35 -16.06 50.04 -27.23
CA VAL G 35 -16.10 51.21 -28.12
C VAL G 35 -16.27 52.47 -27.27
N SER G 36 -15.39 53.44 -27.50
CA SER G 36 -15.34 54.73 -26.80
C SER G 36 -15.22 54.54 -25.29
N ARG G 37 -14.10 53.94 -24.88
CA ARG G 37 -13.87 53.62 -23.48
C ARG G 37 -13.56 54.87 -22.67
N PHE G 38 -14.18 54.95 -21.50
CA PHE G 38 -13.79 55.88 -20.45
C PHE G 38 -13.66 55.07 -19.16
N PRO G 39 -12.46 54.95 -18.60
CA PRO G 39 -12.29 54.09 -17.43
C PRO G 39 -12.91 54.66 -16.17
N LEU G 40 -13.99 54.01 -15.75
CA LEU G 40 -14.82 54.47 -14.65
C LEU G 40 -14.22 54.02 -13.32
N VAL G 41 -13.95 54.97 -12.43
CA VAL G 41 -13.45 54.64 -11.11
C VAL G 41 -14.66 54.50 -10.18
N ARG G 42 -14.90 53.29 -9.71
CA ARG G 42 -16.06 53.03 -8.87
C ARG G 42 -15.83 53.58 -7.45
N THR G 43 -16.93 53.92 -6.78
CA THR G 43 -16.83 54.15 -5.35
C THR G 43 -16.88 52.82 -4.62
N ARG G 44 -16.57 52.85 -3.32
CA ARG G 44 -16.45 51.62 -2.55
C ARG G 44 -17.80 50.95 -2.36
N MET G 45 -17.93 49.74 -2.90
CA MET G 45 -19.16 48.96 -2.86
C MET G 45 -18.83 47.58 -2.31
N MET G 46 -19.65 47.11 -1.37
CA MET G 46 -19.57 45.71 -0.96
C MET G 46 -20.98 45.13 -0.91
N TYR G 47 -21.11 43.87 -1.31
CA TYR G 47 -22.40 43.24 -1.46
C TYR G 47 -23.05 42.98 -0.12
N VAL G 48 -24.37 43.17 -0.06
CA VAL G 48 -25.16 42.95 1.15
C VAL G 48 -26.26 41.96 0.84
N ALA G 49 -26.48 41.00 1.75
CA ALA G 49 -27.63 40.12 1.66
C ALA G 49 -28.87 40.87 2.12
N ALA G 50 -29.91 40.88 1.28
CA ALA G 50 -31.11 41.67 1.56
C ALA G 50 -32.33 40.98 0.96
N ASP G 51 -33.50 41.47 1.35
CA ASP G 51 -34.78 40.91 0.90
C ASP G 51 -35.26 41.72 -0.30
N VAL G 52 -34.86 41.27 -1.48
CA VAL G 52 -35.41 41.78 -2.73
C VAL G 52 -36.29 40.70 -3.34
N GLY G 53 -37.37 41.12 -3.98
CA GLY G 53 -38.36 40.19 -4.49
C GLY G 53 -39.40 39.74 -3.48
N ASP G 54 -39.39 40.33 -2.27
CA ASP G 54 -40.39 40.11 -1.23
C ASP G 54 -40.44 38.65 -0.76
N GLY G 55 -39.36 38.21 -0.13
CA GLY G 55 -39.35 36.89 0.47
C GLY G 55 -38.05 36.11 0.34
N VAL G 56 -37.30 36.34 -0.74
CA VAL G 56 -36.03 35.66 -0.94
C VAL G 56 -34.90 36.62 -0.59
N ILE G 57 -33.77 36.08 -0.17
CA ILE G 57 -32.61 36.90 0.20
C ILE G 57 -31.57 36.75 -0.91
N LYS G 58 -31.17 37.88 -1.48
CA LYS G 58 -30.26 37.88 -2.62
C LYS G 58 -29.19 38.95 -2.42
N SER G 59 -27.99 38.67 -2.92
CA SER G 59 -26.89 39.63 -2.85
C SER G 59 -27.17 40.85 -3.73
N VAL G 60 -27.18 42.03 -3.11
CA VAL G 60 -27.41 43.27 -3.83
C VAL G 60 -26.26 44.23 -3.53
N PRO G 61 -25.90 45.08 -4.50
CA PRO G 61 -24.86 46.07 -4.25
C PRO G 61 -25.36 47.21 -3.36
N LEU G 62 -24.46 47.69 -2.49
CA LEU G 62 -24.69 48.91 -1.73
C LEU G 62 -23.34 49.51 -1.38
N GLN G 63 -23.22 50.82 -1.60
CA GLN G 63 -21.93 51.48 -1.49
C GLN G 63 -21.66 51.92 -0.05
N ILE G 64 -20.42 51.73 0.39
CA ILE G 64 -19.98 52.02 1.75
C ILE G 64 -18.73 52.88 1.71
N VAL G 65 -18.25 53.21 2.91
CA VAL G 65 -16.89 53.70 3.12
C VAL G 65 -16.24 52.65 4.00
N PRO G 66 -15.02 52.18 3.70
CA PRO G 66 -14.45 51.04 4.44
C PRO G 66 -14.19 51.34 5.90
N GLY G 67 -14.35 50.30 6.73
CA GLY G 67 -14.10 50.44 8.16
C GLY G 67 -12.65 50.68 8.48
N ASN G 68 -11.74 50.21 7.62
CA ASN G 68 -10.33 50.56 7.74
C ASN G 68 -10.11 52.05 7.47
N THR G 69 -10.83 52.60 6.49
CA THR G 69 -10.69 54.01 6.15
C THR G 69 -11.18 54.90 7.30
N MET G 70 -12.38 54.62 7.82
CA MET G 70 -12.88 55.34 8.99
C MET G 70 -12.06 55.07 10.24
N ARG G 71 -11.47 53.88 10.36
CA ARG G 71 -10.60 53.57 11.48
C ARG G 71 -9.36 54.46 11.49
N SER G 72 -8.72 54.55 10.31
CA SER G 72 -7.53 55.42 10.15
C SER G 72 -7.93 56.88 10.36
N LEU G 73 -9.09 57.28 9.82
CA LEU G 73 -9.58 58.67 9.94
C LEU G 73 -9.80 59.02 11.42
N LEU G 74 -10.42 58.10 12.17
CA LEU G 74 -10.66 58.32 13.62
C LEU G 74 -9.32 58.40 14.33
N ARG G 75 -8.38 57.53 13.94
CA ARG G 75 -7.02 57.48 14.55
C ARG G 75 -6.29 58.79 14.29
N ARG G 76 -6.35 59.30 13.04
CA ARG G 76 -5.68 60.56 12.66
C ARG G 76 -6.31 61.75 13.39
N THR G 77 -7.64 61.78 13.45
CA THR G 77 -8.38 62.86 14.10
C THR G 77 -8.05 62.94 15.58
N MET G 78 -8.17 61.81 16.30
CA MET G 78 -7.89 61.84 17.74
C MET G 78 -6.41 62.07 18.01
N LEU G 79 -5.53 61.60 17.11
CA LEU G 79 -4.09 61.78 17.32
C LEU G 79 -3.72 63.24 17.21
N LYS G 80 -3.87 63.81 16.01
CA LYS G 80 -3.43 65.16 15.72
C LYS G 80 -4.32 66.22 16.36
N HIS G 81 -5.48 65.85 16.94
CA HIS G 81 -6.31 66.84 17.58
C HIS G 81 -6.51 66.64 19.08
N VAL G 82 -6.02 65.55 19.67
CA VAL G 82 -6.12 65.35 21.11
C VAL G 82 -4.72 65.05 21.67
N ILE G 83 -4.07 64.02 21.12
CA ILE G 83 -2.87 63.49 21.77
C ILE G 83 -1.67 64.38 21.43
N GLU G 84 -1.47 64.62 20.14
CA GLU G 84 -0.37 65.48 19.67
C GLU G 84 -0.43 66.91 20.20
N PRO G 85 -1.59 67.63 20.22
CA PRO G 85 -1.59 68.94 20.90
C PRO G 85 -1.44 68.85 22.40
N ALA G 86 -1.64 67.68 23.00
CA ALA G 86 -1.30 67.51 24.41
C ALA G 86 0.12 66.99 24.58
N LEU G 87 0.72 66.51 23.50
CA LEU G 87 2.10 66.01 23.58
C LEU G 87 3.11 67.06 23.18
N VAL G 88 2.68 68.22 22.67
CA VAL G 88 3.64 69.27 22.36
C VAL G 88 4.19 69.92 23.64
N GLU G 89 3.42 69.92 24.73
CA GLU G 89 3.93 70.54 25.96
C GLU G 89 4.88 69.59 26.68
N LYS G 90 5.50 70.13 27.75
CA LYS G 90 6.41 69.52 28.73
C LYS G 90 7.41 68.52 28.15
N GLY G 91 7.99 68.86 26.99
CA GLY G 91 8.82 67.92 26.28
C GLY G 91 7.98 66.86 25.62
N ASN G 92 8.18 65.60 26.03
CA ASN G 92 7.42 64.42 25.57
C ASN G 92 7.46 64.29 24.04
N LYS G 93 8.68 64.17 23.52
CA LYS G 93 8.90 64.16 22.08
C LYS G 93 9.02 62.73 21.59
N LEU G 94 8.23 62.38 20.57
CA LEU G 94 8.20 61.02 20.06
C LEU G 94 9.43 60.72 19.21
N SER G 95 9.66 59.43 18.99
CA SER G 95 10.54 59.00 17.92
C SER G 95 9.78 59.06 16.60
N ILE G 96 10.54 58.99 15.50
CA ILE G 96 9.92 58.95 14.18
C ILE G 96 9.20 57.62 13.98
N GLY G 97 9.76 56.53 14.50
CA GLY G 97 9.07 55.25 14.48
C GLY G 97 7.90 55.21 15.43
N ALA G 98 7.98 55.98 16.52
CA ALA G 98 6.84 56.12 17.43
C ALA G 98 5.67 56.82 16.74
N TYR G 99 5.97 57.85 15.96
CA TYR G 99 4.93 58.58 15.24
C TYR G 99 4.37 57.71 14.11
N ALA G 100 5.23 56.89 13.50
CA ALA G 100 4.77 55.97 12.46
C ALA G 100 3.88 54.87 13.05
N THR G 101 4.23 54.37 14.24
CA THR G 101 3.43 53.32 14.87
C THR G 101 2.11 53.89 15.42
N ALA G 102 2.12 55.15 15.84
CA ALA G 102 0.87 55.77 16.27
C ALA G 102 -0.01 56.11 15.07
N TYR G 103 0.59 56.35 13.90
CA TYR G 103 -0.18 56.75 12.74
C TYR G 103 -0.54 55.56 11.85
N SER G 104 0.46 54.79 11.42
CA SER G 104 0.22 53.55 10.69
C SER G 104 0.16 52.38 11.68
N GLY G 105 0.28 51.17 11.17
CA GLY G 105 0.27 50.00 12.03
C GLY G 105 1.50 49.81 12.88
N ASN G 106 2.61 49.51 12.24
CA ASN G 106 3.88 49.27 12.91
C ASN G 106 4.85 50.38 12.54
N ALA G 107 6.03 50.37 13.18
CA ALA G 107 7.08 51.28 12.77
C ALA G 107 7.70 50.89 11.44
N THR G 108 8.02 49.61 11.24
CA THR G 108 8.64 49.12 10.01
C THR G 108 7.85 47.90 9.57
N GLY G 109 8.39 47.18 8.60
CA GLY G 109 7.95 45.83 8.28
C GLY G 109 8.59 44.83 9.21
N ASN G 110 8.33 43.54 8.93
CA ASN G 110 8.71 42.40 9.76
C ASN G 110 8.30 42.55 11.22
N PRO G 111 7.02 42.40 11.56
CA PRO G 111 6.65 42.34 12.99
C PRO G 111 7.18 41.06 13.61
N ASP G 112 8.14 41.22 14.51
CA ASP G 112 8.90 40.09 15.05
C ASP G 112 8.00 39.20 15.92
N GLY G 113 8.22 37.89 15.82
CA GLY G 113 7.38 36.92 16.49
C GLY G 113 7.63 36.75 17.97
N VAL G 114 8.51 37.55 18.55
CA VAL G 114 8.70 37.53 20.01
C VAL G 114 7.47 38.11 20.67
N PRO G 115 6.77 37.37 21.52
CA PRO G 115 5.61 37.94 22.21
C PRO G 115 6.03 38.88 23.33
N SER G 116 5.18 39.85 23.60
CA SER G 116 5.42 40.83 24.65
C SER G 116 5.18 40.19 26.02
N SER G 117 5.91 40.69 27.01
CA SER G 117 5.71 40.22 28.37
C SER G 117 4.43 40.80 28.96
N PHE G 118 4.09 40.36 30.18
CA PHE G 118 2.79 40.73 30.73
C PHE G 118 2.73 42.20 31.15
N ASP G 119 3.85 42.74 31.63
CA ASP G 119 3.90 44.15 32.03
C ASP G 119 3.63 45.07 30.85
N GLU G 120 4.26 44.81 29.71
CA GLU G 120 4.06 45.67 28.55
C GLU G 120 2.70 45.47 27.91
N ILE G 121 2.17 44.24 27.87
CA ILE G 121 0.84 44.05 27.25
C ILE G 121 -0.23 44.68 28.14
N ALA G 122 -0.06 44.63 29.46
CA ALA G 122 -1.01 45.27 30.37
C ALA G 122 -0.93 46.79 30.28
N THR G 123 0.29 47.34 30.26
CA THR G 123 0.44 48.79 30.24
C THR G 123 0.06 49.40 28.88
N MET G 124 0.28 48.65 27.79
CA MET G 124 -0.15 49.17 26.49
C MET G 124 -1.65 49.02 26.28
N ARG G 125 -2.25 47.90 26.72
CA ARG G 125 -3.70 47.81 26.57
C ARG G 125 -4.45 48.60 27.64
N ALA G 126 -3.76 49.15 28.64
CA ALA G 126 -4.36 50.11 29.54
C ALA G 126 -4.18 51.54 29.09
N HIS G 127 -3.39 51.78 28.04
CA HIS G 127 -3.09 53.11 27.53
C HIS G 127 -4.29 53.66 26.74
N PRO G 128 -4.55 54.97 26.81
CA PRO G 128 -5.72 55.53 26.10
C PRO G 128 -5.69 55.41 24.58
N PHE G 129 -4.52 55.52 23.96
CA PHE G 129 -4.40 55.47 22.50
C PHE G 129 -3.71 54.21 22.00
N ILE G 130 -2.70 53.73 22.72
CA ILE G 130 -1.96 52.53 22.31
C ILE G 130 -2.84 51.30 22.40
N GLY G 131 -3.62 51.18 23.48
CA GLY G 131 -4.60 50.11 23.57
C GLY G 131 -5.76 50.26 22.61
N LEU G 132 -6.04 51.49 22.18
CA LEU G 132 -7.11 51.70 21.20
C LEU G 132 -6.71 51.14 19.84
N PHE G 133 -5.52 51.46 19.36
CA PHE G 133 -5.06 51.01 18.05
C PHE G 133 -3.84 50.12 18.22
N GLY G 134 -4.00 48.83 17.93
CA GLY G 134 -2.96 47.86 18.15
C GLY G 134 -1.90 47.85 17.08
N GLY G 135 -1.16 46.75 17.02
CA GLY G 135 -0.07 46.62 16.07
C GLY G 135 1.30 46.67 16.74
N GLY G 136 2.20 47.47 16.17
CA GLY G 136 3.55 47.58 16.73
C GLY G 136 4.40 46.39 16.32
N PRO G 137 5.66 46.26 16.83
CA PRO G 137 6.54 45.15 16.47
C PRO G 137 6.01 43.79 16.91
N ARG G 138 5.39 43.74 18.10
CA ARG G 138 4.89 42.48 18.71
C ARG G 138 3.46 42.16 18.27
N MET G 139 2.90 42.97 17.36
CA MET G 139 1.53 42.77 16.81
C MET G 139 0.50 42.73 17.96
N LEU G 140 0.64 43.64 18.92
CA LEU G 140 -0.30 43.71 20.08
C LEU G 140 -1.71 43.97 19.51
N GLU G 141 -2.72 43.25 20.01
CA GLU G 141 -4.10 43.41 19.49
C GLU G 141 -4.74 44.65 20.13
N GLY G 142 -5.29 45.54 19.30
CA GLY G 142 -5.96 46.76 19.78
C GLY G 142 -7.33 46.47 20.34
N ARG G 143 -7.90 47.39 21.10
CA ARG G 143 -9.26 47.14 21.67
C ARG G 143 -10.19 48.25 21.16
N LEU G 144 -10.48 48.17 19.86
CA LEU G 144 -11.37 49.08 19.15
C LEU G 144 -11.83 48.39 17.88
N MET G 145 -13.15 48.23 17.75
CA MET G 145 -13.76 47.60 16.59
C MET G 145 -14.44 48.69 15.77
N VAL G 146 -13.89 49.00 14.61
CA VAL G 146 -14.40 50.06 13.74
C VAL G 146 -15.03 49.41 12.51
N ASP G 147 -16.34 49.58 12.38
CA ASP G 147 -17.12 48.96 11.32
C ASP G 147 -17.24 49.97 10.17
N SER G 148 -17.71 49.52 9.01
CA SER G 148 -17.85 50.38 7.85
C SER G 148 -19.01 51.36 8.01
N LEU G 149 -19.06 52.34 7.11
CA LEU G 149 -20.08 53.38 7.11
C LEU G 149 -21.21 52.98 6.17
N TYR G 150 -22.42 52.90 6.72
CA TYR G 150 -23.56 52.33 6.02
C TYR G 150 -24.60 53.38 5.68
N PRO G 151 -25.10 53.45 4.45
CA PRO G 151 -26.30 54.25 4.20
C PRO G 151 -27.52 53.54 4.77
N ILE G 152 -28.41 54.32 5.38
CA ILE G 152 -29.66 53.75 5.87
C ILE G 152 -30.53 53.50 4.65
N HIS G 153 -30.62 52.24 4.25
CA HIS G 153 -31.21 51.82 3.01
C HIS G 153 -31.89 50.48 3.23
N THR G 154 -32.78 50.11 2.30
CA THR G 154 -33.39 48.79 2.34
C THR G 154 -32.38 47.69 2.06
N ASN G 155 -31.38 47.97 1.22
CA ASN G 155 -30.39 46.96 0.85
C ASN G 155 -29.49 46.59 2.03
N ALA G 156 -29.35 47.46 3.01
CA ALA G 156 -28.67 47.13 4.26
C ALA G 156 -29.66 46.96 5.41
N GLU G 157 -30.91 46.57 5.11
CA GLU G 157 -31.95 46.46 6.11
C GLU G 157 -31.61 45.43 7.18
N ARG G 158 -31.12 44.26 6.75
CA ARG G 158 -30.67 43.20 7.66
C ARG G 158 -29.40 43.57 8.42
N ILE G 159 -28.79 44.71 8.12
CA ILE G 159 -27.66 45.24 8.88
C ILE G 159 -28.19 46.15 9.99
N LEU G 160 -29.30 46.84 9.75
CA LEU G 160 -29.75 47.87 10.68
C LEU G 160 -31.25 47.89 10.89
N GLY G 161 -31.89 46.71 10.90
CA GLY G 161 -33.34 46.65 11.04
C GLY G 161 -33.85 46.84 12.46
N ALA G 162 -32.96 46.96 13.44
CA ALA G 162 -33.39 47.09 14.83
C ALA G 162 -33.92 48.49 15.12
N GLY G 163 -33.06 49.50 14.97
CA GLY G 163 -33.41 50.86 15.32
C GLY G 163 -33.84 51.76 14.17
N TYR G 164 -33.94 51.23 12.95
CA TYR G 164 -34.30 52.04 11.77
C TYR G 164 -35.41 51.32 11.00
N GLU G 165 -36.64 51.60 11.37
CA GLU G 165 -37.82 51.08 10.67
C GLU G 165 -38.32 52.09 9.64
N ASN G 166 -38.39 53.37 10.01
CA ASN G 166 -38.74 54.44 9.09
C ASN G 166 -37.44 54.98 8.46
N GLU G 167 -37.54 56.14 7.80
CA GLU G 167 -36.45 56.90 7.14
C GLU G 167 -35.60 56.02 6.20
N MET G 168 -36.26 55.06 5.55
CA MET G 168 -35.60 54.11 4.66
C MET G 168 -35.53 54.70 3.26
N MET G 169 -34.32 54.77 2.71
CA MET G 169 -34.15 55.25 1.35
C MET G 169 -34.18 54.07 0.37
N SER G 170 -34.82 54.29 -0.78
CA SER G 170 -34.94 53.25 -1.79
C SER G 170 -34.72 53.85 -3.17
N GLY G 171 -34.41 52.98 -4.13
CA GLY G 171 -34.19 53.39 -5.49
C GLY G 171 -32.71 53.61 -5.80
N PRO G 172 -32.42 54.43 -6.81
CA PRO G 172 -31.03 54.81 -7.09
C PRO G 172 -30.44 55.61 -5.94
N ILE G 173 -29.15 55.39 -5.69
CA ILE G 173 -28.51 55.95 -4.51
C ILE G 173 -27.18 56.59 -4.94
N THR G 174 -26.77 56.34 -6.18
CA THR G 174 -25.50 56.83 -6.70
C THR G 174 -25.73 57.51 -8.04
N GLN G 175 -24.77 58.35 -8.44
CA GLN G 175 -24.79 59.02 -9.74
C GLN G 175 -23.34 59.26 -10.17
N VAL G 176 -23.12 59.24 -11.48
CA VAL G 176 -21.77 59.39 -12.00
C VAL G 176 -21.48 60.87 -12.24
N VAL G 177 -20.26 61.29 -11.89
CA VAL G 177 -19.80 62.66 -12.14
C VAL G 177 -18.51 62.56 -12.95
N TRP G 178 -18.36 63.47 -13.92
CA TRP G 178 -17.30 63.34 -14.91
C TRP G 178 -16.05 64.12 -14.52
N ALA G 179 -16.21 65.35 -14.04
CA ALA G 179 -15.06 66.16 -13.64
C ALA G 179 -15.42 67.10 -12.50
N PHE G 246 -11.88 64.12 -19.76
CA PHE G 246 -13.24 63.62 -19.70
C PHE G 246 -13.30 62.22 -19.12
N ASN G 247 -12.87 62.10 -17.87
CA ASN G 247 -12.97 60.83 -17.14
C ASN G 247 -14.36 60.72 -16.53
N ALA G 248 -14.60 59.66 -15.76
CA ALA G 248 -15.85 59.50 -15.05
C ALA G 248 -15.58 58.70 -13.78
N HIS G 249 -16.20 59.14 -12.69
CA HIS G 249 -16.20 58.35 -11.46
C HIS G 249 -17.59 58.45 -10.85
N GLU G 250 -18.10 57.32 -10.38
CA GLU G 250 -19.45 57.31 -9.84
C GLU G 250 -19.42 57.57 -8.34
N VAL G 251 -20.22 58.53 -7.91
CA VAL G 251 -20.20 59.07 -6.57
C VAL G 251 -21.54 58.76 -5.91
N VAL G 252 -21.57 58.81 -4.57
CA VAL G 252 -22.81 58.62 -3.84
C VAL G 252 -23.43 59.98 -3.55
N ILE G 253 -24.74 60.09 -3.76
CA ILE G 253 -25.49 61.36 -3.79
C ILE G 253 -25.46 62.07 -2.44
N PRO G 254 -25.50 63.41 -2.41
CA PRO G 254 -25.48 64.13 -1.13
C PRO G 254 -26.85 64.12 -0.47
N GLY G 255 -26.88 64.65 0.76
CA GLY G 255 -28.09 64.63 1.55
C GLY G 255 -28.42 63.28 2.17
N LEU G 256 -27.46 62.37 2.21
CA LEU G 256 -27.74 60.99 2.60
C LEU G 256 -27.52 60.79 4.09
N LYS G 257 -28.10 59.72 4.61
CA LYS G 257 -28.06 59.40 6.03
C LYS G 257 -27.26 58.12 6.24
N TRP G 258 -26.22 58.19 7.09
CA TRP G 258 -25.32 57.07 7.29
C TRP G 258 -25.19 56.76 8.77
N VAL G 259 -24.86 55.50 9.05
CA VAL G 259 -24.62 54.99 10.39
C VAL G 259 -23.20 54.45 10.44
N TRP G 260 -22.62 54.44 11.64
CA TRP G 260 -21.25 53.97 11.86
C TRP G 260 -21.14 53.43 13.26
N ARG G 261 -20.76 52.17 13.40
CA ARG G 261 -20.76 51.48 14.68
C ARG G 261 -19.32 51.28 15.16
N ILE G 262 -18.99 51.92 16.26
CA ILE G 262 -17.67 51.87 16.87
C ILE G 262 -17.77 51.07 18.16
N SER G 263 -16.99 50.00 18.27
CA SER G 263 -17.14 49.06 19.38
C SER G 263 -15.81 48.88 20.09
N LEU G 264 -15.88 48.61 21.40
CA LEU G 264 -14.70 48.52 22.27
C LEU G 264 -14.93 47.38 23.25
N ASP G 265 -14.18 46.28 23.11
CA ASP G 265 -14.40 45.11 23.96
C ASP G 265 -13.59 45.26 25.25
N ARG G 266 -14.30 45.52 26.35
CA ARG G 266 -13.74 45.99 27.61
C ARG G 266 -12.84 47.21 27.41
N PRO G 267 -13.41 48.42 27.42
CA PRO G 267 -12.58 49.62 27.43
C PRO G 267 -12.29 50.14 28.83
N THR G 268 -11.14 50.76 28.99
CA THR G 268 -10.95 51.66 30.11
C THR G 268 -11.71 52.96 29.81
N ASP G 269 -11.91 53.76 30.86
CA ASP G 269 -12.74 54.96 30.74
C ASP G 269 -12.07 56.01 29.86
N ALA G 270 -10.72 56.03 29.90
CA ALA G 270 -9.95 56.97 29.09
C ALA G 270 -10.09 56.70 27.60
N GLN G 271 -10.15 55.43 27.20
CA GLN G 271 -10.22 55.09 25.78
C GLN G 271 -11.54 55.51 25.16
N VAL G 272 -12.67 55.18 25.81
CA VAL G 272 -13.98 55.58 25.32
C VAL G 272 -14.15 57.10 25.42
N GLY G 273 -13.61 57.68 26.49
CA GLY G 273 -13.65 59.15 26.63
C GLY G 273 -12.88 59.78 25.49
N LEU G 274 -11.73 59.19 25.16
CA LEU G 274 -10.85 59.68 24.05
C LEU G 274 -11.63 59.59 22.72
N VAL G 275 -12.35 58.49 22.52
CA VAL G 275 -13.16 58.31 21.26
C VAL G 275 -14.22 59.41 21.23
N LEU G 276 -14.83 59.71 22.39
CA LEU G 276 -15.85 60.76 22.47
C LEU G 276 -15.26 62.14 22.14
N LEU G 277 -14.01 62.39 22.54
CA LEU G 277 -13.33 63.62 22.14
C LEU G 277 -13.13 63.66 20.63
N ALA G 278 -12.81 62.51 20.02
CA ALA G 278 -12.72 62.41 18.57
C ALA G 278 -14.06 62.71 17.91
N LEU G 279 -15.15 62.20 18.49
CA LEU G 279 -16.48 62.44 17.91
C LEU G 279 -16.92 63.89 18.07
N ASN G 280 -16.42 64.57 19.10
CA ASN G 280 -16.54 66.03 19.11
C ASN G 280 -15.72 66.66 17.99
N LYS G 281 -14.54 66.12 17.73
CA LYS G 281 -13.55 66.82 16.91
C LYS G 281 -13.56 66.35 15.45
N MET G 282 -14.43 65.40 15.10
CA MET G 282 -14.48 64.93 13.72
C MET G 282 -15.27 65.84 12.78
N THR G 283 -15.86 66.93 13.30
CA THR G 283 -16.68 67.79 12.47
C THR G 283 -15.83 68.54 11.43
N ASN G 284 -14.70 69.11 11.86
CA ASN G 284 -13.84 69.82 10.92
C ASN G 284 -13.10 68.88 9.98
N GLU G 285 -12.78 67.67 10.45
CA GLU G 285 -12.14 66.68 9.61
C GLU G 285 -13.14 66.13 8.59
N ARG G 286 -12.63 65.46 7.57
CA ARG G 286 -13.45 65.04 6.44
C ARG G 286 -13.17 63.58 6.13
N ILE G 287 -14.18 62.87 5.64
CA ILE G 287 -13.98 61.50 5.21
C ILE G 287 -13.27 61.52 3.84
N ALA G 288 -12.77 60.36 3.44
CA ALA G 288 -11.86 60.23 2.30
C ALA G 288 -12.54 60.61 0.99
N GLY G 289 -11.72 61.09 0.06
CA GLY G 289 -12.21 61.62 -1.19
C GLY G 289 -11.19 62.59 -1.76
N GLY G 290 -11.63 63.34 -2.77
CA GLY G 290 -10.78 64.37 -3.33
C GLY G 290 -10.64 65.54 -2.39
N HIS G 291 -9.40 65.93 -2.11
CA HIS G 291 -9.17 67.10 -1.27
C HIS G 291 -9.48 68.40 -1.99
N SER G 292 -9.51 68.39 -3.32
CA SER G 292 -9.83 69.59 -4.08
C SER G 292 -11.29 69.57 -4.55
N LYS G 293 -11.88 68.38 -4.68
CA LYS G 293 -13.22 68.22 -5.20
C LYS G 293 -14.31 68.34 -4.13
N ASP G 294 -13.93 68.74 -2.91
CA ASP G 294 -14.81 68.90 -1.75
C ASP G 294 -15.58 67.62 -1.42
N TYR G 295 -14.92 66.47 -1.53
CA TYR G 295 -15.55 65.18 -1.29
C TYR G 295 -15.22 64.71 0.12
N GLY G 296 -16.24 64.55 0.95
CA GLY G 296 -16.07 64.01 2.29
C GLY G 296 -16.58 64.87 3.43
N ARG G 297 -17.20 66.02 3.18
CA ARG G 297 -17.69 66.85 4.27
C ARG G 297 -18.99 66.28 4.81
N PHE G 298 -19.15 66.32 6.13
CA PHE G 298 -20.25 65.66 6.82
C PHE G 298 -20.49 66.31 8.17
N VAL G 299 -21.70 66.15 8.68
CA VAL G 299 -22.10 66.62 10.01
C VAL G 299 -22.50 65.39 10.81
N ILE G 300 -22.34 65.46 12.14
CA ILE G 300 -22.65 64.34 13.02
C ILE G 300 -23.95 64.65 13.74
N ASP G 301 -24.93 63.74 13.61
CA ASP G 301 -26.24 63.91 14.25
C ASP G 301 -26.72 62.57 14.78
N GLY G 302 -26.64 62.38 16.10
CA GLY G 302 -27.18 61.18 16.72
C GLY G 302 -26.20 60.07 17.05
N VAL G 303 -25.11 60.41 17.74
CA VAL G 303 -24.29 59.43 18.42
C VAL G 303 -25.15 58.74 19.48
N SER G 304 -25.04 57.41 19.57
CA SER G 304 -25.80 56.62 20.53
C SER G 304 -24.81 55.77 21.33
N LEU G 305 -24.60 56.14 22.59
CA LEU G 305 -23.66 55.44 23.47
C LEU G 305 -24.46 54.42 24.28
N ASN G 306 -24.23 53.13 23.98
CA ASN G 306 -24.94 51.99 24.59
C ASN G 306 -26.45 52.09 24.42
N GLY G 307 -26.87 52.56 23.24
CA GLY G 307 -28.26 52.48 22.85
C GLY G 307 -29.14 53.69 23.12
N GLU G 308 -28.66 54.69 23.84
CA GLU G 308 -29.47 55.88 24.11
C GLU G 308 -28.84 57.09 23.44
N GLN G 309 -29.67 58.07 23.10
CA GLN G 309 -29.23 59.23 22.33
C GLN G 309 -28.35 60.14 23.18
N VAL G 310 -27.14 60.42 22.68
CA VAL G 310 -26.16 61.15 23.48
C VAL G 310 -25.54 62.28 22.65
N TRP G 311 -26.23 62.70 21.59
CA TRP G 311 -25.72 63.78 20.75
C TRP G 311 -26.69 64.95 20.72
N SER G 312 -26.13 66.16 20.70
CA SER G 312 -26.89 67.38 20.54
C SER G 312 -26.19 68.26 19.49
N GLN G 313 -26.73 69.45 19.27
CA GLN G 313 -26.12 70.36 18.31
C GLN G 313 -24.83 70.95 18.85
N SER G 314 -24.66 71.00 20.17
CA SER G 314 -23.43 71.52 20.77
C SER G 314 -22.38 70.45 21.03
N GLY G 315 -22.66 69.18 20.73
CA GLY G 315 -21.71 68.11 20.96
C GLY G 315 -22.33 66.89 21.61
N ILE G 316 -21.55 66.20 22.46
CA ILE G 316 -22.12 65.09 23.23
C ILE G 316 -23.05 65.61 24.32
N THR G 317 -22.49 66.43 25.23
CA THR G 317 -23.14 66.92 26.46
C THR G 317 -23.73 65.76 27.27
N GLY G 318 -22.87 64.77 27.49
CA GLY G 318 -23.16 63.53 28.23
C GLY G 318 -21.88 62.76 28.52
N GLY G 319 -21.97 61.67 29.29
CA GLY G 319 -20.78 60.84 29.57
C GLY G 319 -19.63 61.66 30.16
N GLU G 320 -19.91 62.44 31.20
CA GLU G 320 -18.89 63.30 31.86
C GLU G 320 -17.76 62.44 32.44
N GLN G 321 -18.09 61.26 32.98
CA GLN G 321 -17.04 60.39 33.60
C GLN G 321 -15.99 60.05 32.54
N TYR G 322 -16.43 59.77 31.31
CA TYR G 322 -15.52 59.44 30.22
C TYR G 322 -14.61 60.63 29.91
N PHE G 323 -15.18 61.82 29.82
CA PHE G 323 -14.41 63.02 29.52
C PHE G 323 -13.48 63.38 30.67
N ASP G 324 -13.93 63.19 31.92
CA ASP G 324 -13.09 63.48 33.08
C ASP G 324 -11.91 62.50 33.15
N ALA G 325 -12.17 61.22 32.88
CA ALA G 325 -11.08 60.23 32.92
C ALA G 325 -10.08 60.44 31.80
N VAL G 326 -10.56 60.82 30.61
CA VAL G 326 -9.61 61.04 29.52
C VAL G 326 -8.87 62.37 29.71
N ALA G 327 -9.48 63.34 30.40
CA ALA G 327 -8.77 64.56 30.75
C ALA G 327 -7.66 64.28 31.76
N GLU G 328 -7.94 63.40 32.72
CA GLU G 328 -6.92 62.97 33.68
C GLU G 328 -5.81 62.19 32.95
N ALA G 329 -6.19 61.37 31.98
CA ALA G 329 -5.21 60.53 31.28
C ALA G 329 -4.30 61.35 30.37
N ILE G 330 -4.87 62.30 29.61
CA ILE G 330 -4.05 63.14 28.75
C ILE G 330 -3.34 64.22 29.54
N ASP G 331 -3.76 64.48 30.78
CA ASP G 331 -2.96 65.32 31.68
C ASP G 331 -1.66 64.63 32.05
N GLY G 332 -1.71 63.33 32.32
CA GLY G 332 -0.56 62.52 32.64
C GLY G 332 0.05 61.76 31.47
N LEU G 333 -0.32 62.12 30.24
CA LEU G 333 0.19 61.43 29.06
C LEU G 333 1.66 61.80 28.82
N SER G 334 2.44 60.81 28.41
CA SER G 334 3.87 61.01 28.17
C SER G 334 4.24 60.30 26.88
N SER G 335 5.54 60.23 26.59
CA SER G 335 6.05 59.61 25.37
C SER G 335 6.97 58.43 25.62
N LYS G 336 7.30 58.14 26.88
CA LYS G 336 8.09 56.94 27.21
C LYS G 336 7.31 55.68 26.89
N GLU G 337 6.01 55.68 27.20
CA GLU G 337 5.16 54.53 26.90
C GLU G 337 4.99 54.32 25.40
N PHE G 338 4.90 55.41 24.63
CA PHE G 338 4.81 55.31 23.17
C PHE G 338 6.09 54.73 22.57
N GLU G 339 7.25 55.20 23.04
CA GLU G 339 8.51 54.75 22.44
C GLU G 339 8.87 53.35 22.89
N GLN G 340 8.42 52.93 24.09
CA GLN G 340 8.62 51.55 24.47
C GLN G 340 7.59 50.62 23.87
N PHE G 341 6.44 51.15 23.41
CA PHE G 341 5.55 50.35 22.58
C PHE G 341 6.12 50.16 21.19
N ALA G 342 6.62 51.22 20.58
CA ALA G 342 6.99 51.20 19.17
C ALA G 342 8.35 50.57 18.90
N GLN G 343 9.22 50.48 19.89
CA GLN G 343 10.55 49.91 19.68
C GLN G 343 10.44 48.39 19.52
N SER G 344 11.33 47.83 18.70
CA SER G 344 11.30 46.42 18.37
C SER G 344 12.38 45.70 19.15
N ALA G 345 11.99 44.67 19.91
CA ALA G 345 12.93 43.83 20.66
C ALA G 345 13.30 42.63 19.79
N LYS G 346 13.97 42.93 18.67
CA LYS G 346 14.36 41.91 17.71
C LYS G 346 15.65 41.22 18.12
N MET H 1 12.25 50.38 -23.53
CA MET H 1 12.12 49.62 -22.29
C MET H 1 11.25 50.34 -21.28
N PHE H 2 11.88 50.85 -20.21
CA PHE H 2 11.17 51.56 -19.16
C PHE H 2 11.95 52.82 -18.81
N VAL H 3 11.22 53.83 -18.32
CA VAL H 3 11.79 55.08 -17.84
C VAL H 3 11.41 55.25 -16.38
N LYS H 4 12.15 56.10 -15.67
CA LYS H 4 11.91 56.34 -14.25
C LYS H 4 11.64 57.82 -14.02
N GLN H 5 10.73 58.11 -13.09
CA GLN H 5 10.28 59.47 -12.82
C GLN H 5 10.24 59.69 -11.31
N VAL H 6 11.09 60.59 -10.82
CA VAL H 6 11.26 60.83 -9.39
C VAL H 6 10.87 62.27 -9.07
N PHE H 7 9.92 62.43 -8.16
CA PHE H 7 9.41 63.74 -7.76
C PHE H 7 9.93 64.10 -6.37
N PHE H 8 10.35 65.35 -6.22
CA PHE H 8 10.81 65.90 -4.95
C PHE H 8 9.84 66.98 -4.51
N ASP H 9 9.07 66.71 -3.45
CA ASP H 9 8.16 67.68 -2.86
C ASP H 9 8.94 68.48 -1.82
N LEU H 10 8.87 69.81 -1.93
CA LEU H 10 9.56 70.72 -1.04
C LEU H 10 8.57 71.60 -0.27
N GLY H 11 7.34 71.72 -0.77
CA GLY H 11 6.38 72.66 -0.24
C GLY H 11 6.28 73.96 -1.00
N ALA H 12 7.27 74.27 -1.84
CA ALA H 12 7.24 75.44 -2.70
C ALA H 12 7.70 75.03 -4.09
N ARG H 13 7.09 75.63 -5.12
CA ARG H 13 7.41 75.27 -6.49
C ARG H 13 8.66 76.01 -6.96
N ILE H 14 9.64 75.26 -7.46
CA ILE H 14 10.80 75.82 -8.14
C ILE H 14 10.84 75.24 -9.55
N HIS H 15 11.29 76.06 -10.50
CA HIS H 15 11.25 75.68 -11.90
C HIS H 15 12.32 74.65 -12.23
N ALA H 16 12.16 74.00 -13.39
CA ALA H 16 13.04 72.89 -13.76
C ALA H 16 14.46 73.36 -14.05
N ASP H 17 14.61 74.46 -14.80
CA ASP H 17 15.94 74.99 -15.08
C ASP H 17 16.57 75.59 -13.83
N GLU H 18 15.75 76.22 -12.98
CA GLU H 18 16.26 76.77 -11.72
C GLU H 18 16.68 75.66 -10.77
N ALA H 19 15.94 74.54 -10.74
CA ALA H 19 16.36 73.40 -9.94
C ALA H 19 17.60 72.73 -10.50
N ARG H 20 17.74 72.72 -11.84
CA ARG H 20 18.95 72.22 -12.48
C ARG H 20 20.17 73.06 -12.08
N ALA H 21 20.03 74.38 -12.11
CA ALA H 21 21.11 75.27 -11.68
C ALA H 21 21.37 75.14 -10.18
N LEU H 22 20.32 74.88 -9.39
CA LEU H 22 20.46 74.76 -7.94
C LEU H 22 21.22 73.49 -7.55
N VAL H 23 20.90 72.37 -8.19
CA VAL H 23 21.63 71.14 -7.89
C VAL H 23 22.99 71.13 -8.58
N ALA H 24 23.18 71.99 -9.58
CA ALA H 24 24.53 72.19 -10.12
C ALA H 24 25.39 72.99 -9.15
N LYS H 25 24.83 74.06 -8.58
CA LYS H 25 25.60 74.90 -7.62
C LYS H 25 25.87 74.14 -6.30
N LEU H 26 24.84 73.46 -5.76
CA LEU H 26 24.92 72.77 -4.45
C LEU H 26 25.87 71.55 -4.39
N LEU H 27 25.84 70.67 -5.39
CA LEU H 27 26.64 69.42 -5.33
C LEU H 27 28.01 69.58 -6.01
N ASP H 28 28.32 70.79 -6.47
CA ASP H 28 29.58 71.07 -7.21
C ASP H 28 30.84 70.85 -6.37
N ASP H 29 30.87 71.21 -5.08
CA ASP H 29 32.12 71.12 -4.35
C ASP H 29 32.58 69.68 -4.15
N THR H 30 31.64 68.75 -3.99
CA THR H 30 31.94 67.36 -3.73
C THR H 30 31.29 66.47 -4.78
N GLN H 31 31.85 65.27 -4.94
CA GLN H 31 31.34 64.23 -5.81
C GLN H 31 31.19 64.66 -7.28
N PRO H 32 32.28 64.75 -8.03
CA PRO H 32 32.19 65.28 -9.41
C PRO H 32 31.61 64.29 -10.40
N GLY H 33 31.78 62.99 -10.15
CA GLY H 33 31.18 61.98 -11.03
C GLY H 33 29.67 62.00 -11.01
N LEU H 34 29.07 62.36 -9.88
CA LEU H 34 27.61 62.32 -9.77
C LEU H 34 26.97 63.47 -10.55
N VAL H 35 27.52 64.68 -10.45
CA VAL H 35 27.02 65.78 -11.26
C VAL H 35 27.39 65.59 -12.73
N SER H 36 28.52 64.91 -13.01
CA SER H 36 28.82 64.53 -14.39
C SER H 36 27.81 63.51 -14.91
N ALA H 37 27.21 62.73 -14.01
CA ALA H 37 26.15 61.81 -14.41
C ALA H 37 24.84 62.55 -14.68
N LEU H 38 24.44 63.45 -13.77
CA LEU H 38 23.09 64.02 -13.88
C LEU H 38 22.98 65.13 -14.92
N MET H 39 24.01 65.97 -15.07
CA MET H 39 23.92 66.94 -16.16
C MET H 39 24.49 66.42 -17.47
N ASN H 40 24.80 65.11 -17.53
CA ASN H 40 25.17 64.40 -18.75
C ASN H 40 26.39 65.02 -19.42
N TYR H 41 27.38 65.37 -18.61
CA TYR H 41 28.57 66.00 -19.09
C TYR H 41 29.48 64.99 -19.78
N MET H 42 30.51 65.51 -20.44
CA MET H 42 31.56 64.66 -20.97
C MET H 42 32.36 64.05 -19.80
N PRO H 43 32.91 62.85 -19.99
CA PRO H 43 33.70 62.23 -18.90
C PRO H 43 34.95 63.00 -18.52
N ALA H 44 35.49 63.83 -19.42
CA ALA H 44 36.70 64.60 -19.13
C ALA H 44 36.43 66.08 -18.88
N SER H 45 35.48 66.68 -19.59
CA SER H 45 35.26 68.12 -19.55
C SER H 45 33.88 68.45 -18.99
N LYS H 46 33.58 69.75 -18.94
CA LYS H 46 32.31 70.26 -18.44
C LYS H 46 31.25 70.34 -19.53
N THR H 47 31.62 70.13 -20.79
CA THR H 47 30.66 70.23 -21.88
C THR H 47 29.72 69.03 -21.89
N SER H 48 28.42 69.30 -22.00
CA SER H 48 27.41 68.25 -22.05
C SER H 48 27.49 67.49 -23.37
N LYS H 49 26.92 66.29 -23.37
CA LYS H 49 26.98 65.42 -24.53
C LYS H 49 26.05 65.90 -25.64
N THR H 50 26.46 65.62 -26.88
CA THR H 50 25.69 66.00 -28.06
C THR H 50 24.58 64.99 -28.37
N GLU H 51 24.63 63.80 -27.77
CA GLU H 51 23.63 62.78 -28.03
C GLU H 51 22.37 63.04 -27.20
N PHE H 52 21.50 62.05 -27.17
CA PHE H 52 20.29 62.14 -26.35
C PHE H 52 20.66 62.03 -24.87
N PRO H 53 20.33 63.04 -24.05
CA PRO H 53 20.63 62.95 -22.61
C PRO H 53 19.61 62.07 -21.91
N LEU H 54 20.12 61.12 -21.11
CA LEU H 54 19.24 60.10 -20.54
C LEU H 54 18.43 60.63 -19.38
N VAL H 55 19.02 61.48 -18.54
CA VAL H 55 18.33 62.06 -17.39
C VAL H 55 18.05 63.53 -17.68
N GLN H 56 16.79 63.93 -17.50
CA GLN H 56 16.33 65.28 -17.79
C GLN H 56 15.39 65.77 -16.69
N PHE H 57 15.43 67.07 -16.43
CA PHE H 57 14.51 67.65 -15.45
C PHE H 57 13.13 67.86 -16.07
N SER H 58 12.11 67.93 -15.22
CA SER H 58 10.74 68.06 -15.66
C SER H 58 10.00 68.97 -14.68
N ASN H 59 8.67 68.98 -14.79
CA ASN H 59 7.83 69.88 -14.02
C ASN H 59 7.14 69.13 -12.89
N PHE H 60 7.18 69.72 -11.69
CA PHE H 60 6.47 69.22 -10.52
C PHE H 60 5.75 70.39 -9.86
N ASN H 61 4.54 70.12 -9.38
CA ASN H 61 3.70 71.19 -8.83
C ASN H 61 4.24 71.68 -7.48
N GLN H 62 4.87 70.79 -6.72
CA GLN H 62 5.38 71.12 -5.39
C GLN H 62 6.90 71.11 -5.32
N GLY H 63 7.58 71.10 -6.47
CA GLY H 63 9.03 71.01 -6.49
C GLY H 63 9.59 70.74 -7.87
N PHE H 64 10.44 69.73 -8.00
CA PHE H 64 11.04 69.36 -9.28
C PHE H 64 11.02 67.85 -9.45
N ALA H 65 11.03 67.43 -10.72
CA ALA H 65 10.99 66.03 -11.09
C ALA H 65 12.17 65.70 -11.99
N LEU H 66 12.62 64.45 -11.91
CA LEU H 66 13.74 63.94 -12.68
C LEU H 66 13.30 62.73 -13.48
N LEU H 67 13.77 62.64 -14.73
CA LEU H 67 13.43 61.55 -15.64
C LEU H 67 14.69 60.83 -16.04
N GLY H 68 14.76 59.53 -15.77
CA GLY H 68 15.86 58.71 -16.21
C GLY H 68 15.43 57.72 -17.27
N PHE H 69 15.97 57.85 -18.48
CA PHE H 69 15.54 57.05 -19.61
C PHE H 69 16.44 55.83 -19.75
N GLY H 70 15.81 54.66 -19.79
CA GLY H 70 16.55 53.42 -19.92
C GLY H 70 17.13 52.93 -18.61
N GLU H 71 17.83 51.80 -18.71
CA GLU H 71 18.44 51.17 -17.54
C GLU H 71 19.57 52.02 -16.97
N VAL H 72 20.36 52.66 -17.83
CA VAL H 72 21.47 53.50 -17.39
C VAL H 72 20.95 54.73 -16.66
N GLY H 73 19.92 55.40 -17.22
CA GLY H 73 19.34 56.55 -16.56
C GLY H 73 18.63 56.19 -15.26
N ALA H 74 17.97 55.03 -15.24
CA ALA H 74 17.33 54.55 -14.02
C ALA H 74 18.36 54.25 -12.93
N GLN H 75 19.49 53.65 -13.31
CA GLN H 75 20.56 53.38 -12.35
C GLN H 75 21.19 54.67 -11.84
N ILE H 76 21.37 55.66 -12.72
CA ILE H 76 21.95 56.95 -12.33
C ILE H 76 21.02 57.66 -11.34
N LEU H 77 19.71 57.67 -11.64
CA LEU H 77 18.75 58.26 -10.72
C LEU H 77 18.68 57.49 -9.40
N SER H 78 18.83 56.16 -9.46
CA SER H 78 18.81 55.33 -8.26
C SER H 78 20.00 55.61 -7.34
N ASP H 79 21.19 55.77 -7.92
CA ASP H 79 22.34 56.12 -7.10
C ASP H 79 22.39 57.59 -6.71
N ALA H 80 21.61 58.45 -7.36
CA ALA H 80 21.71 59.88 -7.09
C ALA H 80 20.57 60.45 -6.24
N THR H 81 19.44 59.75 -6.13
CA THR H 81 18.30 60.29 -5.40
C THR H 81 18.54 60.56 -3.90
N PRO H 82 19.17 59.65 -3.10
CA PRO H 82 19.39 60.02 -1.69
C PRO H 82 20.36 61.18 -1.48
N ILE H 83 21.37 61.33 -2.34
CA ILE H 83 22.33 62.43 -2.21
C ILE H 83 21.64 63.77 -2.51
N ILE H 84 20.81 63.79 -3.56
CA ILE H 84 20.05 64.99 -3.91
C ILE H 84 19.07 65.35 -2.81
N HIS H 85 18.39 64.34 -2.25
CA HIS H 85 17.41 64.59 -1.18
C HIS H 85 18.09 65.08 0.09
N ASP H 86 19.26 64.53 0.42
CA ASP H 86 20.01 64.98 1.59
C ASP H 86 20.54 66.39 1.40
N ALA H 87 20.97 66.74 0.17
CA ALA H 87 21.43 68.10 -0.11
C ALA H 87 20.28 69.11 0.02
N MET H 88 19.10 68.76 -0.49
CA MET H 88 17.92 69.62 -0.33
C MET H 88 17.53 69.75 1.14
N ALA H 89 17.62 68.65 1.90
CA ALA H 89 17.27 68.68 3.31
C ALA H 89 18.22 69.57 4.11
N LYS H 90 19.52 69.47 3.85
CA LYS H 90 20.48 70.33 4.55
C LYS H 90 20.35 71.79 4.12
N LEU H 91 20.07 72.03 2.83
CA LEU H 91 19.94 73.41 2.34
C LEU H 91 18.72 74.10 2.94
N PHE H 92 17.60 73.38 3.04
CA PHE H 92 16.41 74.00 3.61
C PHE H 92 16.24 73.74 5.10
N ALA H 93 17.19 73.06 5.73
CA ALA H 93 17.27 73.06 7.19
C ALA H 93 18.30 74.05 7.70
N SER H 94 19.17 74.56 6.82
CA SER H 94 20.11 75.61 7.21
C SER H 94 19.39 76.91 7.53
N ARG H 95 18.37 77.27 6.75
CA ARG H 95 17.63 78.51 6.92
C ARG H 95 16.19 78.21 7.27
N GLY H 96 15.61 79.05 8.14
CA GLY H 96 14.23 78.88 8.54
C GLY H 96 14.06 77.81 9.60
N GLN H 97 12.78 77.48 9.85
CA GLN H 97 12.48 76.42 10.80
C GLN H 97 12.85 75.05 10.24
N GLY H 98 12.76 74.88 8.92
CA GLY H 98 13.10 73.63 8.29
C GLY H 98 11.87 72.90 7.77
N VAL H 99 11.95 72.40 6.54
CA VAL H 99 10.84 71.68 5.92
C VAL H 99 11.24 70.22 5.77
N VAL H 100 10.24 69.39 5.47
CA VAL H 100 10.45 67.97 5.22
C VAL H 100 10.28 67.71 3.74
N VAL H 101 11.27 67.05 3.14
CA VAL H 101 11.29 66.79 1.70
C VAL H 101 10.66 65.42 1.45
N GLN H 102 9.55 65.41 0.73
CA GLN H 102 8.84 64.19 0.37
C GLN H 102 9.33 63.72 -0.99
N VAL H 103 9.18 62.42 -1.26
CA VAL H 103 9.63 61.86 -2.53
C VAL H 103 8.53 61.01 -3.15
N SER H 104 8.65 60.81 -4.45
CA SER H 104 7.83 59.84 -5.14
C SER H 104 8.63 59.25 -6.29
N SER H 105 8.29 58.03 -6.69
CA SER H 105 9.06 57.29 -7.68
C SER H 105 8.12 56.46 -8.55
N ARG H 106 8.37 56.46 -9.86
CA ARG H 106 7.56 55.72 -10.81
C ARG H 106 8.45 55.07 -11.87
N ASP H 107 8.05 53.87 -12.31
CA ASP H 107 8.72 53.14 -13.39
C ASP H 107 7.71 52.95 -14.51
N VAL H 108 7.69 53.87 -15.48
CA VAL H 108 6.72 53.86 -16.56
C VAL H 108 7.32 53.11 -17.75
N PRO H 109 6.70 52.03 -18.22
CA PRO H 109 7.21 51.36 -19.43
C PRO H 109 6.91 52.16 -20.68
N LEU H 110 7.69 51.90 -21.72
CA LEU H 110 7.49 52.53 -23.03
C LEU H 110 7.00 51.51 -24.04
N SER H 111 6.02 51.92 -24.84
CA SER H 111 5.47 51.06 -25.88
C SER H 111 4.92 51.93 -27.00
N CYS H 112 4.86 51.35 -28.20
CA CYS H 112 4.30 52.03 -29.35
C CYS H 112 3.73 51.00 -30.31
N GLU H 113 2.53 51.28 -30.83
CA GLU H 113 1.86 50.42 -31.80
C GLU H 113 1.23 51.29 -32.87
N LYS H 114 1.25 50.80 -34.10
CA LYS H 114 0.72 51.52 -35.25
C LYS H 114 -0.73 51.14 -35.47
N ARG H 115 -1.60 52.15 -35.56
CA ARG H 115 -3.03 51.97 -35.76
C ARG H 115 -3.46 52.75 -36.99
N PRO H 116 -4.46 52.24 -37.77
CA PRO H 116 -4.91 52.92 -38.98
C PRO H 116 -5.96 54.00 -38.75
N TYR H 117 -5.73 54.85 -37.75
CA TYR H 117 -6.57 56.02 -37.51
C TYR H 117 -5.74 57.05 -36.75
N GLY H 118 -6.04 58.32 -37.01
CA GLY H 118 -5.26 59.39 -36.40
C GLY H 118 -5.56 59.54 -34.91
N LEU H 119 -4.54 59.94 -34.17
CA LEU H 119 -4.64 60.13 -32.73
C LEU H 119 -4.06 61.47 -32.34
N GLN H 120 -4.68 62.10 -31.34
CA GLN H 120 -4.45 63.49 -30.98
C GLN H 120 -3.50 63.54 -29.79
N TYR H 121 -2.52 64.44 -29.84
CA TYR H 121 -1.59 64.63 -28.73
C TYR H 121 -1.24 66.12 -28.61
N THR H 122 -1.41 66.68 -27.42
CA THR H 122 -1.06 68.06 -27.18
C THR H 122 0.23 68.16 -26.36
N VAL H 123 1.14 69.01 -26.83
CA VAL H 123 2.45 69.22 -26.20
C VAL H 123 2.53 70.68 -25.76
N ALA H 124 2.89 70.89 -24.50
CA ALA H 124 2.97 72.22 -23.91
C ALA H 124 4.43 72.61 -23.72
N LYS H 125 4.75 73.85 -24.11
CA LYS H 125 6.06 74.50 -23.93
C LYS H 125 7.18 73.72 -24.63
N MET H 126 7.05 73.65 -25.95
CA MET H 126 8.02 73.00 -26.81
C MET H 126 8.86 74.05 -27.54
N VAL H 127 10.17 73.84 -27.56
CA VAL H 127 11.11 74.75 -28.22
C VAL H 127 11.40 74.23 -29.62
N VAL H 128 11.16 75.07 -30.62
CA VAL H 128 11.37 74.68 -32.01
C VAL H 128 12.35 75.58 -32.75
N GLN H 129 12.80 76.69 -32.16
CA GLN H 129 13.65 77.66 -32.84
C GLN H 129 15.07 77.58 -32.30
N LYS H 130 16.04 77.42 -33.19
CA LYS H 130 17.44 77.39 -32.78
C LYS H 130 18.33 78.23 -33.68
N LYS H 131 17.97 78.39 -34.95
CA LYS H 131 18.82 79.07 -35.92
C LYS H 131 18.01 80.07 -36.73
N HIS H 132 18.71 80.80 -37.61
CA HIS H 132 18.05 81.76 -38.49
C HIS H 132 17.30 81.05 -39.60
N GLU H 133 17.79 79.88 -40.03
CA GLU H 133 17.14 79.14 -41.12
C GLU H 133 15.78 78.60 -40.68
N HIS H 134 15.65 78.20 -39.42
CA HIS H 134 14.34 77.79 -38.90
C HIS H 134 13.41 78.97 -38.77
N ARG H 135 13.94 80.16 -38.48
CA ARG H 135 13.14 81.38 -38.47
C ARG H 135 12.63 81.70 -39.87
N GLU H 136 13.47 81.51 -40.89
CA GLU H 136 13.02 81.67 -42.27
C GLU H 136 12.00 80.61 -42.65
N ARG H 137 12.11 79.41 -42.06
CA ARG H 137 11.10 78.39 -42.28
C ARG H 137 9.80 78.71 -41.54
N LEU H 138 9.89 79.40 -40.40
CA LEU H 138 8.72 79.69 -39.58
C LEU H 138 7.84 80.78 -40.17
N ALA H 139 8.39 81.66 -41.02
CA ALA H 139 7.62 82.77 -41.56
C ALA H 139 6.53 82.29 -42.53
N ASN H 140 6.83 81.28 -43.33
CA ASN H 140 5.87 80.72 -44.26
C ASN H 140 5.28 79.44 -43.69
N PRO H 141 3.95 79.30 -43.62
CA PRO H 141 3.37 78.09 -43.03
C PRO H 141 3.62 76.82 -43.82
N GLU H 142 3.75 76.92 -45.15
CA GLU H 142 3.91 75.73 -45.98
C GLU H 142 5.27 75.08 -45.75
N THR H 143 6.33 75.89 -45.66
CA THR H 143 7.66 75.34 -45.40
C THR H 143 7.94 75.15 -43.92
N GLY H 144 7.03 75.60 -43.05
CA GLY H 144 7.20 75.40 -41.62
C GLY H 144 6.47 74.18 -41.11
N LYS H 145 5.37 73.83 -41.80
CA LYS H 145 4.61 72.63 -41.46
C LYS H 145 5.45 71.38 -41.65
N VAL H 146 6.18 71.30 -42.76
CA VAL H 146 7.05 70.14 -43.02
C VAL H 146 8.23 70.12 -42.06
N PHE H 147 8.70 71.29 -41.64
CA PHE H 147 9.77 71.37 -40.65
C PHE H 147 9.31 70.82 -39.30
N LEU H 148 8.09 71.18 -38.88
CA LEU H 148 7.53 70.62 -37.64
C LEU H 148 7.26 69.12 -37.77
N GLU H 149 6.84 68.68 -38.97
CA GLU H 149 6.64 67.26 -39.26
C GLU H 149 7.92 66.47 -39.06
N GLY H 150 9.00 66.94 -39.71
CA GLY H 150 10.29 66.28 -39.60
C GLY H 150 10.88 66.37 -38.21
N LEU H 151 10.65 67.49 -37.50
CA LEU H 151 11.15 67.63 -36.14
C LEU H 151 10.47 66.65 -35.19
N PHE H 152 9.15 66.51 -35.31
CA PHE H 152 8.42 65.58 -34.44
C PHE H 152 8.80 64.13 -34.75
N LEU H 153 8.90 63.79 -36.05
CA LEU H 153 9.26 62.43 -36.44
C LEU H 153 10.69 62.08 -36.04
N ARG H 154 11.62 63.03 -36.19
CA ARG H 154 13.00 62.77 -35.83
C ARG H 154 13.20 62.74 -34.32
N SER H 155 12.42 63.52 -33.56
CA SER H 155 12.47 63.43 -32.11
C SER H 155 11.95 62.08 -31.62
N LEU H 156 10.85 61.60 -32.22
CA LEU H 156 10.31 60.29 -31.88
C LEU H 156 11.30 59.18 -32.22
N GLU H 157 11.93 59.27 -33.40
CA GLU H 157 12.90 58.25 -33.80
C GLU H 157 14.16 58.28 -32.94
N ARG H 158 14.62 59.49 -32.57
CA ARG H 158 15.80 59.61 -31.73
C ARG H 158 15.54 59.08 -30.32
N GLN H 159 14.36 59.35 -29.76
CA GLN H 159 14.04 58.83 -28.44
C GLN H 159 13.85 57.31 -28.47
N ALA H 160 13.25 56.78 -29.54
CA ALA H 160 13.08 55.34 -29.66
C ALA H 160 14.42 54.62 -29.84
N ALA H 161 15.34 55.24 -30.58
CA ALA H 161 16.66 54.64 -30.75
C ALA H 161 17.50 54.79 -29.49
N ALA H 162 17.26 55.84 -28.71
CA ALA H 162 18.02 56.04 -27.49
C ALA H 162 17.58 55.09 -26.38
N VAL H 163 16.27 54.82 -26.28
CA VAL H 163 15.80 53.94 -25.23
C VAL H 163 16.11 52.48 -25.53
N GLY H 164 16.24 52.11 -26.81
CA GLY H 164 16.62 50.77 -27.19
C GLY H 164 15.51 49.86 -27.66
N MET H 165 14.44 50.40 -28.22
CA MET H 165 13.34 49.63 -28.76
C MET H 165 13.05 50.07 -30.19
N VAL H 166 12.51 49.16 -30.98
CA VAL H 166 12.29 49.39 -32.40
C VAL H 166 10.97 50.12 -32.62
N LEU H 167 10.99 51.07 -33.56
CA LEU H 167 9.86 51.90 -33.94
C LEU H 167 9.52 51.64 -35.40
N PRO H 168 8.25 51.38 -35.73
CA PRO H 168 7.85 51.28 -37.14
C PRO H 168 8.10 52.58 -37.89
N ARG H 169 8.61 52.44 -39.12
CA ARG H 169 9.07 53.58 -39.91
C ARG H 169 8.04 54.02 -40.95
N ASP H 170 6.77 53.64 -40.78
CA ASP H 170 5.70 54.07 -41.66
C ASP H 170 4.76 55.05 -40.97
N LEU H 171 5.25 55.75 -39.96
CA LEU H 171 4.40 56.66 -39.20
C LEU H 171 4.18 57.96 -39.96
N VAL H 172 2.92 58.36 -40.08
CA VAL H 172 2.54 59.62 -40.70
C VAL H 172 2.00 60.53 -39.61
N VAL H 173 2.73 61.60 -39.31
CA VAL H 173 2.33 62.57 -38.30
C VAL H 173 1.66 63.72 -39.05
N SER H 174 0.93 64.56 -38.31
CA SER H 174 0.42 65.81 -38.86
C SER H 174 0.32 66.83 -37.73
N PHE H 175 0.49 68.10 -38.09
CA PHE H 175 0.44 69.22 -37.16
C PHE H 175 -0.77 70.07 -37.48
N LYS H 176 -1.69 70.19 -36.52
CA LYS H 176 -2.95 70.89 -36.76
C LYS H 176 -2.89 72.36 -36.37
N GLY H 177 -2.55 72.65 -35.11
CA GLY H 177 -2.75 73.99 -34.61
C GLY H 177 -1.84 74.33 -33.45
N ALA H 178 -1.77 75.64 -33.20
CA ALA H 178 -0.90 76.25 -32.21
C ALA H 178 -1.71 77.23 -31.37
N GLU H 179 -1.32 77.40 -30.11
CA GLU H 179 -2.03 78.35 -29.27
C GLU H 179 -1.21 79.62 -29.04
N ARG H 180 0.03 79.50 -28.62
CA ARG H 180 0.83 80.70 -28.34
C ARG H 180 2.27 80.49 -28.81
N VAL H 181 2.96 81.61 -29.01
CA VAL H 181 4.37 81.62 -29.37
C VAL H 181 5.09 82.51 -28.37
N SER H 182 6.11 81.96 -27.70
CA SER H 182 6.82 82.70 -26.66
C SER H 182 8.31 82.51 -26.86
N SER H 183 9.08 82.93 -25.85
CA SER H 183 10.53 82.83 -25.88
C SER H 183 11.04 82.11 -24.63
N VAL H 184 12.23 81.52 -24.77
CA VAL H 184 12.88 80.78 -23.70
C VAL H 184 14.31 81.30 -23.59
N LYS H 185 14.70 81.65 -22.37
CA LYS H 185 16.08 82.13 -22.09
C LYS H 185 16.78 81.05 -21.24
N LEU H 186 17.89 80.51 -21.73
CA LEU H 186 18.64 79.46 -20.98
C LEU H 186 19.20 80.06 -19.68
N ARG H 187 19.72 81.29 -19.76
CA ARG H 187 20.30 81.97 -18.57
C ARG H 187 19.56 83.29 -18.32
N PRO H 188 19.09 83.56 -17.08
CA PRO H 188 18.41 84.83 -16.77
C PRO H 188 19.28 86.04 -17.07
N ASP H 189 18.62 87.15 -17.42
CA ASP H 189 19.24 88.43 -17.78
C ASP H 189 20.22 88.29 -18.94
N SER H 190 19.77 87.60 -19.99
CA SER H 190 20.55 87.43 -21.21
C SER H 190 19.73 87.92 -22.39
N THR H 191 20.38 88.57 -23.35
CA THR H 191 19.67 89.08 -24.52
C THR H 191 19.24 87.96 -25.45
N LEU H 192 19.98 86.86 -25.49
CA LEU H 192 19.67 85.78 -26.40
C LEU H 192 18.45 84.99 -25.91
N ALA H 193 17.59 84.62 -26.85
CA ALA H 193 16.39 83.84 -26.55
C ALA H 193 16.08 82.92 -27.73
N HIS H 194 15.35 81.86 -27.45
CA HIS H 194 14.92 80.89 -28.45
C HIS H 194 13.41 80.89 -28.53
N GLY H 195 12.87 80.93 -29.75
CA GLY H 195 11.44 80.86 -29.91
C GLY H 195 10.89 79.49 -29.55
N SER H 196 9.73 79.48 -28.91
CA SER H 196 9.12 78.26 -28.42
C SER H 196 7.62 78.31 -28.64
N LEU H 197 7.01 77.14 -28.72
CA LEU H 197 5.60 76.99 -29.03
C LEU H 197 4.87 76.54 -27.77
N ARG H 198 3.73 77.15 -27.49
CA ARG H 198 2.92 76.86 -26.32
C ARG H 198 1.60 76.24 -26.77
N HIS H 199 1.33 75.03 -26.25
CA HIS H 199 0.14 74.22 -26.54
C HIS H 199 0.00 73.92 -28.04
N ALA H 200 0.99 73.22 -28.60
CA ALA H 200 0.85 72.66 -29.94
C ALA H 200 -0.01 71.41 -29.89
N VAL H 201 -0.74 71.16 -30.98
CA VAL H 201 -1.46 69.89 -31.12
C VAL H 201 -0.93 69.17 -32.36
N PHE H 202 -0.72 67.86 -32.22
CA PHE H 202 -0.20 67.01 -33.28
C PHE H 202 -1.11 65.80 -33.42
N GLU H 203 -1.07 65.19 -34.60
CA GLU H 203 -1.90 64.03 -34.92
C GLU H 203 -1.05 62.98 -35.58
N VAL H 204 -0.91 61.83 -34.91
CA VAL H 204 -0.11 60.72 -35.43
C VAL H 204 -0.96 59.46 -35.37
N ASN H 205 -0.85 58.63 -36.42
CA ASN H 205 -1.68 57.43 -36.53
C ASN H 205 -1.32 56.39 -35.47
N ALA H 206 -0.06 56.32 -35.07
CA ALA H 206 0.36 55.37 -34.05
C ALA H 206 -0.02 55.89 -32.66
N ARG H 207 0.08 54.99 -31.68
CA ARG H 207 -0.21 55.31 -30.29
C ARG H 207 1.07 55.13 -29.46
N LEU H 208 1.17 55.90 -28.37
CA LEU H 208 2.32 55.88 -27.49
C LEU H 208 1.86 55.55 -26.08
N GLY H 209 2.70 54.84 -25.33
CA GLY H 209 2.31 54.37 -24.01
C GLY H 209 3.25 54.78 -22.88
N GLY H 210 3.74 56.00 -22.90
CA GLY H 210 4.60 56.48 -21.83
C GLY H 210 5.03 57.92 -21.98
N LEU H 211 6.06 58.32 -21.22
CA LEU H 211 6.62 59.66 -21.37
C LEU H 211 7.41 59.75 -22.66
N TRP H 212 7.06 60.73 -23.50
CA TRP H 212 7.76 60.97 -24.76
C TRP H 212 8.19 62.43 -24.81
N SER H 213 9.43 62.68 -25.20
CA SER H 213 10.01 64.02 -25.25
C SER H 213 10.31 64.40 -26.68
N VAL H 214 9.80 65.56 -27.11
CA VAL H 214 9.98 66.08 -28.44
C VAL H 214 10.61 67.47 -28.36
N GLY H 215 11.12 67.94 -29.50
CA GLY H 215 11.66 69.27 -29.59
C GLY H 215 13.07 69.39 -29.01
N PHE H 216 13.53 70.62 -28.97
CA PHE H 216 14.85 70.95 -28.42
C PHE H 216 14.72 71.34 -26.95
N LEU H 217 15.88 71.42 -26.28
CA LEU H 217 15.94 71.78 -24.84
C LEU H 217 15.10 70.79 -24.02
N LEU H 218 15.17 69.51 -24.38
CA LEU H 218 14.42 68.43 -23.67
C LEU H 218 14.92 68.33 -22.23
N SER H 219 16.23 68.42 -22.02
CA SER H 219 16.86 68.31 -20.68
C SER H 219 16.41 69.45 -19.76
N LYS H 220 16.29 70.67 -20.30
CA LYS H 220 15.92 71.82 -19.50
C LYS H 220 14.49 71.72 -18.98
N GLY H 221 13.72 70.76 -19.47
CA GLY H 221 12.33 70.63 -19.06
C GLY H 221 11.34 71.22 -20.04
N PHE H 222 11.51 70.94 -21.33
CA PHE H 222 10.66 71.49 -22.37
C PHE H 222 10.26 70.40 -23.36
N GLY H 223 9.04 70.47 -23.85
CA GLY H 223 8.58 69.59 -24.92
C GLY H 223 8.37 68.14 -24.55
N HIS H 224 8.01 67.86 -23.30
CA HIS H 224 7.69 66.50 -22.89
C HIS H 224 6.41 66.46 -22.08
N ILE H 225 5.68 65.35 -22.21
CA ILE H 225 4.42 65.11 -21.51
C ILE H 225 4.14 63.62 -21.58
N ASN H 226 3.27 63.14 -20.69
CA ASN H 226 2.88 61.74 -20.70
C ASN H 226 1.74 61.52 -21.68
N THR H 227 1.95 60.59 -22.61
CA THR H 227 0.88 60.19 -23.53
C THR H 227 -0.13 59.27 -22.86
N ASP H 228 0.24 58.67 -21.71
CA ASP H 228 -0.68 57.80 -20.99
C ASP H 228 -1.82 58.59 -20.37
N LEU H 229 -1.55 59.83 -19.94
CA LEU H 229 -2.62 60.67 -19.43
C LEU H 229 -3.47 61.21 -20.56
N GLN H 230 -2.88 61.42 -21.74
CA GLN H 230 -3.59 62.07 -22.83
C GLN H 230 -4.46 61.12 -23.63
N LEU H 231 -4.11 59.84 -23.71
CA LEU H 231 -5.00 58.81 -24.24
C LEU H 231 -5.97 58.43 -23.13
N GLY H 232 -7.27 58.59 -23.39
CA GLY H 232 -8.25 58.47 -22.32
C GLY H 232 -8.10 59.59 -21.32
N GLN H 233 -8.16 60.82 -21.82
CA GLN H 233 -7.85 61.98 -20.99
C GLN H 233 -8.95 62.25 -19.97
N GLY H 234 -8.53 62.48 -18.72
CA GLY H 234 -9.44 62.81 -17.65
C GLY H 234 -8.83 62.67 -16.28
#